data_6FQS
#
_entry.id   6FQS
#
_cell.length_a   94.027
_cell.length_b   94.027
_cell.length_c   420.470
_cell.angle_alpha   90.00
_cell.angle_beta   90.00
_cell.angle_gamma   120.00
#
_symmetry.space_group_name_H-M   'P 61'
#
loop_
_entity.id
_entity.type
_entity.pdbx_description
1 polymer 'DNA gyrase subunit B,DNA gyrase subunit B'
2 polymer 'DNA gyrase subunit A'
3 polymer 'DNA gyrase subunit A'
4 polymer "DNA (5'-D(*GP*AP*GP*AP*GP*TP*AP*T*GP*GP*CP*CP*AP*TP*AP*CP*TP*CP*TP*T)-3')"
5 non-polymer 'MANGANESE (II) ION'
6 non-polymer 'SODIUM ION'
7 non-polymer GLYCEROL
8 non-polymer 'SULFATE ION'
9 non-polymer 5-cyclopropyl-8-fluoranyl-7-pyridin-4-yl-imidazo[1,2-a]quinoxalin-4-one
10 water water
#
loop_
_entity_poly.entity_id
_entity_poly.type
_entity_poly.pdbx_seq_one_letter_code
_entity_poly.pdbx_strand_id
1 'polypeptide(L)'
;MDVASLPGKLADCSSKSPEECEIFLVEGDSAGGSTKSGRDSRTQAILPLRGKILNVEKARLDRILNNNEIRQMITAFGTG
IGGDFDLAKARYHKIVIMTDADVDGAHIRTLLLTFFYRFMRPLIEAGYVYIAQPPTGYKGLGEMNADQLWETTMNPEHRA
LLQVKLEDAIEADQTFEMLMGDVVENRRQFIEDNAVYANLDF
;
B,D
2 'polypeptide(L)'
;AELPQSRINERNITSEMRESFLDYAMSVIVARALPDVRDGLKPVHRRILYGLNEQGMTPDKSYKKSARIVGDVMGKYHPH
GDSSIYEAMVRMAQDFSYRYPLVDGQGNFGSMDGDGAAAMRYTEARMTKITLELLRDINKDTIDFIDNYDGNEREPSVLP
ARFPNLLANGASGIAVGMATNIPPHNLTELINGVLSLSKNPDISIAELMEDIEGPDFPTAGLILGKSGIRRAYETGRGSI
QMRSRAVIEERGGGRQRIVVTEIPFQVNKARMIEKIAELVRDKKIDGITDLRDETSLRTGVRVVIDVRKDANASVILNNL
YKQTPLQTSFGVNMIALVNGRPKLINLKEALVHYLEHQKTVVRRRTQYNLRKAKDRAHILEGLRIALDHIDEIISTIRES
DTDKVAMESLQQRFKLSEKQAQAILDMRLRRLTGLERDKIEAEYNELLNYISELETILADEEVLLQLVRDELTEIRDRFG
DDRRTEIQLG
;
A
3 'polypeptide(L)'
;AELPQSRINERNITSEMRESFLDYAMSVIVARALPDVRDGLKPVHRRILYGLNEQGMTPDKSYKKSARIVGDVMGKYHPH
GDSSIYEAMVRMAQDFSYRYPLVDGQGNFGSMDGDGAAAMR(PTR)TEARMTKITLELLRDINKDTIDFIDNYDGNEREP
SVLPARFPNLLANGASGIAVGMATNIPPHNLTELINGVLSLSKNPDISIAELMEDIEGPDFPTAGLILGKSGIRRAYETG
RGSIQMRSRAVIEERGGGRQRIVVTEIPFQVNKARMIEKIAELVRDKKIDGITDLRDETSLRTGVRVVIDVRKDANASVI
LNNLYKQTPLQTSFGVNMIALVNGRPKLINLKEALVHYLEHQKTVVRRRTQYNLRKAKDRAHILEGLRIALDHIDEIIST
IRESDTDKVAMESLQQRFKLSEKQAQAILDMRLRRLTGLERDKIEAEYNELLNYISELETILADEEVLLQLVRDELTEIR
DRFGDDRRTEIQLG
;
C
4 'polydeoxyribonucleotide' (DG)(DA)(DG)(DA)(DG)(DT)(DA)(DT)(DG)(DG)(DC)(DC)(DA)(DT)(DA)(DC)(DT)(DC)(DT)(DT) E,F
#
loop_
_chem_comp.id
_chem_comp.type
_chem_comp.name
_chem_comp.formula
DA DNA linking 2'-DEOXYADENOSINE-5'-MONOPHOSPHATE 'C10 H14 N5 O6 P'
DC DNA linking 2'-DEOXYCYTIDINE-5'-MONOPHOSPHATE 'C9 H14 N3 O7 P'
DG DNA linking 2'-DEOXYGUANOSINE-5'-MONOPHOSPHATE 'C10 H14 N5 O7 P'
DT DNA linking THYMIDINE-5'-MONOPHOSPHATE 'C10 H15 N2 O8 P'
E3E non-polymer 5-cyclopropyl-8-fluoranyl-7-pyridin-4-yl-imidazo[1,2-a]quinoxalin-4-one 'C18 H13 F N4 O'
GOL non-polymer GLYCEROL 'C3 H8 O3'
MN non-polymer 'MANGANESE (II) ION' 'Mn 2'
NA non-polymer 'SODIUM ION' 'Na 1'
SO4 non-polymer 'SULFATE ION' 'O4 S -2'
#
# COMPACT_ATOMS: atom_id res chain seq x y z
N LYS A 9 4.14 -13.37 23.46
CA LYS A 9 4.39 -11.97 23.17
C LYS A 9 4.48 -11.16 24.47
N LEU A 10 4.15 -11.79 25.59
CA LEU A 10 4.30 -11.16 26.90
C LEU A 10 5.75 -10.84 27.17
N ALA A 11 5.99 -9.65 27.70
CA ALA A 11 7.32 -9.21 28.12
C ALA A 11 7.26 -9.00 29.62
N ASP A 12 8.23 -9.53 30.37
CA ASP A 12 8.16 -9.39 31.82
C ASP A 12 9.43 -8.81 32.42
N CYS A 13 9.23 -8.05 33.50
CA CYS A 13 10.27 -7.34 34.23
C CYS A 13 11.21 -8.29 34.98
N SER A 14 12.41 -7.76 35.26
CA SER A 14 13.44 -8.49 36.02
C SER A 14 12.99 -8.81 37.43
N SER A 15 12.15 -7.95 38.01
CA SER A 15 11.69 -8.07 39.38
C SER A 15 10.57 -9.10 39.48
N LYS A 16 10.59 -9.89 40.56
CA LYS A 16 9.49 -10.80 40.87
C LYS A 16 8.60 -10.26 41.98
N SER A 17 8.87 -9.04 42.46
CA SER A 17 8.12 -8.36 43.50
C SER A 17 6.90 -7.62 42.94
N PRO A 18 5.71 -8.21 43.10
CA PRO A 18 4.47 -7.67 42.51
C PRO A 18 4.10 -6.26 42.95
N GLU A 19 4.78 -5.72 43.96
CA GLU A 19 4.47 -4.43 44.55
C GLU A 19 4.96 -3.27 43.69
N GLU A 20 6.07 -3.47 42.99
CA GLU A 20 6.69 -2.46 42.16
C GLU A 20 6.54 -2.76 40.68
N CYS A 21 5.78 -3.80 40.32
CA CYS A 21 5.64 -4.21 38.93
C CYS A 21 4.30 -3.76 38.35
N GLU A 22 4.33 -3.41 37.06
CA GLU A 22 3.20 -2.87 36.31
C GLU A 22 3.11 -3.62 34.99
N ILE A 23 1.89 -3.95 34.55
CA ILE A 23 1.68 -4.58 33.24
C ILE A 23 0.81 -3.67 32.38
N PHE A 24 1.25 -3.46 31.14
CA PHE A 24 0.57 -2.59 30.21
C PHE A 24 -0.21 -3.40 29.19
N LEU A 25 -1.46 -3.05 29.01
CA LEU A 25 -2.31 -3.66 28.00
C LEU A 25 -2.38 -2.69 26.85
N VAL A 26 -1.83 -3.10 25.71
CA VAL A 26 -1.73 -2.19 24.58
C VAL A 26 -2.58 -2.73 23.45
N GLU A 27 -3.19 -1.82 22.74
CA GLU A 27 -3.91 -2.16 21.52
C GLU A 27 -2.91 -2.02 20.36
N GLY A 28 -2.56 -3.15 19.77
N GLY A 28 -2.59 -3.16 19.73
CA GLY A 28 -1.59 -3.12 18.70
CA GLY A 28 -1.69 -3.26 18.61
C GLY A 28 -0.31 -3.78 19.18
C GLY A 28 -0.43 -4.08 18.80
N ASP A 29 0.00 -4.94 18.63
N ASP A 29 0.10 -4.75 17.82
CA ASP A 29 1.19 -5.65 19.11
CA ASP A 29 1.36 -5.44 18.07
C ASP A 29 2.43 -4.81 18.94
C ASP A 29 2.53 -4.62 17.55
N SER A 30 2.59 -4.18 17.80
N SER A 30 3.52 -4.41 18.40
CA SER A 30 3.79 -3.39 17.66
CA SER A 30 4.71 -3.71 18.07
C SER A 30 3.57 -1.95 18.04
C SER A 30 4.37 -2.29 18.36
N ALA A 31 2.35 -1.59 18.42
N ALA A 31 3.12 -2.05 18.77
CA ALA A 31 2.17 -0.41 19.26
CA ALA A 31 2.66 -0.75 19.24
C ALA A 31 2.88 -0.57 20.62
C ALA A 31 2.90 -0.60 20.69
N GLY A 32 2.63 -1.70 21.34
CA GLY A 32 3.40 -2.17 22.46
C GLY A 32 4.73 -2.77 22.09
N GLY A 33 4.96 -3.16 20.85
CA GLY A 33 6.26 -3.69 20.53
C GLY A 33 7.32 -2.62 20.53
N SER A 34 6.96 -1.38 20.15
CA SER A 34 7.84 -0.23 20.31
C SER A 34 8.24 -0.10 21.78
N THR A 35 7.25 0.19 22.62
CA THR A 35 7.40 0.39 24.06
C THR A 35 8.51 -0.41 24.70
N LYS A 36 8.65 -1.68 24.28
CA LYS A 36 9.62 -2.56 24.91
C LYS A 36 11.03 -1.99 24.85
N SER A 37 11.45 -1.51 23.68
CA SER A 37 12.73 -0.82 23.59
C SER A 37 12.77 0.38 24.53
N GLY A 38 11.63 1.06 24.67
CA GLY A 38 11.52 2.26 25.47
C GLY A 38 11.22 2.03 26.94
N ARG A 39 10.35 1.06 27.24
CA ARG A 39 9.89 0.79 28.59
C ARG A 39 11.05 0.43 29.51
N ASP A 40 10.94 0.83 30.77
CA ASP A 40 11.86 0.34 31.77
C ASP A 40 11.61 -1.14 31.97
N SER A 41 12.57 -1.97 31.59
CA SER A 41 12.41 -3.41 31.67
C SER A 41 12.58 -3.91 33.09
N ARG A 42 12.89 -3.01 34.03
CA ARG A 42 13.09 -3.44 35.40
C ARG A 42 11.76 -3.67 36.08
N THR A 43 10.80 -2.75 35.89
CA THR A 43 9.50 -2.86 36.54
C THR A 43 8.33 -2.95 35.57
N GLN A 44 8.52 -3.12 34.27
CA GLN A 44 7.37 -3.00 33.37
C GLN A 44 7.21 -4.18 32.43
N ALA A 45 6.01 -4.75 32.35
CA ALA A 45 5.65 -5.81 31.43
C ALA A 45 4.70 -5.30 30.35
N ILE A 46 4.64 -5.99 29.20
CA ILE A 46 3.77 -5.57 28.09
C ILE A 46 2.93 -6.74 27.56
N LEU A 47 1.60 -6.57 27.53
CA LEU A 47 0.66 -7.54 26.95
C LEU A 47 -0.11 -6.93 25.80
N PRO A 48 0.34 -7.16 24.57
CA PRO A 48 -0.36 -6.63 23.39
C PRO A 48 -1.63 -7.40 23.12
N LEU A 49 -2.65 -6.66 22.74
CA LEU A 49 -3.92 -7.23 22.35
C LEU A 49 -4.02 -7.26 20.83
N ARG A 50 -4.38 -8.42 20.29
CA ARG A 50 -4.39 -8.54 18.83
C ARG A 50 -5.55 -7.77 18.21
N GLY A 51 -6.76 -7.94 18.70
CA GLY A 51 -7.90 -7.29 18.11
C GLY A 51 -8.97 -7.03 19.11
N LYS A 52 -10.19 -6.88 18.63
CA LYS A 52 -11.31 -6.74 19.55
C LYS A 52 -11.39 -7.94 20.47
N ILE A 53 -11.61 -7.67 21.76
CA ILE A 53 -11.55 -8.69 22.79
C ILE A 53 -12.93 -9.30 22.96
N LEU A 54 -13.00 -10.63 23.04
CA LEU A 54 -14.27 -11.29 23.35
C LEU A 54 -15.06 -10.48 24.38
N ASN A 55 -16.34 -10.21 24.07
CA ASN A 55 -17.28 -9.55 24.99
C ASN A 55 -17.82 -10.61 25.95
N VAL A 56 -17.28 -10.66 27.17
CA VAL A 56 -17.62 -11.78 28.04
C VAL A 56 -19.06 -11.71 28.53
N GLU A 57 -19.67 -10.52 28.54
CA GLU A 57 -21.05 -10.41 28.99
C GLU A 57 -22.01 -11.18 28.09
N LYS A 58 -21.62 -11.40 26.82
CA LYS A 58 -22.44 -12.08 25.82
C LYS A 58 -22.04 -13.54 25.60
N ALA A 59 -20.97 -14.00 26.23
CA ALA A 59 -20.41 -15.31 25.95
C ALA A 59 -20.57 -16.23 27.15
N ARG A 60 -20.76 -17.51 26.87
CA ARG A 60 -20.80 -18.52 27.92
C ARG A 60 -19.38 -18.95 28.32
N LEU A 61 -19.27 -19.54 29.53
CA LEU A 61 -17.96 -19.82 30.13
C LEU A 61 -17.05 -20.68 29.25
N ASP A 62 -17.58 -21.73 28.62
CA ASP A 62 -16.69 -22.60 27.84
C ASP A 62 -16.00 -21.78 26.76
N ARG A 63 -16.74 -20.89 26.10
CA ARG A 63 -16.17 -20.03 25.07
C ARG A 63 -15.17 -19.03 25.65
N ILE A 64 -15.48 -18.43 26.80
CA ILE A 64 -14.54 -17.49 27.45
C ILE A 64 -13.22 -18.20 27.76
N LEU A 65 -13.31 -19.32 28.47
CA LEU A 65 -12.09 -20.06 28.84
C LEU A 65 -11.31 -20.48 27.62
N ASN A 66 -12.01 -20.94 26.58
CA ASN A 66 -11.35 -21.44 25.38
C ASN A 66 -10.62 -20.33 24.63
N ASN A 67 -11.13 -19.11 24.70
CA ASN A 67 -10.53 -18.00 23.94
C ASN A 67 -9.08 -17.76 24.31
N ASN A 68 -8.21 -17.68 23.29
CA ASN A 68 -6.77 -17.52 23.51
C ASN A 68 -6.44 -16.19 24.17
N GLU A 69 -7.05 -15.11 23.69
CA GLU A 69 -6.70 -13.81 24.24
C GLU A 69 -6.99 -13.74 25.71
N ILE A 70 -8.15 -14.24 26.11
CA ILE A 70 -8.53 -14.22 27.52
C ILE A 70 -7.56 -15.06 28.33
N ARG A 71 -7.21 -16.23 27.82
CA ARG A 71 -6.33 -17.11 28.58
C ARG A 71 -5.01 -16.44 28.89
N GLN A 72 -4.45 -15.72 27.92
CA GLN A 72 -3.17 -15.04 28.15
C GLN A 72 -3.27 -14.06 29.29
N MET A 73 -4.35 -13.28 29.32
CA MET A 73 -4.51 -12.29 30.38
C MET A 73 -4.63 -12.96 31.74
N ILE A 74 -5.46 -13.99 31.82
CA ILE A 74 -5.61 -14.73 33.06
C ILE A 74 -4.27 -15.25 33.51
N THR A 75 -3.55 -15.89 32.60
CA THR A 75 -2.24 -16.43 32.91
C THR A 75 -1.32 -15.33 33.40
N ALA A 76 -1.32 -14.19 32.70
CA ALA A 76 -0.39 -13.13 33.06
C ALA A 76 -0.69 -12.60 34.46
N PHE A 77 -1.95 -12.37 34.77
CA PHE A 77 -2.27 -11.87 36.11
C PHE A 77 -2.01 -12.93 37.16
N GLY A 78 -2.37 -14.18 36.88
CA GLY A 78 -2.08 -15.31 37.74
C GLY A 78 -3.00 -15.48 38.92
N THR A 79 -4.00 -14.61 39.09
CA THR A 79 -4.91 -14.73 40.23
C THR A 79 -5.96 -15.81 40.06
N GLY A 80 -6.20 -16.27 38.84
CA GLY A 80 -7.30 -17.19 38.58
C GLY A 80 -8.58 -16.41 38.37
N ILE A 81 -9.69 -17.13 38.21
CA ILE A 81 -10.95 -16.44 37.94
C ILE A 81 -12.07 -16.94 38.84
N GLY A 82 -13.03 -16.04 39.06
CA GLY A 82 -14.25 -16.40 39.77
C GLY A 82 -14.01 -16.82 41.21
N GLY A 83 -14.53 -18.01 41.55
CA GLY A 83 -14.43 -18.48 42.92
C GLY A 83 -12.99 -18.73 43.37
N ASP A 84 -12.16 -19.23 42.46
CA ASP A 84 -10.77 -19.55 42.76
C ASP A 84 -9.85 -18.36 42.65
N PHE A 85 -10.39 -17.21 42.29
CA PHE A 85 -9.58 -15.99 42.22
C PHE A 85 -8.93 -15.75 43.56
N ASP A 86 -7.63 -15.46 43.55
CA ASP A 86 -6.90 -15.14 44.76
C ASP A 86 -6.19 -13.82 44.55
N LEU A 87 -6.50 -12.83 45.37
CA LEU A 87 -5.88 -11.51 45.24
C LEU A 87 -4.39 -11.57 45.51
N ALA A 88 -4.02 -12.07 46.68
CA ALA A 88 -2.65 -12.17 47.15
C ALA A 88 -1.69 -12.78 46.12
N LYS A 89 -2.23 -13.36 45.04
CA LYS A 89 -1.42 -13.98 44.00
C LYS A 89 -1.22 -13.10 42.77
N ALA A 90 -1.74 -11.87 42.77
CA ALA A 90 -1.58 -10.94 41.66
C ALA A 90 -0.10 -10.70 41.36
N ARG A 91 0.28 -10.81 40.08
CA ARG A 91 1.70 -10.64 39.77
C ARG A 91 2.09 -9.18 39.61
N TYR A 92 1.15 -8.29 39.37
CA TYR A 92 1.40 -6.88 39.17
C TYR A 92 0.39 -6.11 40.02
N HIS A 93 0.82 -5.07 40.71
CA HIS A 93 -0.14 -4.26 41.46
C HIS A 93 -0.61 -3.06 40.66
N LYS A 94 -0.13 -2.89 39.43
CA LYS A 94 -0.72 -1.96 38.47
C LYS A 94 -0.95 -2.67 37.15
N ILE A 95 -2.21 -2.65 36.71
CA ILE A 95 -2.64 -3.13 35.41
C ILE A 95 -3.14 -1.92 34.66
N VAL A 96 -2.52 -1.62 33.52
CA VAL A 96 -2.85 -0.41 32.79
C VAL A 96 -3.43 -0.76 31.43
N ILE A 97 -4.54 -0.11 31.10
CA ILE A 97 -5.20 -0.27 29.82
C ILE A 97 -4.67 0.81 28.88
N MET A 98 -3.82 0.44 27.94
CA MET A 98 -3.27 1.40 26.98
C MET A 98 -3.93 1.13 25.64
N THR A 99 -4.79 2.05 25.20
CA THR A 99 -5.50 1.85 23.97
C THR A 99 -5.21 3.02 23.04
N ASP A 100 -5.56 2.86 21.77
CA ASP A 100 -5.58 4.03 20.94
C ASP A 100 -6.59 5.05 21.49
N ALA A 101 -6.21 6.31 21.34
CA ALA A 101 -7.09 7.40 21.74
C ALA A 101 -8.14 7.66 20.68
N ASP A 102 -8.88 6.63 20.27
CA ASP A 102 -9.93 6.77 19.24
C ASP A 102 -11.07 5.81 19.60
N VAL A 103 -12.11 5.79 18.77
CA VAL A 103 -13.34 5.12 19.19
C VAL A 103 -13.17 3.62 19.23
N ASP A 104 -12.39 3.05 18.33
CA ASP A 104 -12.17 1.61 18.46
C ASP A 104 -11.41 1.31 19.73
N GLY A 105 -10.51 2.21 20.11
CA GLY A 105 -9.85 2.09 21.38
C GLY A 105 -10.83 2.23 22.53
N ALA A 106 -11.78 3.15 22.41
CA ALA A 106 -12.79 3.29 23.44
C ALA A 106 -13.63 2.03 23.55
N HIS A 107 -14.03 1.49 22.40
CA HIS A 107 -14.80 0.26 22.37
C HIS A 107 -14.06 -0.87 23.03
N ILE A 108 -12.76 -1.01 22.70
CA ILE A 108 -11.93 -2.05 23.31
C ILE A 108 -11.91 -1.87 24.80
N ARG A 109 -11.80 -0.62 25.24
CA ARG A 109 -11.74 -0.33 26.66
C ARG A 109 -12.96 -0.87 27.37
N THR A 110 -14.15 -0.69 26.79
CA THR A 110 -15.35 -1.21 27.44
C THR A 110 -15.32 -2.73 27.50
N LEU A 111 -14.78 -3.37 26.46
CA LEU A 111 -14.71 -4.83 26.48
C LEU A 111 -13.86 -5.31 27.65
N LEU A 112 -12.69 -4.70 27.84
CA LEU A 112 -11.81 -5.10 28.93
C LEU A 112 -12.45 -4.87 30.27
N LEU A 113 -12.91 -3.64 30.51
CA LEU A 113 -13.61 -3.32 31.74
C LEU A 113 -14.73 -4.30 32.02
N THR A 114 -15.35 -4.82 30.97
CA THR A 114 -16.35 -5.86 31.14
C THR A 114 -15.71 -7.14 31.64
N PHE A 115 -14.58 -7.53 31.04
CA PHE A 115 -13.89 -8.74 31.50
C PHE A 115 -13.52 -8.63 32.96
N PHE A 116 -12.86 -7.53 33.33
CA PHE A 116 -12.50 -7.33 34.74
C PHE A 116 -13.73 -7.38 35.64
N TYR A 117 -14.72 -6.56 35.35
CA TYR A 117 -15.86 -6.45 36.27
C TYR A 117 -16.58 -7.79 36.43
N ARG A 118 -16.60 -8.63 35.41
CA ARG A 118 -17.32 -9.90 35.56
C ARG A 118 -16.43 -11.03 36.09
N PHE A 119 -15.15 -11.02 35.80
CA PHE A 119 -14.35 -12.19 36.15
C PHE A 119 -13.28 -11.94 37.20
N MET A 120 -12.96 -10.70 37.48
CA MET A 120 -11.90 -10.36 38.43
C MET A 120 -12.26 -9.10 39.18
N ARG A 121 -13.52 -9.02 39.63
CA ARG A 121 -13.99 -7.86 40.37
C ARG A 121 -13.07 -7.46 41.51
N PRO A 122 -12.56 -8.39 42.33
CA PRO A 122 -11.60 -8.01 43.39
C PRO A 122 -10.45 -7.13 42.95
N LEU A 123 -9.88 -7.41 41.78
CA LEU A 123 -8.78 -6.61 41.25
C LEU A 123 -9.18 -5.15 41.12
N ILE A 124 -10.39 -4.89 40.62
CA ILE A 124 -10.85 -3.51 40.49
C ILE A 124 -10.97 -2.87 41.86
N GLU A 125 -11.53 -3.61 42.81
CA GLU A 125 -11.81 -3.04 44.13
C GLU A 125 -10.52 -2.68 44.84
N ALA A 126 -9.46 -3.46 44.63
CA ALA A 126 -8.17 -3.14 45.24
C ALA A 126 -7.65 -1.80 44.76
N GLY A 127 -7.87 -1.49 43.49
CA GLY A 127 -7.37 -0.26 42.91
C GLY A 127 -6.15 -0.61 42.09
N TYR A 128 -6.10 -1.87 41.65
CA TYR A 128 -5.00 -2.33 40.84
C TYR A 128 -5.18 -2.02 39.36
N VAL A 129 -6.38 -1.60 38.92
CA VAL A 129 -6.65 -1.36 37.50
C VAL A 129 -6.53 0.12 37.19
N TYR A 130 -5.77 0.45 36.14
CA TYR A 130 -5.55 1.83 35.73
C TYR A 130 -5.78 1.99 34.24
N ILE A 131 -6.06 3.23 33.83
CA ILE A 131 -6.28 3.59 32.43
C ILE A 131 -5.20 4.57 31.98
N ALA A 132 -4.32 4.13 31.10
CA ALA A 132 -3.26 4.99 30.61
C ALA A 132 -3.84 6.10 29.74
N GLN A 133 -3.13 7.23 29.69
CA GLN A 133 -3.59 8.36 28.88
C GLN A 133 -2.44 9.01 28.14
N PRO A 134 -2.28 8.68 26.87
CA PRO A 134 -1.26 9.26 26.05
C PRO A 134 -1.69 10.60 25.47
N PRO A 135 -0.73 11.27 24.75
CA PRO A 135 -0.95 12.57 24.10
C PRO A 135 -2.35 12.90 23.62
N THR A 136 -2.87 14.05 24.04
CA THR A 136 -4.23 14.50 23.71
C THR A 136 -4.57 14.33 22.23
N TYR A 138 -4.79 12.69 16.79
CA TYR A 138 -5.23 11.90 15.64
C TYR A 138 -4.32 10.70 15.42
N LYS A 139 -3.17 10.68 16.09
CA LYS A 139 -2.24 9.57 15.98
C LYS A 139 -2.30 8.74 17.26
N GLY A 140 -2.80 7.52 17.14
CA GLY A 140 -2.85 6.59 18.25
C GLY A 140 -1.56 5.82 18.38
N LEU A 141 -1.58 4.82 19.26
CA LEU A 141 -0.40 3.97 19.37
C LEU A 141 -0.16 3.30 18.03
N GLY A 142 1.07 3.40 17.56
CA GLY A 142 1.34 3.19 16.15
C GLY A 142 2.55 3.98 15.71
N GLU A 143 2.38 4.86 14.74
CA GLU A 143 3.48 5.60 14.14
C GLU A 143 4.05 6.55 15.18
N MET A 144 4.78 6.00 16.15
CA MET A 144 5.27 6.80 17.25
C MET A 144 6.47 6.12 17.89
N ASN A 145 7.54 6.89 18.01
CA ASN A 145 8.81 6.37 18.49
C ASN A 145 8.67 5.73 19.86
N ALA A 146 9.40 4.63 20.04
CA ALA A 146 9.36 3.91 21.31
C ALA A 146 9.85 4.79 22.46
N ASP A 147 10.91 5.57 22.23
CA ASP A 147 11.35 6.53 23.24
C ASP A 147 10.27 7.55 23.53
N GLN A 148 9.61 8.05 22.49
CA GLN A 148 8.49 8.98 22.67
C GLN A 148 7.37 8.33 23.46
N LEU A 149 7.04 7.07 23.14
CA LEU A 149 5.99 6.36 23.85
C LEU A 149 6.33 6.24 25.33
N TRP A 150 7.58 5.89 25.62
CA TRP A 150 8.02 5.77 26.99
C TRP A 150 7.92 7.10 27.74
N GLU A 151 8.29 8.18 27.07
CA GLU A 151 8.33 9.48 27.71
C GLU A 151 6.95 10.02 28.04
N THR A 152 5.99 9.88 27.12
CA THR A 152 4.66 10.48 27.33
C THR A 152 3.88 9.78 28.43
N THR A 153 3.84 8.45 28.40
CA THR A 153 3.05 7.73 29.41
C THR A 153 3.75 6.57 30.09
N MET A 154 4.93 6.15 29.65
CA MET A 154 5.55 4.99 30.29
C MET A 154 6.26 5.37 31.58
N ASN A 155 6.89 6.55 31.62
CA ASN A 155 7.75 6.90 32.77
C ASN A 155 6.93 7.41 33.94
N PRO A 156 7.19 6.88 35.15
CA PRO A 156 6.52 7.32 36.39
C PRO A 156 6.69 8.80 36.73
N GLU A 157 7.67 9.47 36.15
CA GLU A 157 7.99 10.84 36.53
C GLU A 157 7.21 11.89 35.75
N HIS A 158 6.50 11.53 34.67
CA HIS A 158 5.73 12.49 33.89
C HIS A 158 4.29 12.04 33.58
N ARG A 159 4.02 10.73 33.65
CA ARG A 159 2.77 10.12 33.14
C ARG A 159 1.55 10.44 34.00
N ALA A 160 0.36 10.40 33.38
CA ALA A 160 -0.92 10.70 34.03
C ALA A 160 -1.93 9.55 33.87
N LEU A 161 -1.78 8.50 34.66
CA LEU A 161 -2.73 7.40 34.66
C LEU A 161 -3.95 7.73 35.51
N LEU A 162 -5.03 6.98 35.28
CA LEU A 162 -6.27 7.14 36.00
C LEU A 162 -6.66 5.83 36.67
N GLN A 163 -7.05 5.91 37.93
CA GLN A 163 -7.42 4.73 38.68
C GLN A 163 -8.91 4.45 38.52
N VAL A 164 -9.25 3.19 38.19
CA VAL A 164 -10.66 2.85 37.96
C VAL A 164 -11.33 2.58 39.30
N LYS A 165 -12.24 3.47 39.70
CA LYS A 165 -13.04 3.28 40.89
C LYS A 165 -14.40 2.68 40.58
N LEU A 166 -14.87 1.84 41.47
CA LEU A 166 -16.23 1.25 41.47
C LEU A 166 -17.15 1.83 42.52
N GLU A 167 -18.24 2.57 42.10
CA GLU A 167 -18.82 3.13 43.30
C GLU A 167 -20.03 2.44 43.94
N ASP A 168 -20.91 2.10 43.08
CA ASP A 168 -22.17 1.45 43.35
C ASP A 168 -22.25 0.16 42.54
N ALA A 169 -22.25 -0.99 43.22
CA ALA A 169 -22.21 -2.28 42.51
C ALA A 169 -23.53 -2.64 41.85
N ILE A 170 -24.67 -2.24 42.44
CA ILE A 170 -25.96 -2.44 41.78
C ILE A 170 -26.01 -1.65 40.47
N GLU A 171 -25.55 -0.39 40.50
CA GLU A 171 -25.51 0.45 39.29
C GLU A 171 -24.59 -0.15 38.23
N ALA A 172 -23.43 -0.66 38.63
CA ALA A 172 -22.49 -1.23 37.65
C ALA A 172 -23.08 -2.47 36.99
N ASP A 173 -23.64 -3.39 37.78
CA ASP A 173 -24.32 -4.57 37.26
C ASP A 173 -25.33 -4.23 36.18
N GLN A 174 -26.20 -3.26 36.47
CA GLN A 174 -27.20 -2.81 35.51
C GLN A 174 -26.54 -2.23 34.27
N THR A 175 -25.60 -1.32 34.47
CA THR A 175 -24.95 -0.65 33.35
C THR A 175 -24.23 -1.64 32.46
N PHE A 176 -23.47 -2.56 33.04
CA PHE A 176 -22.78 -3.55 32.23
C PHE A 176 -23.78 -4.39 31.47
N GLU A 177 -24.83 -4.82 32.16
CA GLU A 177 -25.86 -5.63 31.51
C GLU A 177 -26.57 -4.84 30.42
N MET A 178 -26.87 -3.57 30.69
CA MET A 178 -27.58 -2.75 29.71
C MET A 178 -26.74 -2.53 28.47
N LEU A 179 -25.47 -2.17 28.65
CA LEU A 179 -24.61 -1.82 27.51
C LEU A 179 -24.01 -3.04 26.82
N MET A 180 -23.59 -4.06 27.56
CA MET A 180 -22.92 -5.20 26.95
C MET A 180 -23.81 -6.44 26.82
N GLY A 181 -25.08 -6.35 27.21
CA GLY A 181 -25.95 -7.52 27.21
C GLY A 181 -26.38 -7.95 25.81
N ASP A 182 -26.97 -9.13 25.72
CA ASP A 182 -27.33 -9.61 24.38
C ASP A 182 -28.65 -9.04 23.92
N VAL A 183 -29.35 -8.31 24.78
CA VAL A 183 -30.57 -7.63 24.39
C VAL A 183 -30.21 -6.31 23.72
N VAL A 184 -30.52 -6.21 22.44
CA VAL A 184 -30.12 -5.06 21.63
C VAL A 184 -30.99 -3.85 21.96
N GLU A 185 -32.28 -4.09 22.21
CA GLU A 185 -33.26 -3.01 22.42
C GLU A 185 -32.87 -2.06 23.53
N ASN A 186 -32.36 -2.60 24.65
CA ASN A 186 -31.99 -1.73 25.76
C ASN A 186 -30.87 -0.81 25.37
N ARG A 187 -29.90 -1.37 24.68
CA ARG A 187 -28.75 -0.63 24.19
C ARG A 187 -29.17 0.41 23.17
N ARG A 188 -30.08 0.07 22.26
CA ARG A 188 -30.54 1.07 21.33
C ARG A 188 -31.29 2.17 22.06
N GLN A 189 -32.17 1.78 22.97
CA GLN A 189 -32.93 2.75 23.74
C GLN A 189 -32.00 3.71 24.46
N PHE A 190 -30.93 3.18 25.07
CA PHE A 190 -29.99 4.03 25.78
C PHE A 190 -29.34 5.01 24.83
N ILE A 191 -28.95 4.53 23.65
CA ILE A 191 -28.32 5.40 22.66
C ILE A 191 -29.24 6.54 22.27
N GLU A 192 -30.50 6.21 21.99
CA GLU A 192 -31.44 7.25 21.58
C GLU A 192 -31.58 8.32 22.64
N ASP A 193 -31.64 7.91 23.90
CA ASP A 193 -31.82 8.85 25.01
C ASP A 193 -30.60 9.74 25.22
N ASN A 194 -29.40 9.20 25.03
CA ASN A 194 -28.21 9.94 25.42
C ASN A 194 -27.40 10.49 24.26
N ALA A 195 -27.54 9.97 23.06
CA ALA A 195 -26.72 10.49 21.98
C ALA A 195 -27.08 11.94 21.71
N VAL A 196 -26.05 12.76 21.60
CA VAL A 196 -26.16 14.17 21.24
C VAL A 196 -25.33 14.36 19.98
N TYR A 197 -25.91 14.95 18.96
CA TYR A 197 -25.22 15.13 17.69
C TYR A 197 -24.87 16.59 17.50
N ALA A 198 -23.57 16.87 17.39
CA ALA A 198 -23.07 18.23 17.21
C ALA A 198 -21.63 18.20 16.71
N ASN B 9 -7.26 11.80 38.64
CA ASN B 9 -7.18 11.11 39.92
C ASN B 9 -7.82 9.72 39.86
N GLU B 10 -9.14 9.66 39.71
CA GLU B 10 -9.87 8.39 39.66
C GLU B 10 -10.96 8.46 38.59
N ARG B 11 -11.32 7.31 38.03
CA ARG B 11 -12.31 7.23 36.95
C ARG B 11 -13.43 6.24 37.31
N ASN B 12 -14.55 6.73 37.85
CA ASN B 12 -15.66 5.84 38.23
C ASN B 12 -16.01 4.89 37.10
N ILE B 13 -16.12 3.59 37.41
CA ILE B 13 -16.23 2.61 36.33
C ILE B 13 -17.53 2.80 35.55
N THR B 14 -18.65 2.95 36.25
CA THR B 14 -19.93 3.15 35.54
C THR B 14 -19.89 4.36 34.60
N SER B 15 -19.20 5.43 35.00
CA SER B 15 -19.07 6.60 34.12
C SER B 15 -18.24 6.28 32.90
N GLU B 16 -17.09 5.63 33.12
CA GLU B 16 -16.24 5.24 32.01
C GLU B 16 -16.98 4.39 30.99
N MET B 17 -17.81 3.47 31.47
CA MET B 17 -18.55 2.60 30.56
C MET B 17 -19.54 3.38 29.70
N ARG B 18 -20.37 4.23 30.33
CA ARG B 18 -21.42 4.92 29.59
C ARG B 18 -20.84 5.92 28.59
N GLU B 19 -19.77 6.60 28.97
CA GLU B 19 -19.15 7.57 28.06
C GLU B 19 -18.41 6.87 26.93
N SER B 20 -17.70 5.78 27.24
CA SER B 20 -16.88 5.12 26.24
C SER B 20 -17.72 4.36 25.23
N PHE B 21 -18.86 3.81 25.65
CA PHE B 21 -19.72 3.09 24.74
C PHE B 21 -20.39 4.01 23.74
N LEU B 22 -20.85 5.17 24.21
CA LEU B 22 -21.58 6.10 23.36
C LEU B 22 -20.70 6.60 22.22
N ASP B 23 -19.43 6.87 22.51
CA ASP B 23 -18.54 7.30 21.44
C ASP B 23 -18.48 6.25 20.35
N TYR B 24 -18.26 4.99 20.74
CA TYR B 24 -18.20 3.93 19.75
C TYR B 24 -19.56 3.74 19.08
N ALA B 25 -20.63 3.73 19.86
CA ALA B 25 -21.96 3.49 19.31
C ALA B 25 -22.34 4.59 18.34
N MET B 26 -22.22 5.85 18.74
CA MET B 26 -22.51 6.97 17.85
C MET B 26 -21.57 6.99 16.66
N SER B 27 -20.29 6.72 16.90
CA SER B 27 -19.35 6.71 15.79
C SER B 27 -19.65 5.57 14.83
N VAL B 28 -19.96 4.38 15.33
CA VAL B 28 -20.30 3.32 14.38
C VAL B 28 -21.58 3.67 13.64
N ILE B 29 -22.54 4.29 14.35
CA ILE B 29 -23.85 4.64 13.78
C ILE B 29 -23.73 5.73 12.73
N VAL B 30 -23.06 6.85 13.06
CA VAL B 30 -23.03 7.99 12.14
C VAL B 30 -21.77 8.04 11.27
N ALA B 31 -20.77 7.19 11.51
CA ALA B 31 -19.51 7.37 10.79
C ALA B 31 -18.89 6.06 10.37
N ARG B 32 -19.71 5.02 10.15
CA ARG B 32 -19.17 3.73 9.70
C ARG B 32 -20.20 2.87 8.98
N ALA B 33 -21.27 2.50 9.66
CA ALA B 33 -22.05 1.32 9.30
C ALA B 33 -23.35 1.63 8.58
N LEU B 34 -23.75 2.89 8.54
CA LEU B 34 -25.04 3.25 7.96
C LEU B 34 -24.86 4.21 6.80
N PRO B 35 -25.67 4.06 5.74
CA PRO B 35 -25.58 4.96 4.57
C PRO B 35 -26.29 6.28 4.82
N ASP B 36 -25.83 7.33 4.12
CA ASP B 36 -26.57 8.61 4.11
C ASP B 36 -27.75 8.47 3.14
N VAL B 37 -28.93 8.94 3.55
CA VAL B 37 -30.11 8.78 2.72
C VAL B 37 -29.95 9.51 1.40
N ARG B 38 -29.06 10.49 1.33
CA ARG B 38 -28.98 11.33 0.15
C ARG B 38 -28.16 10.70 -0.97
N ASP B 39 -26.97 10.21 -0.67
CA ASP B 39 -26.16 9.60 -1.72
C ASP B 39 -26.05 8.08 -1.59
N GLY B 40 -26.61 7.51 -0.54
CA GLY B 40 -26.60 6.07 -0.32
C GLY B 40 -25.28 5.48 0.10
N LEU B 41 -24.33 6.31 0.51
CA LEU B 41 -22.99 5.84 0.79
C LEU B 41 -22.69 5.90 2.28
N LYS B 42 -21.87 4.97 2.72
CA LYS B 42 -21.20 5.04 4.01
C LYS B 42 -19.85 5.72 3.83
N PRO B 43 -19.27 6.28 4.89
CA PRO B 43 -18.00 7.01 4.72
C PRO B 43 -16.93 6.25 3.93
N VAL B 44 -16.66 4.96 4.14
CA VAL B 44 -15.55 4.35 3.40
C VAL B 44 -15.80 4.39 1.90
N HIS B 45 -17.05 4.12 1.47
CA HIS B 45 -17.40 4.13 0.06
C HIS B 45 -17.27 5.52 -0.53
N ARG B 46 -17.82 6.51 0.17
CA ARG B 46 -17.75 7.89 -0.27
C ARG B 46 -16.31 8.36 -0.43
N ARG B 47 -15.45 8.01 0.52
CA ARG B 47 -14.05 8.42 0.45
C ARG B 47 -13.31 7.72 -0.66
N ILE B 48 -13.67 6.48 -0.98
CA ILE B 48 -13.05 5.79 -2.11
C ILE B 48 -13.38 6.51 -3.41
N LEU B 49 -14.67 6.78 -3.62
CA LEU B 49 -15.10 7.40 -4.88
C LEU B 49 -14.57 8.83 -4.99
N TYR B 50 -14.71 9.61 -3.93
CA TYR B 50 -14.13 10.96 -3.95
C TYR B 50 -12.64 10.90 -4.22
N GLY B 51 -11.96 9.91 -3.66
CA GLY B 51 -10.54 9.78 -3.90
C GLY B 51 -10.25 9.40 -5.33
N LEU B 52 -11.13 8.61 -5.95
CA LEU B 52 -10.97 8.24 -7.35
C LEU B 52 -11.13 9.46 -8.25
N ASN B 53 -12.00 10.38 -7.87
CA ASN B 53 -12.22 11.62 -8.60
C ASN B 53 -11.03 12.55 -8.46
N GLU B 54 -10.63 12.79 -7.21
CA GLU B 54 -9.53 13.70 -6.93
C GLU B 54 -8.26 13.24 -7.60
N GLN B 55 -7.99 11.94 -7.57
CA GLN B 55 -6.78 11.44 -8.22
C GLN B 55 -6.84 11.69 -9.71
N GLY B 56 -8.02 11.60 -10.30
CA GLY B 56 -8.16 11.78 -11.72
C GLY B 56 -8.30 10.43 -12.36
N MET B 57 -9.14 9.59 -11.76
CA MET B 57 -9.34 8.23 -12.23
C MET B 57 -10.65 7.99 -12.97
N THR B 58 -10.92 8.77 -14.00
CA THR B 58 -12.22 8.76 -14.66
C THR B 58 -12.26 7.63 -15.70
N PRO B 59 -13.45 7.28 -16.23
CA PRO B 59 -13.53 6.08 -17.09
C PRO B 59 -12.66 6.15 -18.35
N ASP B 60 -12.31 7.34 -18.81
CA ASP B 60 -11.54 7.55 -20.04
C ASP B 60 -10.05 7.44 -19.80
N LYS B 61 -9.63 7.33 -18.55
CA LYS B 61 -8.25 7.30 -18.13
C LYS B 61 -7.86 5.88 -17.73
N SER B 62 -6.57 5.65 -17.83
CA SER B 62 -5.87 4.43 -17.42
C SER B 62 -6.42 3.80 -16.15
N TYR B 63 -6.52 2.47 -16.11
CA TYR B 63 -6.75 1.80 -14.84
C TYR B 63 -5.59 2.12 -13.90
N LYS B 64 -5.90 2.43 -12.65
CA LYS B 64 -4.83 2.77 -11.71
C LYS B 64 -4.65 1.70 -10.65
N LYS B 65 -3.40 1.54 -10.22
CA LYS B 65 -3.05 0.50 -9.24
C LYS B 65 -3.83 0.69 -7.95
N SER B 66 -4.30 -0.43 -7.39
CA SER B 66 -5.13 -0.40 -6.18
C SER B 66 -4.35 0.06 -4.97
N ALA B 67 -3.10 -0.37 -4.83
CA ALA B 67 -2.34 -0.02 -3.64
C ALA B 67 -2.20 1.49 -3.51
N ARG B 68 -1.87 2.15 -4.59
CA ARG B 68 -1.78 3.60 -4.55
C ARG B 68 -3.15 4.23 -4.33
N ILE B 69 -4.18 3.66 -4.97
CA ILE B 69 -5.54 4.14 -4.73
C ILE B 69 -5.89 4.03 -3.27
N VAL B 70 -5.69 2.84 -2.72
CA VAL B 70 -6.05 2.58 -1.33
C VAL B 70 -5.22 3.46 -0.42
N GLY B 71 -3.92 3.53 -0.69
CA GLY B 71 -3.05 4.34 0.16
C GLY B 71 -3.45 5.79 0.14
N ASP B 72 -3.76 6.30 -1.06
CA ASP B 72 -4.19 7.70 -1.18
C ASP B 72 -5.43 7.94 -0.34
N VAL B 73 -6.41 7.05 -0.46
CA VAL B 73 -7.66 7.20 0.29
C VAL B 73 -7.37 7.12 1.77
N MET B 74 -6.57 6.14 2.19
CA MET B 74 -6.32 5.96 3.62
C MET B 74 -5.53 7.13 4.19
N GLY B 75 -4.47 7.54 3.51
CA GLY B 75 -3.67 8.64 4.02
C GLY B 75 -4.45 9.93 4.09
N LYS B 76 -5.21 10.23 3.04
CA LYS B 76 -5.88 11.52 2.94
C LYS B 76 -7.16 11.58 3.78
N TYR B 77 -8.01 10.50 3.79
CA TYR B 77 -9.34 10.67 4.40
C TYR B 77 -9.74 9.58 5.40
N HIS B 78 -9.44 8.31 5.11
CA HIS B 78 -9.93 7.21 5.95
C HIS B 78 -8.82 6.73 6.88
N PRO B 79 -8.78 7.14 8.17
CA PRO B 79 -7.65 6.66 9.01
C PRO B 79 -7.91 5.27 9.61
N HIS B 80 -8.03 4.26 8.75
CA HIS B 80 -8.35 2.91 9.17
C HIS B 80 -7.50 1.95 8.38
N GLY B 81 -7.74 0.66 8.59
CA GLY B 81 -6.90 -0.36 7.98
C GLY B 81 -7.13 -0.48 6.49
N ASP B 82 -6.07 -0.88 5.79
CA ASP B 82 -6.12 -0.91 4.34
C ASP B 82 -7.06 -2.02 3.84
N SER B 83 -7.07 -3.17 4.51
CA SER B 83 -7.94 -4.27 4.09
C SER B 83 -9.40 -3.83 4.00
N SER B 84 -9.87 -3.09 5.01
CA SER B 84 -11.25 -2.62 4.98
C SER B 84 -11.51 -1.81 3.72
N ILE B 85 -10.60 -0.91 3.39
CA ILE B 85 -10.78 -0.05 2.23
C ILE B 85 -10.81 -0.87 0.95
N TYR B 86 -9.85 -1.77 0.82
CA TYR B 86 -9.76 -2.56 -0.39
C TYR B 86 -11.00 -3.42 -0.55
N GLU B 87 -11.44 -4.04 0.53
CA GLU B 87 -12.60 -4.92 0.45
C GLU B 87 -13.85 -4.13 0.10
N ALA B 88 -13.99 -2.93 0.67
CA ALA B 88 -15.12 -2.09 0.33
C ALA B 88 -15.10 -1.73 -1.15
N MET B 89 -13.92 -1.36 -1.65
CA MET B 89 -13.76 -1.00 -3.05
C MET B 89 -14.03 -2.19 -3.96
N VAL B 90 -13.57 -3.37 -3.56
CA VAL B 90 -13.76 -4.56 -4.38
C VAL B 90 -15.25 -4.82 -4.57
N ARG B 91 -16.03 -4.70 -3.51
CA ARG B 91 -17.46 -4.98 -3.62
C ARG B 91 -18.13 -4.07 -4.61
N MET B 92 -17.74 -2.79 -4.62
CA MET B 92 -18.30 -1.83 -5.57
C MET B 92 -17.97 -2.21 -7.01
N ALA B 93 -17.06 -3.15 -7.22
CA ALA B 93 -16.64 -3.55 -8.56
C ALA B 93 -17.22 -4.89 -9.00
N GLN B 94 -18.03 -5.54 -8.17
CA GLN B 94 -18.58 -6.85 -8.47
C GLN B 94 -19.98 -6.70 -9.05
N ASP B 95 -20.17 -7.22 -10.26
CA ASP B 95 -21.49 -7.10 -10.91
C ASP B 95 -22.55 -7.95 -10.24
N PHE B 96 -22.18 -8.82 -9.31
CA PHE B 96 -23.17 -9.60 -8.58
C PHE B 96 -23.49 -9.03 -7.20
N SER B 97 -22.72 -8.07 -6.70
CA SER B 97 -23.05 -7.37 -5.48
C SER B 97 -23.76 -6.06 -5.73
N TYR B 98 -23.31 -5.32 -6.73
CA TYR B 98 -23.83 -4.00 -7.03
C TYR B 98 -24.71 -4.07 -8.28
N ARG B 99 -25.96 -3.69 -8.12
CA ARG B 99 -26.86 -3.64 -9.26
C ARG B 99 -26.34 -2.67 -10.31
N TYR B 100 -25.69 -1.61 -9.87
CA TYR B 100 -25.10 -0.59 -10.72
C TYR B 100 -23.70 -0.33 -10.20
N PRO B 101 -22.74 -1.15 -10.59
CA PRO B 101 -21.38 -1.03 -10.06
C PRO B 101 -20.82 0.38 -10.13
N LEU B 102 -20.13 0.77 -9.07
CA LEU B 102 -19.51 2.09 -8.98
C LEU B 102 -18.01 2.09 -9.30
N VAL B 103 -17.38 0.92 -9.31
CA VAL B 103 -15.96 0.81 -9.58
C VAL B 103 -15.77 -0.14 -10.75
N ASP B 104 -14.88 0.23 -11.65
CA ASP B 104 -14.48 -0.63 -12.76
C ASP B 104 -13.21 -1.34 -12.33
N GLY B 105 -13.25 -2.67 -12.31
CA GLY B 105 -12.10 -3.39 -11.81
C GLY B 105 -11.38 -4.25 -12.83
N GLN B 106 -10.06 -4.15 -12.86
CA GLN B 106 -9.22 -4.93 -13.76
C GLN B 106 -8.41 -5.94 -12.95
N GLY B 107 -8.53 -7.21 -13.30
CA GLY B 107 -7.88 -8.28 -12.58
C GLY B 107 -8.90 -9.20 -11.97
N ASN B 108 -8.44 -10.05 -11.06
CA ASN B 108 -9.36 -10.98 -10.38
C ASN B 108 -10.07 -10.22 -9.27
N PHE B 109 -11.36 -9.93 -9.48
CA PHE B 109 -12.14 -9.23 -8.46
C PHE B 109 -13.17 -10.14 -7.81
N GLY B 110 -13.02 -11.44 -7.94
CA GLY B 110 -13.91 -12.38 -7.29
C GLY B 110 -14.89 -13.02 -8.24
N SER B 111 -15.82 -13.76 -7.65
CA SER B 111 -16.83 -14.51 -8.38
C SER B 111 -17.97 -14.84 -7.43
N MET B 112 -19.04 -15.42 -7.98
CA MET B 112 -20.21 -15.76 -7.17
C MET B 112 -19.91 -16.80 -6.12
N ASP B 113 -18.97 -17.71 -6.42
CA ASP B 113 -18.62 -18.84 -5.57
C ASP B 113 -17.99 -18.42 -4.24
N GLY B 114 -17.69 -17.14 -4.06
CA GLY B 114 -17.13 -16.68 -2.80
C GLY B 114 -15.63 -16.75 -2.73
N ASP B 115 -14.95 -17.21 -3.78
CA ASP B 115 -13.52 -17.03 -3.82
C ASP B 115 -13.25 -15.53 -3.85
N GLY B 116 -12.47 -15.05 -2.90
CA GLY B 116 -12.23 -13.63 -2.79
C GLY B 116 -11.35 -13.11 -3.92
N ALA B 117 -11.29 -11.78 -4.00
CA ALA B 117 -10.49 -11.10 -5.01
C ALA B 117 -8.99 -11.25 -4.72
N ALA B 118 -8.18 -10.84 -5.69
CA ALA B 118 -6.75 -10.97 -5.52
C ALA B 118 -6.22 -9.92 -4.54
N ALA B 119 -4.98 -10.08 -4.12
CA ALA B 119 -4.33 -9.07 -3.29
C ALA B 119 -4.34 -7.73 -4.03
N MET B 120 -4.31 -6.62 -3.25
CA MET B 120 -4.32 -5.30 -3.89
C MET B 120 -3.05 -5.09 -4.70
N ARG B 121 -2.07 -5.98 -4.53
N ARG B 121 -2.06 -5.95 -4.51
CA ARG B 121 -0.85 -5.96 -5.33
CA ARG B 121 -0.85 -5.90 -5.31
C ARG B 121 -1.09 -6.27 -6.82
C ARG B 121 -1.10 -6.32 -6.75
N TYR B 122 -2.23 -6.88 -7.18
N TYR B 122 -2.20 -7.03 -7.03
CA TYR B 122 -2.50 -7.41 -8.52
CA TYR B 122 -2.47 -7.56 -8.35
C TYR B 122 -3.69 -6.83 -9.18
C TYR B 122 -3.76 -7.04 -9.00
N THR B 123 -4.32 -5.87 -8.58
CA THR B 123 -5.53 -5.36 -9.18
C THR B 123 -5.39 -3.87 -9.38
N GLU B 124 -6.07 -3.41 -10.43
CA GLU B 124 -6.16 -2.00 -10.77
C GLU B 124 -7.63 -1.63 -10.83
N ALA B 125 -7.91 -0.33 -10.81
CA ALA B 125 -9.30 0.11 -10.78
C ALA B 125 -9.43 1.55 -11.26
N ARG B 126 -10.66 1.91 -11.64
CA ARG B 126 -11.05 3.27 -11.98
C ARG B 126 -12.56 3.37 -11.79
N MET B 127 -13.10 4.59 -11.95
CA MET B 127 -14.55 4.76 -11.88
C MET B 127 -15.26 4.05 -13.03
N THR B 128 -16.52 3.74 -12.84
CA THR B 128 -17.34 3.39 -13.99
C THR B 128 -18.02 4.67 -14.48
N LYS B 129 -18.61 4.60 -15.69
CA LYS B 129 -19.30 5.78 -16.20
C LYS B 129 -20.38 6.24 -15.23
N ILE B 130 -21.14 5.33 -14.64
CA ILE B 130 -22.27 5.75 -13.79
C ILE B 130 -21.80 6.47 -12.53
N THR B 131 -20.57 6.22 -12.07
CA THR B 131 -20.08 6.93 -10.88
C THR B 131 -19.79 8.40 -11.17
N LEU B 132 -19.50 8.74 -12.43
CA LEU B 132 -19.38 10.15 -12.80
C LEU B 132 -20.64 10.90 -12.41
N GLU B 133 -21.78 10.22 -12.47
CA GLU B 133 -23.04 10.85 -12.13
C GLU B 133 -23.19 11.04 -10.62
N LEU B 134 -22.46 10.27 -9.83
CA LEU B 134 -22.45 10.51 -8.39
C LEU B 134 -21.62 11.73 -8.03
N LEU B 135 -20.54 11.96 -8.78
CA LEU B 135 -19.61 13.04 -8.56
C LEU B 135 -19.87 14.22 -9.47
N ARG B 136 -20.91 14.16 -10.29
CA ARG B 136 -21.21 15.26 -11.20
C ARG B 136 -21.45 16.53 -10.40
N ASP B 137 -20.82 17.63 -10.85
CA ASP B 137 -20.96 18.97 -10.27
C ASP B 137 -20.49 19.08 -8.82
N ILE B 138 -19.53 18.25 -8.41
CA ILE B 138 -19.12 18.31 -7.00
C ILE B 138 -18.40 19.62 -6.69
N ASN B 139 -17.57 20.08 -7.64
CA ASN B 139 -16.79 21.30 -7.43
C ASN B 139 -17.66 22.54 -7.38
N LYS B 140 -18.73 22.55 -8.15
CA LYS B 140 -19.60 23.71 -8.26
C LYS B 140 -20.36 24.07 -6.99
N ASP B 141 -19.75 23.90 -5.82
CA ASP B 141 -20.32 24.29 -4.52
C ASP B 141 -21.78 23.85 -4.40
N THR B 142 -21.98 22.54 -4.58
CA THR B 142 -23.29 21.89 -4.46
C THR B 142 -23.44 21.14 -3.14
N ILE B 143 -22.33 20.74 -2.51
CA ILE B 143 -22.33 19.99 -1.27
C ILE B 143 -21.29 20.61 -0.34
N ASP B 144 -21.57 20.56 0.96
CA ASP B 144 -20.67 21.13 1.96
C ASP B 144 -19.45 20.24 2.14
N PHE B 145 -18.26 20.84 2.19
CA PHE B 145 -17.03 20.12 2.47
C PHE B 145 -16.73 20.19 3.98
N ILE B 146 -15.96 19.21 4.47
CA ILE B 146 -15.55 19.19 5.86
C ILE B 146 -14.06 18.91 5.93
N ASP B 147 -13.45 19.30 7.06
CA ASP B 147 -12.08 18.92 7.36
C ASP B 147 -11.95 17.41 7.51
N ASN B 148 -10.78 16.86 7.16
CA ASN B 148 -10.55 15.42 7.34
C ASN B 148 -10.05 15.15 8.76
N TYR B 149 -9.53 13.94 9.01
CA TYR B 149 -9.22 13.56 10.39
C TYR B 149 -8.07 14.38 10.99
N ASP B 150 -7.01 14.64 10.23
CA ASP B 150 -5.88 15.39 10.78
C ASP B 150 -5.96 16.89 10.45
N GLY B 151 -6.93 17.31 9.67
CA GLY B 151 -7.11 18.70 9.28
C GLY B 151 -6.34 19.12 8.05
N ASN B 152 -5.53 18.23 7.48
CA ASN B 152 -4.71 18.57 6.31
C ASN B 152 -5.56 18.80 5.06
N GLU B 153 -6.63 18.02 4.89
CA GLU B 153 -7.37 18.00 3.63
C GLU B 153 -8.87 18.19 3.84
N ARG B 154 -9.57 18.51 2.76
CA ARG B 154 -11.01 18.69 2.76
C ARG B 154 -11.66 17.49 2.08
N GLU B 155 -12.78 17.01 2.62
CA GLU B 155 -13.51 15.92 2.01
C GLU B 155 -14.99 16.29 1.90
N PRO B 156 -15.73 15.66 0.98
CA PRO B 156 -17.16 15.94 0.83
C PRO B 156 -17.98 15.34 1.97
N SER B 157 -18.96 16.10 2.46
CA SER B 157 -19.81 15.57 3.50
C SER B 157 -20.86 14.61 2.93
N VAL B 158 -21.12 14.73 1.64
CA VAL B 158 -22.11 13.96 0.89
C VAL B 158 -21.82 14.24 -0.58
N LEU B 159 -22.07 13.27 -1.48
CA LEU B 159 -21.86 13.51 -2.90
C LEU B 159 -23.11 14.09 -3.55
N PRO B 160 -22.97 14.78 -4.69
CA PRO B 160 -24.17 15.27 -5.40
C PRO B 160 -25.18 14.16 -5.73
N ALA B 161 -24.73 12.99 -6.15
CA ALA B 161 -25.58 11.81 -6.31
C ALA B 161 -26.75 12.09 -7.25
N ARG B 162 -26.42 12.26 -8.52
CA ARG B 162 -27.42 12.67 -9.49
C ARG B 162 -28.34 11.54 -9.93
N PHE B 163 -28.21 10.34 -9.35
CA PHE B 163 -29.22 9.29 -9.40
C PHE B 163 -29.45 8.71 -8.01
N PRO B 164 -30.67 8.14 -7.73
CA PRO B 164 -30.99 7.72 -6.36
C PRO B 164 -30.28 6.45 -5.94
N ASN B 165 -29.05 6.64 -5.49
CA ASN B 165 -28.15 5.53 -5.28
C ASN B 165 -28.44 4.74 -4.00
N LEU B 166 -29.03 5.36 -2.97
CA LEU B 166 -29.38 4.59 -1.79
C LEU B 166 -30.21 3.39 -2.18
N LEU B 167 -31.31 3.64 -2.88
CA LEU B 167 -32.23 2.58 -3.27
C LEU B 167 -31.69 1.75 -4.44
N ALA B 168 -30.95 2.38 -5.37
CA ALA B 168 -30.52 1.65 -6.57
C ALA B 168 -29.55 0.52 -6.22
N ASN B 169 -28.53 0.81 -5.46
CA ASN B 169 -27.58 -0.22 -5.08
C ASN B 169 -27.88 -0.85 -3.72
N GLY B 170 -28.79 -0.31 -2.94
CA GLY B 170 -29.13 -0.88 -1.66
C GLY B 170 -28.04 -0.62 -0.64
N ALA B 171 -28.29 -1.08 0.59
CA ALA B 171 -27.26 -1.06 1.61
C ALA B 171 -27.49 -2.25 2.54
N SER B 172 -26.41 -2.70 3.15
CA SER B 172 -26.52 -3.55 4.32
C SER B 172 -25.38 -3.23 5.26
N GLY B 173 -25.73 -2.96 6.52
CA GLY B 173 -24.76 -2.64 7.54
C GLY B 173 -25.16 -3.08 8.93
N ILE B 174 -24.22 -3.64 9.69
CA ILE B 174 -24.41 -3.90 11.11
C ILE B 174 -23.80 -2.74 11.88
N ALA B 175 -24.57 -2.13 12.77
CA ALA B 175 -24.05 -0.98 13.54
C ALA B 175 -23.89 -1.37 15.00
N VAL B 176 -24.31 -0.52 15.95
CA VAL B 176 -24.53 -0.84 17.34
C VAL B 176 -25.96 -0.44 17.64
N GLY B 177 -26.72 -1.34 18.26
CA GLY B 177 -28.10 -1.06 18.61
C GLY B 177 -29.08 -1.08 17.47
N MET B 178 -28.60 -1.19 16.23
CA MET B 178 -29.42 -1.28 15.05
C MET B 178 -28.56 -1.80 13.91
N ALA B 179 -29.24 -2.11 12.82
CA ALA B 179 -28.60 -2.49 11.57
C ALA B 179 -29.45 -1.94 10.45
N THR B 180 -29.00 -2.16 9.21
CA THR B 180 -29.80 -1.75 8.07
C THR B 180 -29.70 -2.80 6.97
N ASN B 181 -30.79 -2.95 6.23
CA ASN B 181 -30.81 -3.88 5.09
C ASN B 181 -31.81 -3.33 4.07
N ILE B 182 -31.29 -2.69 3.04
CA ILE B 182 -32.05 -2.07 1.95
C ILE B 182 -31.73 -2.81 0.66
N PRO B 183 -32.70 -3.37 -0.04
CA PRO B 183 -32.40 -4.10 -1.27
C PRO B 183 -32.20 -3.16 -2.45
N PRO B 184 -31.50 -3.63 -3.48
CA PRO B 184 -31.30 -2.84 -4.68
C PRO B 184 -32.57 -2.74 -5.51
N HIS B 185 -32.55 -1.80 -6.46
CA HIS B 185 -33.72 -1.47 -7.23
C HIS B 185 -33.32 -1.21 -8.67
N ASN B 186 -34.32 -1.29 -9.55
CA ASN B 186 -34.14 -0.94 -10.95
C ASN B 186 -34.10 0.58 -11.10
N LEU B 187 -33.10 1.06 -11.84
CA LEU B 187 -32.91 2.51 -11.93
C LEU B 187 -33.98 3.18 -12.78
N THR B 188 -34.43 2.53 -13.85
CA THR B 188 -35.52 3.09 -14.63
C THR B 188 -36.74 3.30 -13.75
N GLU B 189 -37.05 2.31 -12.92
CA GLU B 189 -38.22 2.41 -12.07
C GLU B 189 -38.05 3.47 -10.99
N LEU B 190 -36.89 3.52 -10.35
CA LEU B 190 -36.70 4.52 -9.29
C LEU B 190 -36.86 5.92 -9.83
N ILE B 191 -36.21 6.20 -10.95
CA ILE B 191 -36.28 7.54 -11.52
C ILE B 191 -37.70 7.87 -11.92
N ASN B 192 -38.42 6.91 -12.50
CA ASN B 192 -39.83 7.16 -12.81
C ASN B 192 -40.60 7.47 -11.54
N GLY B 193 -40.29 6.78 -10.45
CA GLY B 193 -40.88 7.12 -9.17
C GLY B 193 -40.59 8.54 -8.74
N VAL B 194 -39.31 8.95 -8.80
CA VAL B 194 -38.96 10.30 -8.38
C VAL B 194 -39.68 11.33 -9.22
N LEU B 195 -39.78 11.09 -10.53
CA LEU B 195 -40.53 11.97 -11.41
C LEU B 195 -41.99 12.09 -10.97
N SER B 196 -42.65 10.95 -10.74
CA SER B 196 -44.03 10.98 -10.28
C SER B 196 -44.19 11.78 -8.99
N LEU B 197 -43.29 11.57 -8.04
CA LEU B 197 -43.34 12.29 -6.76
C LEU B 197 -43.18 13.79 -6.95
N SER B 198 -42.28 14.18 -7.86
CA SER B 198 -42.02 15.59 -8.13
C SER B 198 -43.22 16.28 -8.73
N LYS B 199 -44.13 15.51 -9.32
CA LYS B 199 -45.38 16.04 -9.84
C LYS B 199 -46.51 15.97 -8.82
N ASN B 200 -46.34 15.26 -7.70
CA ASN B 200 -47.42 15.10 -6.75
C ASN B 200 -46.88 14.84 -5.34
N PRO B 201 -46.68 15.89 -4.55
CA PRO B 201 -46.16 15.70 -3.18
C PRO B 201 -47.02 14.79 -2.34
N ASP B 202 -48.30 14.64 -2.65
CA ASP B 202 -49.23 13.86 -1.88
C ASP B 202 -49.39 12.44 -2.43
N ILE B 203 -48.52 12.02 -3.36
CA ILE B 203 -48.56 10.66 -3.91
C ILE B 203 -48.47 9.62 -2.80
N SER B 204 -49.26 8.55 -2.94
CA SER B 204 -49.26 7.45 -1.98
C SER B 204 -48.25 6.38 -2.37
N ILE B 205 -47.94 5.55 -1.37
CA ILE B 205 -47.01 4.42 -1.55
C ILE B 205 -47.53 3.49 -2.63
N ALA B 206 -48.82 3.16 -2.56
CA ALA B 206 -49.41 2.32 -3.58
C ALA B 206 -49.23 2.93 -4.97
N GLU B 207 -49.46 4.24 -5.07
CA GLU B 207 -49.25 4.94 -6.33
C GLU B 207 -47.79 4.90 -6.75
N LEU B 208 -46.88 5.04 -5.79
CA LEU B 208 -45.46 4.93 -6.06
C LEU B 208 -45.10 3.53 -6.52
N MET B 209 -45.73 2.53 -5.93
CA MET B 209 -45.46 1.14 -6.28
C MET B 209 -45.83 0.83 -7.72
N GLU B 210 -46.69 1.64 -8.34
CA GLU B 210 -46.95 1.43 -9.76
C GLU B 210 -45.67 1.61 -10.55
N ASP B 211 -44.92 2.67 -10.24
CA ASP B 211 -43.64 2.92 -10.88
C ASP B 211 -42.57 1.96 -10.38
N ILE B 212 -42.53 1.70 -9.08
CA ILE B 212 -41.49 0.84 -8.49
C ILE B 212 -42.13 -0.46 -8.02
N GLU B 213 -41.95 -1.53 -8.79
CA GLU B 213 -42.63 -2.79 -8.50
C GLU B 213 -42.05 -3.49 -7.28
N GLY B 214 -40.77 -3.37 -7.03
CA GLY B 214 -40.13 -4.02 -5.91
C GLY B 214 -38.63 -3.99 -6.07
N PRO B 215 -37.91 -4.82 -5.33
CA PRO B 215 -36.45 -4.90 -5.52
C PRO B 215 -36.09 -5.48 -6.88
N ASP B 216 -34.86 -5.21 -7.28
CA ASP B 216 -34.30 -5.73 -8.53
C ASP B 216 -32.85 -6.12 -8.23
N PHE B 217 -32.61 -7.38 -8.09
CA PHE B 217 -31.29 -7.82 -7.67
C PHE B 217 -30.39 -8.05 -8.88
N PRO B 218 -29.11 -7.70 -8.72
CA PRO B 218 -28.13 -7.94 -9.80
C PRO B 218 -28.06 -9.38 -10.22
N THR B 219 -28.56 -10.29 -9.39
CA THR B 219 -28.50 -11.72 -9.65
C THR B 219 -29.81 -12.27 -10.19
N ALA B 220 -30.74 -11.41 -10.60
CA ALA B 220 -32.05 -11.81 -11.13
C ALA B 220 -32.76 -12.73 -10.12
N GLY B 221 -33.31 -13.86 -10.55
CA GLY B 221 -34.07 -14.71 -9.67
C GLY B 221 -35.52 -14.28 -9.68
N LEU B 222 -36.27 -14.79 -8.70
CA LEU B 222 -37.67 -14.47 -8.58
C LEU B 222 -38.00 -14.05 -7.16
N ILE B 223 -38.98 -13.17 -7.04
CA ILE B 223 -39.55 -12.81 -5.74
C ILE B 223 -40.97 -13.37 -5.71
N LEU B 224 -41.37 -13.95 -4.59
CA LEU B 224 -42.69 -14.57 -4.46
C LEU B 224 -43.67 -13.62 -3.77
N GLY B 225 -44.53 -12.99 -4.55
CA GLY B 225 -45.60 -12.20 -3.99
C GLY B 225 -45.21 -10.75 -3.79
N LYS B 226 -46.23 -9.89 -3.79
CA LYS B 226 -46.03 -8.47 -3.59
C LYS B 226 -46.37 -8.04 -2.17
N SER B 227 -46.83 -8.96 -1.35
CA SER B 227 -47.28 -8.59 -0.02
C SER B 227 -46.10 -8.30 0.90
N GLY B 228 -45.00 -9.04 0.77
CA GLY B 228 -43.82 -8.67 1.52
C GLY B 228 -43.26 -7.33 1.10
N ILE B 229 -43.27 -7.08 -0.21
CA ILE B 229 -42.92 -5.81 -0.73
C ILE B 229 -43.80 -4.80 -0.12
N ARG B 230 -45.12 -4.98 -0.34
CA ARG B 230 -45.92 -3.88 0.11
C ARG B 230 -45.66 -3.49 1.61
N ARG B 231 -45.42 -4.40 2.52
N ARG B 231 -45.44 -4.48 2.53
CA ARG B 231 -45.20 -3.98 3.88
CA ARG B 231 -45.13 -4.24 3.96
C ARG B 231 -43.86 -3.25 4.03
C ARG B 231 -43.84 -3.43 4.14
N ALA B 232 -42.82 -3.73 3.35
CA ALA B 232 -41.51 -3.07 3.45
C ALA B 232 -41.58 -1.62 2.97
N TYR B 233 -42.27 -1.37 1.86
CA TYR B 233 -42.37 -0.01 1.31
C TYR B 233 -43.26 0.88 2.17
N GLU B 234 -44.29 0.31 2.79
N GLU B 234 -44.31 0.33 2.78
CA GLU B 234 -45.21 1.08 3.62
CA GLU B 234 -45.19 1.13 3.62
C GLU B 234 -44.60 1.43 4.96
C GLU B 234 -44.57 1.46 4.96
N THR B 235 -43.74 0.58 5.52
CA THR B 235 -43.27 0.73 6.88
C THR B 235 -41.75 0.77 7.08
N GLY B 236 -40.94 0.42 6.09
CA GLY B 236 -39.51 0.24 6.30
C GLY B 236 -39.07 -1.17 6.64
N ARG B 237 -40.02 -2.07 6.93
CA ARG B 237 -39.71 -3.41 7.41
C ARG B 237 -40.60 -4.43 6.75
N GLY B 238 -40.02 -5.58 6.41
CA GLY B 238 -40.78 -6.63 5.78
C GLY B 238 -39.91 -7.77 5.29
N SER B 239 -40.47 -8.97 5.22
CA SER B 239 -39.73 -10.12 4.73
C SER B 239 -40.11 -10.40 3.29
N ILE B 240 -39.12 -10.47 2.42
CA ILE B 240 -39.31 -10.72 1.00
C ILE B 240 -38.64 -12.04 0.65
N GLN B 241 -39.36 -12.92 -0.03
CA GLN B 241 -38.84 -14.24 -0.37
C GLN B 241 -38.30 -14.24 -1.77
N MET B 242 -37.03 -14.63 -1.90
CA MET B 242 -36.35 -14.68 -3.18
C MET B 242 -36.17 -16.14 -3.57
N ARG B 243 -36.47 -16.43 -4.80
CA ARG B 243 -36.27 -17.77 -5.29
C ARG B 243 -35.20 -17.80 -6.35
N SER B 244 -34.53 -18.93 -6.39
CA SER B 244 -33.65 -19.28 -7.48
C SER B 244 -34.50 -19.49 -8.71
N ARG B 245 -33.92 -19.28 -9.87
CA ARG B 245 -34.64 -19.62 -11.08
C ARG B 245 -34.24 -21.02 -11.49
N ALA B 246 -35.19 -21.94 -11.47
CA ALA B 246 -34.90 -23.33 -11.76
C ALA B 246 -36.02 -23.94 -12.56
N VAL B 247 -35.66 -24.87 -13.46
CA VAL B 247 -36.63 -25.60 -14.25
C VAL B 247 -36.37 -27.09 -14.16
N ILE B 248 -37.35 -27.86 -14.63
CA ILE B 248 -37.25 -29.30 -14.74
C ILE B 248 -37.21 -29.65 -16.23
N GLU B 249 -36.23 -30.47 -16.62
CA GLU B 249 -36.08 -30.84 -18.02
C GLU B 249 -35.66 -32.30 -18.15
N GLU B 250 -36.00 -32.89 -19.30
CA GLU B 250 -35.63 -34.26 -19.64
C GLU B 250 -34.15 -34.34 -19.98
N ARG B 251 -33.52 -35.47 -19.62
CA ARG B 251 -32.12 -35.69 -19.92
C ARG B 251 -31.89 -36.97 -20.72
N GLY B 252 -32.95 -37.65 -21.12
CA GLY B 252 -32.90 -38.87 -21.90
C GLY B 252 -33.21 -40.09 -21.05
N GLY B 253 -33.63 -41.15 -21.73
CA GLY B 253 -33.89 -42.40 -21.05
C GLY B 253 -35.07 -42.34 -20.13
N GLY B 254 -35.94 -41.33 -20.31
CA GLY B 254 -37.06 -41.12 -19.43
C GLY B 254 -36.71 -40.48 -18.11
N ARG B 255 -35.49 -39.98 -17.99
CA ARG B 255 -35.03 -39.36 -16.75
C ARG B 255 -35.12 -37.85 -16.86
N GLN B 256 -35.09 -37.19 -15.69
CA GLN B 256 -35.25 -35.75 -15.61
C GLN B 256 -34.10 -35.13 -14.83
N ARG B 257 -34.10 -33.80 -14.76
CA ARG B 257 -33.10 -33.09 -13.99
C ARG B 257 -33.63 -31.72 -13.63
N ILE B 258 -32.99 -31.12 -12.63
CA ILE B 258 -33.33 -29.79 -12.13
C ILE B 258 -32.17 -28.88 -12.51
N VAL B 259 -32.45 -27.83 -13.25
CA VAL B 259 -31.41 -26.90 -13.71
C VAL B 259 -31.66 -25.53 -13.11
N VAL B 260 -30.70 -25.03 -12.37
CA VAL B 260 -30.81 -23.72 -11.72
C VAL B 260 -29.91 -22.74 -12.46
N THR B 261 -30.49 -21.65 -12.94
CA THR B 261 -29.70 -20.65 -13.66
C THR B 261 -29.47 -19.37 -12.87
N GLU B 262 -30.28 -19.11 -11.84
CA GLU B 262 -30.15 -17.91 -11.03
C GLU B 262 -30.29 -18.30 -9.57
N ILE B 263 -29.61 -17.58 -8.70
CA ILE B 263 -29.69 -17.84 -7.27
C ILE B 263 -30.04 -16.56 -6.52
N PRO B 264 -30.41 -16.67 -5.25
CA PRO B 264 -30.80 -15.49 -4.48
C PRO B 264 -29.66 -14.51 -4.24
N PHE B 265 -30.05 -13.28 -3.91
CA PHE B 265 -29.11 -12.22 -3.63
C PHE B 265 -28.28 -12.55 -2.38
N GLN B 266 -26.98 -12.24 -2.45
CA GLN B 266 -26.04 -12.44 -1.34
C GLN B 266 -25.95 -13.90 -0.88
N VAL B 267 -26.08 -14.83 -1.82
CA VAL B 267 -26.00 -16.25 -1.52
C VAL B 267 -24.74 -16.79 -2.19
N ASN B 268 -23.80 -17.25 -1.40
CA ASN B 268 -22.65 -17.91 -1.98
C ASN B 268 -23.13 -19.14 -2.72
N LYS B 269 -22.72 -19.28 -3.97
CA LYS B 269 -23.17 -20.41 -4.77
C LYS B 269 -22.47 -21.69 -4.36
N ALA B 270 -21.13 -21.64 -4.30
CA ALA B 270 -20.34 -22.80 -3.91
C ALA B 270 -20.81 -23.35 -2.58
N ARG B 271 -21.07 -22.45 -1.63
CA ARG B 271 -21.57 -22.86 -0.32
C ARG B 271 -22.94 -23.49 -0.43
N MET B 272 -23.80 -22.96 -1.30
CA MET B 272 -25.12 -23.54 -1.47
C MET B 272 -25.04 -24.95 -2.02
N ILE B 273 -24.11 -25.19 -2.95
CA ILE B 273 -23.95 -26.54 -3.50
C ILE B 273 -23.55 -27.50 -2.40
N GLU B 274 -22.63 -27.07 -1.53
CA GLU B 274 -22.19 -27.93 -0.43
C GLU B 274 -23.37 -28.34 0.43
N LYS B 275 -24.24 -27.40 0.76
CA LYS B 275 -25.40 -27.71 1.58
C LYS B 275 -26.29 -28.73 0.90
N ILE B 276 -26.48 -28.59 -0.41
CA ILE B 276 -27.25 -29.59 -1.15
C ILE B 276 -26.52 -30.91 -1.10
N ALA B 277 -25.21 -30.89 -1.29
CA ALA B 277 -24.43 -32.12 -1.18
C ALA B 277 -24.65 -32.78 0.15
N GLU B 278 -24.59 -32.00 1.22
N GLU B 278 -24.58 -31.99 1.23
CA GLU B 278 -24.69 -32.53 2.61
CA GLU B 278 -24.70 -32.53 2.62
C GLU B 278 -26.02 -33.18 2.87
C GLU B 278 -26.03 -33.20 2.86
N LEU B 279 -27.05 -32.52 2.56
CA LEU B 279 -28.38 -33.04 2.64
C LEU B 279 -28.48 -34.43 2.05
N VAL B 280 -27.96 -34.58 0.85
CA VAL B 280 -27.97 -35.91 0.21
C VAL B 280 -27.18 -36.90 1.04
N ARG B 281 -25.94 -36.52 1.33
CA ARG B 281 -25.03 -37.34 2.12
C ARG B 281 -25.67 -37.80 3.42
N ASP B 282 -26.45 -36.93 4.06
CA ASP B 282 -27.11 -37.25 5.30
C ASP B 282 -28.48 -37.88 5.08
N LYS B 283 -28.80 -38.23 3.83
CA LYS B 283 -30.07 -38.86 3.44
C LYS B 283 -31.28 -38.04 3.85
N LYS B 284 -31.06 -36.76 4.17
CA LYS B 284 -32.18 -35.89 4.54
C LYS B 284 -33.10 -35.64 3.35
N ILE B 285 -32.56 -35.58 2.14
CA ILE B 285 -33.34 -35.35 0.93
C ILE B 285 -33.33 -36.62 0.10
N ASP B 286 -34.45 -36.92 -0.55
CA ASP B 286 -34.60 -38.19 -1.24
C ASP B 286 -34.73 -38.00 -2.74
N GLY B 287 -33.89 -38.71 -3.49
CA GLY B 287 -34.03 -38.84 -4.92
C GLY B 287 -33.00 -38.14 -5.81
N ILE B 288 -31.82 -37.80 -5.30
CA ILE B 288 -30.83 -37.07 -6.07
C ILE B 288 -29.65 -37.99 -6.37
N THR B 289 -29.38 -38.20 -7.66
CA THR B 289 -28.30 -39.11 -8.05
C THR B 289 -27.01 -38.39 -8.40
N ASP B 290 -27.06 -37.12 -8.73
CA ASP B 290 -25.86 -36.41 -9.15
C ASP B 290 -26.07 -34.92 -8.95
N LEU B 291 -24.96 -34.22 -8.80
CA LEU B 291 -24.98 -32.78 -8.54
C LEU B 291 -23.75 -32.19 -9.19
N ARG B 292 -23.91 -31.31 -10.17
CA ARG B 292 -22.75 -30.77 -10.88
C ARG B 292 -22.90 -29.27 -11.06
N ASP B 293 -21.81 -28.54 -10.90
CA ASP B 293 -21.80 -27.12 -11.19
C ASP B 293 -21.29 -26.93 -12.60
N GLU B 294 -22.21 -26.71 -13.53
CA GLU B 294 -21.90 -26.54 -14.95
C GLU B 294 -21.75 -25.07 -15.34
N THR B 295 -21.68 -24.19 -14.34
CA THR B 295 -21.41 -22.78 -14.57
C THR B 295 -20.12 -22.61 -15.36
N SER B 296 -20.18 -21.70 -16.33
CA SER B 296 -19.05 -21.32 -17.15
C SER B 296 -19.31 -19.90 -17.57
N LEU B 297 -18.24 -19.18 -17.90
CA LEU B 297 -18.41 -17.76 -18.24
C LEU B 297 -19.26 -17.64 -19.49
N ARG B 298 -19.05 -18.54 -20.43
CA ARG B 298 -19.78 -18.52 -21.69
C ARG B 298 -21.24 -18.87 -21.50
N THR B 299 -21.52 -19.88 -20.66
CA THR B 299 -22.88 -20.39 -20.45
C THR B 299 -23.62 -19.67 -19.33
N GLY B 300 -22.94 -18.90 -18.51
CA GLY B 300 -23.62 -18.34 -17.36
C GLY B 300 -23.68 -19.35 -16.23
N VAL B 301 -24.54 -19.07 -15.26
CA VAL B 301 -24.70 -19.94 -14.11
C VAL B 301 -25.53 -21.15 -14.50
N ARG B 302 -25.03 -22.35 -14.23
CA ARG B 302 -25.79 -23.55 -14.49
C ARG B 302 -25.47 -24.58 -13.42
N VAL B 303 -26.46 -24.89 -12.59
CA VAL B 303 -26.31 -25.92 -11.57
C VAL B 303 -27.28 -27.04 -11.91
N VAL B 304 -26.76 -28.26 -12.02
CA VAL B 304 -27.52 -29.40 -12.52
C VAL B 304 -27.67 -30.42 -11.41
N ILE B 305 -28.91 -30.84 -11.17
CA ILE B 305 -29.25 -31.88 -10.21
C ILE B 305 -29.93 -33.02 -10.95
N ASP B 306 -29.44 -34.24 -10.76
CA ASP B 306 -29.97 -35.39 -11.50
C ASP B 306 -30.91 -36.21 -10.61
N VAL B 307 -32.20 -36.11 -10.91
CA VAL B 307 -33.23 -36.87 -10.20
C VAL B 307 -33.17 -38.34 -10.59
N ARG B 308 -33.44 -39.22 -9.62
CA ARG B 308 -33.52 -40.66 -9.87
C ARG B 308 -34.70 -40.99 -10.78
N LYS B 309 -34.53 -42.03 -11.58
CA LYS B 309 -35.57 -42.38 -12.53
C LYS B 309 -36.88 -42.70 -11.80
N ASP B 310 -37.99 -42.21 -12.39
CA ASP B 310 -39.36 -42.41 -11.90
C ASP B 310 -39.59 -41.81 -10.50
N ALA B 311 -38.85 -40.77 -10.16
CA ALA B 311 -39.01 -40.01 -8.93
C ALA B 311 -39.66 -38.68 -9.28
N ASN B 312 -40.40 -38.06 -8.38
CA ASN B 312 -41.07 -36.82 -8.81
C ASN B 312 -40.12 -35.65 -8.66
N ALA B 313 -39.74 -35.02 -9.79
CA ALA B 313 -38.75 -33.94 -9.72
C ALA B 313 -39.31 -32.66 -9.09
N SER B 314 -40.61 -32.40 -9.24
CA SER B 314 -41.20 -31.19 -8.69
C SER B 314 -41.19 -31.21 -7.17
N VAL B 315 -41.43 -32.39 -6.58
CA VAL B 315 -41.36 -32.57 -5.14
C VAL B 315 -39.95 -32.36 -4.62
N ILE B 316 -38.97 -32.91 -5.34
CA ILE B 316 -37.57 -32.75 -4.93
C ILE B 316 -37.19 -31.29 -4.96
N LEU B 317 -37.62 -30.58 -6.01
CA LEU B 317 -37.32 -29.16 -6.12
C LEU B 317 -37.89 -28.38 -4.94
N ASN B 318 -39.15 -28.68 -4.58
CA ASN B 318 -39.79 -27.97 -3.48
C ASN B 318 -39.06 -28.22 -2.17
N ASN B 319 -38.62 -29.45 -1.94
CA ASN B 319 -37.84 -29.75 -0.75
C ASN B 319 -36.54 -28.95 -0.73
N LEU B 320 -35.90 -28.85 -1.89
CA LEU B 320 -34.68 -28.07 -1.99
C LEU B 320 -34.93 -26.61 -1.61
N TYR B 321 -36.01 -26.01 -2.08
CA TYR B 321 -36.29 -24.64 -1.63
C TYR B 321 -36.45 -24.56 -0.13
N LYS B 322 -37.08 -25.59 0.44
CA LYS B 322 -37.46 -25.64 1.84
C LYS B 322 -36.26 -25.90 2.72
N GLN B 323 -35.35 -26.77 2.30
CA GLN B 323 -34.26 -27.18 3.16
C GLN B 323 -32.95 -26.56 2.72
N THR B 324 -33.02 -25.58 1.86
CA THR B 324 -31.79 -25.01 1.35
C THR B 324 -31.90 -23.52 1.14
N PRO B 325 -30.74 -22.91 0.88
CA PRO B 325 -30.64 -21.50 0.51
C PRO B 325 -31.14 -21.19 -0.89
N LEU B 326 -31.66 -22.21 -1.59
CA LEU B 326 -32.20 -22.01 -2.92
C LEU B 326 -33.32 -21.00 -2.89
N GLN B 327 -34.21 -21.12 -1.92
CA GLN B 327 -35.16 -20.06 -1.62
C GLN B 327 -34.69 -19.43 -0.32
N THR B 328 -34.41 -18.16 -0.35
CA THR B 328 -33.95 -17.45 0.82
C THR B 328 -34.79 -16.19 0.94
N SER B 329 -34.92 -15.73 2.16
CA SER B 329 -35.69 -14.53 2.45
C SER B 329 -34.74 -13.37 2.69
N PHE B 330 -35.18 -12.19 2.30
CA PHE B 330 -34.41 -10.96 2.49
C PHE B 330 -35.15 -10.12 3.52
N GLY B 331 -34.51 -9.85 4.65
CA GLY B 331 -35.15 -9.05 5.68
C GLY B 331 -34.95 -7.57 5.47
N VAL B 332 -35.96 -6.88 4.94
CA VAL B 332 -35.85 -5.43 4.70
C VAL B 332 -35.94 -4.70 6.02
N ASN B 333 -35.01 -3.77 6.22
CA ASN B 333 -34.89 -2.97 7.43
C ASN B 333 -34.24 -1.66 6.96
N MET B 334 -35.08 -0.72 6.46
CA MET B 334 -34.55 0.45 5.74
C MET B 334 -34.19 1.56 6.69
N ILE B 335 -32.95 1.54 7.19
CA ILE B 335 -32.47 2.54 8.12
C ILE B 335 -31.34 3.30 7.47
N ALA B 336 -31.40 4.63 7.52
CA ALA B 336 -30.40 5.48 6.89
C ALA B 336 -30.23 6.75 7.71
N LEU B 337 -29.14 7.45 7.46
CA LEU B 337 -28.90 8.71 8.16
C LEU B 337 -29.70 9.82 7.51
N VAL B 338 -30.56 10.48 8.30
CA VAL B 338 -31.41 11.58 7.86
C VAL B 338 -31.09 12.75 8.78
N ASN B 339 -30.55 13.83 8.20
CA ASN B 339 -30.08 14.96 9.00
C ASN B 339 -29.03 14.49 10.01
N GLY B 340 -28.17 13.57 9.57
CA GLY B 340 -27.14 12.96 10.40
C GLY B 340 -27.59 12.03 11.51
N ARG B 341 -28.83 11.51 11.46
CA ARG B 341 -29.36 10.63 12.51
C ARG B 341 -29.91 9.36 11.91
N PRO B 342 -29.79 8.21 12.60
CA PRO B 342 -30.39 6.98 12.06
C PRO B 342 -31.91 7.10 12.07
N LYS B 343 -32.52 6.70 10.98
CA LYS B 343 -33.98 6.78 10.91
C LYS B 343 -34.51 5.64 10.07
N LEU B 344 -35.58 5.02 10.55
CA LEU B 344 -36.31 4.03 9.77
C LEU B 344 -37.25 4.76 8.82
N ILE B 345 -37.13 4.51 7.52
CA ILE B 345 -37.89 5.27 6.52
C ILE B 345 -38.60 4.32 5.57
N ASN B 346 -39.80 4.72 5.16
CA ASN B 346 -40.53 3.99 4.14
C ASN B 346 -40.10 4.47 2.76
N LEU B 347 -40.68 3.88 1.72
CA LEU B 347 -40.22 4.14 0.35
C LEU B 347 -40.41 5.60 -0.04
N LYS B 348 -41.54 6.19 0.31
CA LYS B 348 -41.79 7.58 -0.06
C LYS B 348 -40.82 8.52 0.67
N GLU B 349 -40.59 8.27 1.95
CA GLU B 349 -39.60 9.07 2.68
C GLU B 349 -38.28 9.10 1.92
N ALA B 350 -37.76 7.91 1.60
CA ALA B 350 -36.45 7.80 0.95
C ALA B 350 -36.39 8.63 -0.32
N LEU B 351 -37.44 8.57 -1.14
CA LEU B 351 -37.47 9.37 -2.36
C LEU B 351 -37.64 10.86 -2.05
N VAL B 352 -38.42 11.20 -1.04
CA VAL B 352 -38.66 12.59 -0.69
C VAL B 352 -37.35 13.27 -0.29
N HIS B 353 -36.60 12.67 0.61
CA HIS B 353 -35.31 13.22 0.98
C HIS B 353 -34.37 13.30 -0.21
N TYR B 354 -34.41 12.30 -1.08
CA TYR B 354 -33.56 12.32 -2.27
C TYR B 354 -33.92 13.48 -3.18
N LEU B 355 -35.20 13.64 -3.50
CA LEU B 355 -35.61 14.75 -4.37
C LEU B 355 -35.22 16.11 -3.79
N GLU B 356 -35.28 16.27 -2.47
CA GLU B 356 -34.87 17.52 -1.82
C GLU B 356 -33.37 17.73 -1.93
N HIS B 357 -32.60 16.66 -1.91
CA HIS B 357 -31.17 16.76 -2.15
C HIS B 357 -30.91 17.29 -3.56
N GLN B 358 -31.61 16.73 -4.56
CA GLN B 358 -31.38 17.14 -5.93
C GLN B 358 -31.71 18.62 -6.14
N LYS B 359 -32.83 19.08 -5.58
CA LYS B 359 -33.17 20.49 -5.68
C LYS B 359 -32.05 21.35 -5.13
N THR B 360 -31.60 21.03 -3.92
CA THR B 360 -30.50 21.74 -3.30
C THR B 360 -29.26 21.74 -4.19
N VAL B 361 -28.94 20.59 -4.78
CA VAL B 361 -27.76 20.51 -5.66
C VAL B 361 -27.90 21.45 -6.84
N VAL B 362 -28.99 21.32 -7.59
CA VAL B 362 -29.17 22.13 -8.79
C VAL B 362 -29.23 23.61 -8.45
N ARG B 363 -29.99 23.96 -7.40
CA ARG B 363 -30.03 25.35 -6.98
C ARG B 363 -28.64 25.85 -6.67
N ARG B 364 -27.95 25.16 -5.76
CA ARG B 364 -26.58 25.53 -5.41
C ARG B 364 -25.67 25.58 -6.62
N ARG B 365 -25.93 24.74 -7.62
CA ARG B 365 -25.10 24.75 -8.82
C ARG B 365 -25.38 25.98 -9.68
N THR B 366 -26.66 26.28 -9.90
CA THR B 366 -26.97 27.47 -10.67
C THR B 366 -26.38 28.71 -10.02
N GLN B 367 -26.47 28.78 -8.70
CA GLN B 367 -25.93 29.93 -7.99
C GLN B 367 -24.42 30.03 -8.18
N TYR B 368 -23.71 28.91 -8.08
CA TYR B 368 -22.27 28.96 -8.28
C TYR B 368 -21.95 29.42 -9.69
N ASN B 369 -22.65 28.89 -10.68
CA ASN B 369 -22.44 29.28 -12.06
C ASN B 369 -22.71 30.75 -12.25
N LEU B 370 -23.80 31.25 -11.68
CA LEU B 370 -24.11 32.66 -11.79
C LEU B 370 -23.02 33.51 -11.17
N ARG B 371 -22.58 33.15 -9.97
CA ARG B 371 -21.50 33.88 -9.34
C ARG B 371 -20.25 33.82 -10.18
N LYS B 372 -19.90 32.63 -10.66
CA LYS B 372 -18.71 32.45 -11.47
C LYS B 372 -18.81 33.28 -12.74
N ALA B 373 -19.98 33.29 -13.37
CA ALA B 373 -20.16 33.99 -14.63
C ALA B 373 -20.04 35.48 -14.44
N LYS B 374 -20.73 36.02 -13.44
CA LYS B 374 -20.70 37.47 -13.20
C LYS B 374 -19.27 37.95 -12.98
N ASP B 375 -18.49 37.21 -12.20
CA ASP B 375 -17.11 37.59 -11.97
C ASP B 375 -16.35 37.71 -13.29
N ARG B 376 -16.58 36.79 -14.21
CA ARG B 376 -15.93 36.82 -15.52
C ARG B 376 -16.42 38.00 -16.34
N ALA B 377 -17.72 38.27 -16.28
CA ALA B 377 -18.27 39.39 -17.04
C ALA B 377 -17.62 40.68 -16.57
N HIS B 378 -17.39 40.79 -15.27
CA HIS B 378 -16.74 41.96 -14.69
C HIS B 378 -15.31 42.08 -15.17
N ILE B 379 -14.57 40.98 -15.22
CA ILE B 379 -13.19 41.03 -15.67
C ILE B 379 -13.10 41.37 -17.14
N LEU B 380 -14.05 40.85 -17.92
CA LEU B 380 -14.06 41.12 -19.36
C LEU B 380 -14.28 42.59 -19.62
N GLU B 381 -15.15 43.23 -18.84
CA GLU B 381 -15.42 44.64 -19.01
C GLU B 381 -14.15 45.46 -18.89
N GLY B 382 -13.33 45.14 -17.90
CA GLY B 382 -12.07 45.84 -17.74
C GLY B 382 -11.15 45.61 -18.93
N LEU B 383 -11.14 44.40 -19.46
CA LEU B 383 -10.36 44.11 -20.65
C LEU B 383 -10.88 44.89 -21.84
N ARG B 384 -12.18 44.93 -22.02
CA ARG B 384 -12.77 45.72 -23.10
C ARG B 384 -12.34 47.16 -22.97
N ILE B 385 -12.50 47.72 -21.76
CA ILE B 385 -12.05 49.08 -21.49
C ILE B 385 -10.57 49.22 -21.77
N ALA B 386 -9.78 48.27 -21.28
CA ALA B 386 -8.34 48.38 -21.45
C ALA B 386 -7.95 48.36 -22.91
N LEU B 387 -8.61 47.51 -23.69
CA LEU B 387 -8.24 47.39 -25.10
C LEU B 387 -8.58 48.67 -25.86
N ASP B 388 -9.73 49.28 -25.56
CA ASP B 388 -10.13 50.51 -26.23
C ASP B 388 -9.18 51.66 -25.94
N HIS B 389 -8.73 51.76 -24.70
CA HIS B 389 -7.84 52.81 -24.23
C HIS B 389 -6.39 52.33 -24.11
N ILE B 390 -6.01 51.32 -24.86
CA ILE B 390 -4.72 50.64 -24.72
C ILE B 390 -3.51 51.56 -24.63
N ASP B 391 -3.34 52.47 -25.59
CA ASP B 391 -2.17 53.35 -25.65
C ASP B 391 -1.88 54.01 -24.32
N GLU B 392 -2.92 54.55 -23.71
CA GLU B 392 -2.80 55.17 -22.41
C GLU B 392 -2.40 54.14 -21.36
N ILE B 393 -3.05 52.97 -21.42
CA ILE B 393 -2.80 51.88 -20.49
C ILE B 393 -1.32 51.53 -20.45
N ILE B 394 -0.68 51.44 -21.62
CA ILE B 394 0.69 50.96 -21.71
C ILE B 394 1.65 51.98 -21.12
N SER B 395 1.40 53.25 -21.41
CA SER B 395 2.24 54.32 -20.90
C SER B 395 2.07 54.46 -19.40
N THR B 396 0.84 54.29 -18.94
CA THR B 396 0.55 54.32 -17.51
C THR B 396 1.37 53.28 -16.78
N ILE B 397 1.41 52.06 -17.32
CA ILE B 397 2.21 51.00 -16.72
C ILE B 397 3.68 51.36 -16.81
N ARG B 398 4.12 51.86 -17.96
CA ARG B 398 5.54 52.18 -18.16
C ARG B 398 5.97 53.32 -17.24
N GLU B 399 5.10 54.30 -17.06
CA GLU B 399 5.40 55.42 -16.17
C GLU B 399 5.59 54.95 -14.74
N SER B 400 4.80 53.97 -14.31
CA SER B 400 4.82 53.49 -12.94
C SER B 400 6.10 52.73 -12.65
N ASP B 401 6.52 52.82 -11.39
CA ASP B 401 7.70 52.09 -10.92
C ASP B 401 7.35 50.72 -10.36
N THR B 402 6.12 50.55 -9.88
CA THR B 402 5.70 49.29 -9.31
C THR B 402 4.32 48.92 -9.81
N ASP B 403 3.99 47.64 -9.58
CA ASP B 403 2.65 47.17 -9.88
C ASP B 403 1.63 47.93 -9.06
N LYS B 404 1.96 48.13 -7.78
CA LYS B 404 1.09 48.86 -6.88
C LYS B 404 0.82 50.25 -7.40
N VAL B 405 1.87 50.95 -7.83
CA VAL B 405 1.69 52.28 -8.40
C VAL B 405 0.89 52.21 -9.69
N ALA B 406 1.24 51.26 -10.54
CA ALA B 406 0.55 51.09 -11.82
C ALA B 406 -0.91 50.76 -11.60
N MET B 407 -1.18 49.89 -10.63
CA MET B 407 -2.57 49.54 -10.33
C MET B 407 -3.35 50.78 -9.93
N GLU B 408 -2.77 51.59 -9.05
CA GLU B 408 -3.47 52.76 -8.55
C GLU B 408 -3.83 53.72 -9.68
N SER B 409 -2.91 53.95 -10.59
CA SER B 409 -3.19 54.86 -11.69
C SER B 409 -4.36 54.37 -12.52
N LEU B 410 -4.42 53.08 -12.79
CA LEU B 410 -5.48 52.53 -13.64
C LEU B 410 -6.86 52.66 -12.99
N GLN B 411 -6.93 52.54 -11.67
CA GLN B 411 -8.22 52.68 -11.00
C GLN B 411 -8.69 54.12 -11.00
N GLN B 412 -7.74 55.05 -10.99
CA GLN B 412 -8.01 56.48 -11.06
C GLN B 412 -8.42 56.90 -12.44
N ARG B 413 -7.57 56.60 -13.41
CA ARG B 413 -7.75 57.08 -14.77
C ARG B 413 -8.99 56.46 -15.41
N PHE B 414 -9.28 55.19 -15.13
CA PHE B 414 -10.36 54.52 -15.83
C PHE B 414 -11.46 53.98 -14.92
N LYS B 415 -11.47 54.33 -13.64
CA LYS B 415 -12.48 53.87 -12.69
C LYS B 415 -12.63 52.35 -12.71
N LEU B 416 -11.49 51.68 -12.49
CA LEU B 416 -11.42 50.23 -12.50
C LEU B 416 -11.29 49.67 -11.09
N SER B 417 -11.81 48.46 -10.92
CA SER B 417 -11.72 47.71 -9.68
C SER B 417 -10.33 47.09 -9.57
N GLU B 418 -9.98 46.69 -8.34
CA GLU B 418 -8.67 46.08 -8.14
C GLU B 418 -8.51 44.83 -8.98
N LYS B 419 -9.56 44.00 -9.02
CA LYS B 419 -9.51 42.78 -9.82
C LYS B 419 -9.34 43.10 -11.29
N GLN B 420 -10.08 44.09 -11.78
CA GLN B 420 -9.96 44.50 -13.18
C GLN B 420 -8.57 44.98 -13.49
N ALA B 421 -7.99 45.76 -12.59
CA ALA B 421 -6.64 46.27 -12.80
C ALA B 421 -5.62 45.14 -12.81
N GLN B 422 -5.75 44.19 -11.88
CA GLN B 422 -4.79 43.09 -11.84
C GLN B 422 -4.89 42.23 -13.10
N ALA B 423 -6.11 42.06 -13.60
CA ALA B 423 -6.30 41.29 -14.83
C ALA B 423 -5.59 41.96 -15.99
N ILE B 424 -5.72 43.29 -16.09
CA ILE B 424 -5.07 44.06 -17.14
C ILE B 424 -3.56 43.93 -17.05
N LEU B 425 -3.03 44.03 -15.84
CA LEU B 425 -1.59 43.93 -15.65
C LEU B 425 -1.09 42.53 -16.00
N ASP B 426 -1.91 41.52 -15.73
CA ASP B 426 -1.57 40.13 -16.03
C ASP B 426 -1.73 39.79 -17.51
N MET B 427 -2.39 40.64 -18.28
CA MET B 427 -2.61 40.38 -19.70
C MET B 427 -1.29 40.21 -20.44
N ARG B 428 -1.26 39.25 -21.35
CA ARG B 428 -0.08 39.01 -22.19
C ARG B 428 -0.18 39.85 -23.45
N LEU B 429 0.99 40.16 -24.03
CA LEU B 429 0.94 41.03 -25.21
C LEU B 429 0.20 40.38 -26.38
N ARG B 430 0.23 39.05 -26.51
CA ARG B 430 -0.50 38.40 -27.59
C ARG B 430 -2.01 38.66 -27.51
N ARG B 431 -2.54 39.12 -26.38
CA ARG B 431 -3.96 39.47 -26.32
C ARG B 431 -4.27 40.76 -27.06
N LEU B 432 -3.25 41.42 -27.59
CA LEU B 432 -3.43 42.68 -28.29
C LEU B 432 -3.77 42.51 -29.76
N THR B 433 -3.64 41.31 -30.30
CA THR B 433 -3.89 41.08 -31.73
C THR B 433 -5.37 41.25 -32.07
N GLY B 434 -5.64 41.31 -33.39
CA GLY B 434 -6.97 41.64 -33.86
C GLY B 434 -8.03 40.61 -33.51
N LEU B 435 -7.70 39.32 -33.62
CA LEU B 435 -8.69 38.29 -33.33
C LEU B 435 -9.13 38.32 -31.87
N GLU B 436 -8.17 38.52 -30.97
CA GLU B 436 -8.46 38.48 -29.53
C GLU B 436 -9.49 39.54 -29.15
N ARG B 437 -9.39 40.74 -29.71
CA ARG B 437 -10.35 41.78 -29.35
C ARG B 437 -11.76 41.36 -29.72
N ASP B 438 -11.92 40.79 -30.93
CA ASP B 438 -13.22 40.28 -31.34
C ASP B 438 -13.62 39.09 -30.50
N LYS B 439 -12.64 38.24 -30.18
CA LYS B 439 -12.85 37.06 -29.34
C LYS B 439 -13.38 37.44 -27.98
N ILE B 440 -12.78 38.45 -27.36
CA ILE B 440 -13.21 38.89 -26.03
C ILE B 440 -14.65 39.36 -26.08
N GLU B 441 -14.99 40.14 -27.09
CA GLU B 441 -16.34 40.65 -27.18
C GLU B 441 -17.34 39.51 -27.34
N ALA B 442 -17.00 38.53 -28.17
CA ALA B 442 -17.90 37.40 -28.40
C ALA B 442 -18.21 36.68 -27.10
N GLU B 443 -17.17 36.39 -26.32
CA GLU B 443 -17.37 35.69 -25.05
C GLU B 443 -18.24 36.50 -24.10
N TYR B 444 -18.00 37.80 -24.02
CA TYR B 444 -18.74 38.65 -23.11
C TYR B 444 -20.23 38.64 -23.43
N ASN B 445 -20.58 38.67 -24.71
CA ASN B 445 -21.98 38.64 -25.10
C ASN B 445 -22.61 37.32 -24.70
N GLU B 446 -21.87 36.22 -24.84
CA GLU B 446 -22.37 34.91 -24.47
C GLU B 446 -22.70 34.85 -22.99
N LEU B 447 -21.83 35.40 -22.14
CA LEU B 447 -22.05 35.39 -20.70
C LEU B 447 -23.34 36.10 -20.34
N LEU B 448 -23.60 37.24 -20.97
CA LEU B 448 -24.79 38.01 -20.63
C LEU B 448 -26.04 37.18 -20.88
N ASN B 449 -26.12 36.51 -22.03
CA ASN B 449 -27.24 35.62 -22.28
C ASN B 449 -27.24 34.49 -21.27
N TYR B 450 -26.05 33.93 -21.01
CA TYR B 450 -25.92 32.83 -20.05
C TYR B 450 -26.37 33.27 -18.67
N ILE B 451 -25.98 34.48 -18.25
CA ILE B 451 -26.41 34.99 -16.95
C ILE B 451 -27.92 35.16 -16.92
N SER B 452 -28.49 35.62 -18.03
CA SER B 452 -29.92 35.79 -18.11
C SER B 452 -30.63 34.47 -17.85
N GLU B 453 -30.15 33.41 -18.50
CA GLU B 453 -30.75 32.10 -18.35
C GLU B 453 -30.61 31.59 -16.93
N LEU B 454 -29.44 31.78 -16.32
CA LEU B 454 -29.24 31.33 -14.94
C LEU B 454 -30.17 32.06 -14.00
N GLU B 455 -30.32 33.36 -14.17
CA GLU B 455 -31.18 34.15 -13.30
C GLU B 455 -32.62 33.75 -13.45
N THR B 456 -33.03 33.43 -14.68
CA THR B 456 -34.40 32.96 -14.91
C THR B 456 -34.69 31.73 -14.08
N ILE B 457 -33.77 30.78 -14.10
CA ILE B 457 -33.93 29.54 -13.35
C ILE B 457 -34.15 29.86 -11.87
N LEU B 458 -33.24 30.65 -11.30
CA LEU B 458 -33.28 30.89 -9.86
C LEU B 458 -34.60 31.52 -9.44
N ALA B 459 -35.14 32.40 -10.28
CA ALA B 459 -36.34 33.14 -9.91
C ALA B 459 -37.54 32.23 -9.72
N ASP B 460 -37.66 31.19 -10.53
CA ASP B 460 -38.85 30.35 -10.54
C ASP B 460 -38.55 28.97 -9.96
N GLU B 461 -39.21 28.64 -8.85
CA GLU B 461 -39.06 27.33 -8.23
C GLU B 461 -39.48 26.23 -9.20
N GLU B 462 -40.59 26.44 -9.90
CA GLU B 462 -41.05 25.46 -10.88
C GLU B 462 -40.04 25.28 -12.00
N VAL B 463 -39.42 26.37 -12.45
CA VAL B 463 -38.42 26.27 -13.51
C VAL B 463 -37.25 25.43 -13.03
N LEU B 464 -36.79 25.70 -11.80
CA LEU B 464 -35.72 24.92 -11.23
C LEU B 464 -36.13 23.45 -11.12
N LEU B 465 -37.34 23.22 -10.63
CA LEU B 465 -37.83 21.86 -10.46
C LEU B 465 -37.85 21.11 -11.77
N GLN B 466 -38.26 21.79 -12.84
CA GLN B 466 -38.35 21.15 -14.16
C GLN B 466 -36.97 20.74 -14.65
N LEU B 467 -35.96 21.55 -14.36
CA LEU B 467 -34.60 21.22 -14.75
C LEU B 467 -34.16 19.93 -14.09
N VAL B 468 -34.44 19.78 -12.79
CA VAL B 468 -34.13 18.54 -12.10
C VAL B 468 -34.79 17.36 -12.80
N ARG B 469 -36.10 17.49 -13.08
CA ARG B 469 -36.80 16.46 -13.82
C ARG B 469 -36.08 16.14 -15.12
N ASP B 470 -35.64 17.19 -15.83
CA ASP B 470 -34.97 16.99 -17.11
C ASP B 470 -33.67 16.23 -16.94
N GLU B 471 -32.86 16.60 -15.96
CA GLU B 471 -31.55 15.97 -15.83
C GLU B 471 -31.67 14.53 -15.34
N LEU B 472 -32.65 14.24 -14.49
CA LEU B 472 -32.94 12.88 -14.10
C LEU B 472 -33.34 12.01 -15.28
N THR B 473 -34.19 12.56 -16.16
CA THR B 473 -34.66 11.80 -17.33
C THR B 473 -33.52 11.46 -18.28
N GLU B 474 -32.55 12.36 -18.42
N GLU B 474 -32.57 12.39 -18.42
CA GLU B 474 -31.40 12.02 -19.27
CA GLU B 474 -31.37 12.14 -19.21
C GLU B 474 -30.61 10.88 -18.66
C GLU B 474 -30.60 10.94 -18.67
N ILE B 475 -30.40 10.91 -17.35
CA ILE B 475 -29.69 9.81 -16.69
C ILE B 475 -30.45 8.51 -16.86
N ARG B 476 -31.77 8.55 -16.70
CA ARG B 476 -32.57 7.34 -16.88
C ARG B 476 -32.36 6.75 -18.25
N ASP B 477 -32.44 7.58 -19.28
CA ASP B 477 -32.34 7.09 -20.65
C ASP B 477 -30.97 6.50 -20.92
N ARG B 478 -29.93 7.07 -20.30
CA ARG B 478 -28.57 6.65 -20.63
C ARG B 478 -28.12 5.44 -19.83
N PHE B 479 -28.63 5.30 -18.60
CA PHE B 479 -28.18 4.27 -17.68
C PHE B 479 -29.27 3.29 -17.26
N GLY B 480 -30.55 3.66 -17.38
CA GLY B 480 -31.60 2.75 -16.96
C GLY B 480 -31.59 1.48 -17.80
N ASP B 481 -31.89 0.35 -17.16
CA ASP B 481 -31.84 -0.92 -17.86
C ASP B 481 -33.03 -1.80 -17.47
N ASP B 482 -33.10 -2.94 -18.16
CA ASP B 482 -34.18 -3.89 -17.98
C ASP B 482 -34.17 -4.49 -16.59
N ARG B 483 -35.37 -4.69 -16.05
CA ARG B 483 -35.52 -5.36 -14.77
C ARG B 483 -35.03 -6.80 -14.88
N ARG B 484 -34.26 -7.23 -13.88
CA ARG B 484 -33.71 -8.58 -13.90
C ARG B 484 -34.49 -9.56 -13.05
N THR B 485 -35.12 -9.09 -11.98
CA THR B 485 -35.81 -9.97 -11.05
C THR B 485 -37.30 -9.98 -11.36
N GLU B 486 -37.83 -11.18 -11.58
CA GLU B 486 -39.24 -11.37 -11.84
C GLU B 486 -39.99 -11.42 -10.53
N ILE B 487 -41.11 -10.71 -10.46
CA ILE B 487 -41.97 -10.69 -9.27
C ILE B 487 -43.19 -11.55 -9.57
N GLN B 488 -43.17 -12.79 -9.08
CA GLN B 488 -44.19 -13.78 -9.43
C GLN B 488 -45.48 -13.66 -8.66
N LEU B 489 -46.59 -13.97 -9.36
CA LEU B 489 -47.96 -14.10 -8.86
C LEU B 489 -48.61 -12.75 -8.58
N LYS C 9 -5.52 -27.52 -1.40
CA LYS C 9 -5.79 -26.51 -2.42
C LYS C 9 -5.95 -27.03 -3.87
N LEU C 10 -5.83 -28.33 -4.15
CA LEU C 10 -6.12 -28.77 -5.52
C LEU C 10 -7.60 -28.61 -5.81
N ALA C 11 -7.91 -28.15 -7.02
CA ALA C 11 -9.29 -27.99 -7.49
C ALA C 11 -9.51 -28.94 -8.67
N ASP C 12 -10.08 -30.11 -8.40
CA ASP C 12 -10.15 -31.19 -9.39
C ASP C 12 -11.23 -30.96 -10.44
N CYS C 13 -11.00 -31.56 -11.62
CA CYS C 13 -11.90 -31.47 -12.78
C CYS C 13 -13.05 -32.48 -12.68
N SER C 14 -14.12 -32.19 -13.44
CA SER C 14 -15.35 -32.98 -13.37
C SER C 14 -15.17 -34.40 -13.90
N SER C 15 -14.46 -34.56 -15.02
CA SER C 15 -14.36 -35.87 -15.67
C SER C 15 -13.45 -36.81 -14.88
N LYS C 16 -13.50 -38.10 -15.21
CA LYS C 16 -12.67 -39.10 -14.53
C LYS C 16 -11.85 -39.93 -15.50
N SER C 17 -11.88 -39.58 -16.80
CA SER C 17 -11.07 -40.25 -17.81
C SER C 17 -9.83 -39.41 -18.11
N PRO C 18 -8.66 -39.88 -17.70
CA PRO C 18 -7.40 -39.11 -17.78
C PRO C 18 -6.95 -38.71 -19.19
N GLU C 19 -7.41 -39.39 -20.24
CA GLU C 19 -6.92 -39.09 -21.57
C GLU C 19 -7.24 -37.65 -21.98
N GLU C 20 -8.43 -37.17 -21.65
CA GLU C 20 -8.84 -35.83 -22.01
C GLU C 20 -8.48 -34.79 -20.96
N CYS C 21 -7.86 -35.21 -19.86
CA CYS C 21 -7.60 -34.32 -18.72
C CYS C 21 -6.29 -33.57 -18.85
N GLU C 22 -6.26 -32.43 -18.16
CA GLU C 22 -5.15 -31.50 -18.03
C GLU C 22 -5.12 -31.03 -16.58
N ILE C 23 -3.93 -30.86 -16.02
CA ILE C 23 -3.77 -30.21 -14.72
C ILE C 23 -2.85 -29.02 -14.91
N PHE C 24 -3.12 -27.95 -14.17
CA PHE C 24 -2.28 -26.78 -14.25
C PHE C 24 -1.62 -26.51 -12.91
N LEU C 25 -0.30 -26.37 -12.94
CA LEU C 25 0.48 -25.89 -11.80
C LEU C 25 0.55 -24.38 -11.92
N VAL C 26 0.02 -23.66 -10.94
CA VAL C 26 -0.13 -22.22 -11.05
C VAL C 26 0.74 -21.55 -10.00
N GLU C 27 1.49 -20.53 -10.40
CA GLU C 27 2.31 -19.77 -9.49
C GLU C 27 1.47 -18.74 -8.75
N GLY C 28 1.40 -18.86 -7.43
CA GLY C 28 0.66 -17.93 -6.61
C GLY C 28 -0.83 -18.21 -6.62
N ASP C 29 -1.51 -17.98 -5.51
CA ASP C 29 -2.94 -18.27 -5.43
C ASP C 29 -3.77 -17.08 -5.89
N SER C 30 -3.14 -16.08 -6.50
CA SER C 30 -3.85 -15.04 -7.21
C SER C 30 -4.03 -15.44 -8.66
N ALA C 31 -2.91 -15.92 -9.23
CA ALA C 31 -2.93 -16.56 -10.52
C ALA C 31 -3.85 -17.77 -10.49
N GLY C 32 -3.83 -18.52 -9.38
CA GLY C 32 -4.64 -19.70 -9.16
C GLY C 32 -6.11 -19.44 -9.06
N GLY C 33 -6.52 -18.57 -8.13
CA GLY C 33 -7.92 -18.18 -7.97
C GLY C 33 -8.50 -17.86 -9.33
N SER C 34 -7.84 -16.91 -10.00
CA SER C 34 -8.18 -16.53 -11.38
C SER C 34 -8.36 -17.76 -12.28
N THR C 35 -7.45 -18.73 -12.20
CA THR C 35 -7.48 -19.86 -13.11
C THR C 35 -8.68 -20.77 -12.84
N LYS C 36 -9.14 -20.85 -11.59
CA LYS C 36 -10.30 -21.68 -11.22
C LYS C 36 -11.60 -21.12 -11.80
N SER C 37 -11.73 -19.80 -11.81
CA SER C 37 -12.83 -19.13 -12.50
C SER C 37 -12.73 -19.33 -14.01
N GLY C 38 -11.51 -19.24 -14.57
CA GLY C 38 -11.38 -19.13 -16.02
C GLY C 38 -11.50 -20.45 -16.77
N ARG C 39 -11.03 -21.54 -16.16
CA ARG C 39 -10.85 -22.85 -16.81
C ARG C 39 -12.17 -23.55 -17.17
N ASP C 40 -12.01 -24.60 -18.00
CA ASP C 40 -13.04 -25.59 -18.32
C ASP C 40 -13.05 -26.61 -17.19
N SER C 41 -13.94 -26.40 -16.20
CA SER C 41 -14.03 -27.29 -15.05
C SER C 41 -14.11 -28.75 -15.45
N ARG C 42 -14.75 -29.03 -16.59
CA ARG C 42 -14.93 -30.40 -17.03
C ARG C 42 -13.60 -31.07 -17.37
N THR C 43 -12.70 -30.37 -18.06
CA THR C 43 -11.45 -31.00 -18.48
C THR C 43 -10.19 -30.40 -17.85
N GLN C 44 -10.29 -29.45 -16.93
CA GLN C 44 -9.09 -28.81 -16.40
C GLN C 44 -9.09 -28.73 -14.88
N ALA C 45 -7.90 -28.93 -14.28
CA ALA C 45 -7.70 -28.87 -12.84
C ALA C 45 -6.60 -27.88 -12.49
N ILE C 46 -6.67 -27.30 -11.29
CA ILE C 46 -5.72 -26.26 -10.85
C ILE C 46 -5.05 -26.68 -9.54
N LEU C 47 -3.72 -26.68 -9.51
CA LEU C 47 -2.97 -26.83 -8.26
C LEU C 47 -2.00 -25.67 -8.08
N PRO C 48 -2.19 -24.74 -7.14
CA PRO C 48 -1.21 -23.67 -6.97
C PRO C 48 -0.08 -24.11 -6.04
N LEU C 49 1.15 -23.68 -6.36
CA LEU C 49 2.29 -23.88 -5.48
C LEU C 49 2.62 -22.56 -4.78
N ARG C 50 2.67 -22.58 -3.45
CA ARG C 50 2.63 -21.32 -2.70
C ARG C 50 3.97 -20.61 -2.64
N GLY C 51 5.10 -21.32 -2.53
CA GLY C 51 6.38 -20.67 -2.39
C GLY C 51 7.45 -21.23 -3.32
N LYS C 52 8.67 -20.66 -3.25
CA LYS C 52 9.81 -21.24 -3.94
C LYS C 52 9.92 -22.70 -3.50
N ILE C 53 9.77 -23.62 -4.42
CA ILE C 53 9.78 -25.03 -4.06
C ILE C 53 11.21 -25.50 -3.93
N LEU C 54 11.39 -26.49 -3.09
CA LEU C 54 12.72 -26.97 -2.74
C LEU C 54 13.54 -27.36 -3.97
N ASN C 55 14.85 -27.13 -3.93
CA ASN C 55 15.71 -27.61 -5.01
C ASN C 55 16.03 -29.07 -4.72
N VAL C 56 15.26 -30.01 -5.27
CA VAL C 56 15.46 -31.41 -4.88
C VAL C 56 16.88 -31.90 -5.21
N GLU C 57 17.59 -31.22 -6.11
CA GLU C 57 18.95 -31.64 -6.42
C GLU C 57 19.91 -31.37 -5.26
N LYS C 58 19.86 -30.16 -4.68
CA LYS C 58 20.80 -29.78 -3.62
C LYS C 58 20.48 -30.41 -2.27
N ALA C 59 19.20 -30.65 -1.97
CA ALA C 59 18.72 -30.95 -0.62
C ALA C 59 18.83 -32.44 -0.26
N ARG C 60 18.96 -32.71 1.05
CA ARG C 60 18.99 -34.07 1.61
C ARG C 60 17.66 -34.77 1.37
N LEU C 61 17.69 -36.09 1.25
CA LEU C 61 16.43 -36.80 1.14
C LEU C 61 15.95 -37.17 2.53
N ASP C 62 14.72 -36.69 2.83
CA ASP C 62 13.86 -36.76 4.02
C ASP C 62 13.19 -35.39 4.05
N ARG C 63 13.98 -34.36 3.70
CA ARG C 63 13.47 -33.00 3.50
C ARG C 63 12.41 -32.98 2.41
N ILE C 64 12.73 -33.67 1.33
CA ILE C 64 11.85 -33.90 0.20
C ILE C 64 10.57 -34.59 0.64
N LEU C 65 10.68 -35.43 1.68
CA LEU C 65 9.59 -36.27 2.20
C LEU C 65 8.67 -35.51 3.15
N ASN C 66 9.23 -34.74 4.07
CA ASN C 66 8.37 -33.97 4.99
C ASN C 66 7.78 -32.71 4.34
N ASN C 67 8.25 -32.40 3.20
CA ASN C 67 7.72 -31.24 2.56
C ASN C 67 6.46 -30.64 1.96
N ASN C 68 5.22 -31.29 1.76
N ASN C 68 5.16 -31.26 1.80
CA ASN C 68 3.81 -30.67 1.74
CA ASN C 68 3.75 -30.61 1.76
C ASN C 68 3.55 -30.23 0.39
C ASN C 68 3.53 -30.19 0.40
N GLU C 69 4.44 -29.39 -0.06
CA GLU C 69 4.50 -28.93 -1.43
C GLU C 69 4.86 -30.05 -2.39
N ILE C 70 5.87 -30.82 -1.99
CA ILE C 70 6.29 -31.98 -2.76
C ILE C 70 5.20 -33.03 -2.65
N ARG C 71 4.62 -33.14 -1.46
CA ARG C 71 3.59 -34.11 -1.14
C ARG C 71 2.31 -33.83 -1.90
N GLN C 72 1.91 -32.57 -2.01
CA GLN C 72 0.70 -32.26 -2.76
C GLN C 72 0.85 -32.55 -4.25
N MET C 73 2.07 -32.46 -4.79
CA MET C 73 2.28 -32.82 -6.20
C MET C 73 2.22 -34.33 -6.40
N ILE C 74 2.85 -35.09 -5.51
CA ILE C 74 2.80 -36.55 -5.57
C ILE C 74 1.36 -37.05 -5.52
N THR C 75 0.61 -36.61 -4.51
CA THR C 75 -0.81 -36.97 -4.40
C THR C 75 -1.55 -36.66 -5.69
N ALA C 76 -1.35 -35.45 -6.23
CA ALA C 76 -2.07 -35.04 -7.45
C ALA C 76 -1.76 -35.94 -8.64
N PHE C 77 -0.47 -36.19 -8.88
CA PHE C 77 -0.06 -36.95 -10.07
C PHE C 77 -0.58 -38.38 -10.01
N GLY C 78 -0.82 -38.90 -8.81
CA GLY C 78 -1.43 -40.22 -8.63
C GLY C 78 -0.59 -41.41 -9.04
N THR C 79 0.73 -41.26 -9.10
CA THR C 79 1.59 -42.37 -9.47
C THR C 79 2.34 -42.96 -8.29
N GLY C 80 2.93 -42.11 -7.47
CA GLY C 80 3.97 -42.52 -6.56
C GLY C 80 5.34 -42.07 -7.06
N ILE C 81 6.33 -42.10 -6.19
CA ILE C 81 7.58 -41.38 -6.47
C ILE C 81 8.73 -42.34 -6.66
N GLY C 82 9.46 -42.11 -7.75
CA GLY C 82 10.68 -42.84 -8.03
C GLY C 82 10.35 -44.28 -8.38
N GLY C 83 10.75 -45.21 -7.50
CA GLY C 83 10.61 -46.63 -7.80
C GLY C 83 9.18 -47.13 -7.92
N ASP C 84 8.21 -46.50 -7.24
CA ASP C 84 6.82 -46.95 -7.31
C ASP C 84 6.02 -46.26 -8.41
N PHE C 85 6.71 -45.66 -9.39
CA PHE C 85 6.07 -44.87 -10.44
C PHE C 85 5.22 -45.73 -11.38
N ASP C 86 3.95 -45.34 -11.55
CA ASP C 86 3.03 -46.03 -12.44
C ASP C 86 2.46 -45.06 -13.47
N LEU C 87 3.05 -45.01 -14.66
CA LEU C 87 2.60 -44.07 -15.69
C LEU C 87 1.16 -44.35 -16.13
N ALA C 88 0.70 -45.58 -15.92
CA ALA C 88 -0.69 -45.97 -16.06
C ALA C 88 -1.56 -45.45 -14.92
N LYS C 89 -0.95 -45.08 -13.80
CA LYS C 89 -1.69 -44.48 -12.68
C LYS C 89 -1.75 -42.98 -12.78
N ALA C 90 -1.02 -42.39 -13.73
CA ALA C 90 -1.04 -40.95 -13.95
C ALA C 90 -2.47 -40.47 -14.08
N ARG C 91 -2.81 -39.54 -13.21
CA ARG C 91 -4.16 -38.98 -13.12
C ARG C 91 -4.44 -38.03 -14.26
N TYR C 92 -3.40 -37.44 -14.82
CA TYR C 92 -3.53 -36.48 -15.89
C TYR C 92 -2.56 -36.88 -16.99
N HIS C 93 -2.96 -36.66 -18.23
CA HIS C 93 -2.08 -36.92 -19.34
C HIS C 93 -1.40 -35.66 -19.82
N LYS C 94 -1.73 -34.54 -19.21
CA LYS C 94 -1.11 -33.27 -19.51
C LYS C 94 -0.80 -32.64 -18.16
N ILE C 95 0.45 -32.21 -17.99
CA ILE C 95 0.87 -31.50 -16.80
C ILE C 95 1.41 -30.18 -17.27
N VAL C 96 0.80 -29.09 -16.81
CA VAL C 96 1.18 -27.78 -17.32
C VAL C 96 1.84 -26.99 -16.22
N ILE C 97 3.03 -26.50 -16.53
CA ILE C 97 3.76 -25.59 -15.67
C ILE C 97 3.39 -24.18 -16.12
N MET C 98 2.65 -23.45 -15.30
CA MET C 98 2.18 -22.13 -15.65
C MET C 98 2.69 -21.16 -14.60
N THR C 99 3.63 -20.32 -14.98
CA THR C 99 4.27 -19.39 -14.06
C THR C 99 4.35 -18.04 -14.77
N ASP C 100 4.56 -16.96 -13.99
CA ASP C 100 4.66 -15.66 -14.63
C ASP C 100 5.80 -15.64 -15.63
N ALA C 101 5.64 -14.88 -16.71
CA ALA C 101 6.72 -14.81 -17.69
C ALA C 101 7.77 -13.80 -17.24
N ASP C 102 8.17 -13.90 -15.97
CA ASP C 102 9.23 -13.09 -15.38
C ASP C 102 10.38 -13.99 -14.93
N VAL C 103 11.51 -13.36 -14.58
CA VAL C 103 12.72 -14.11 -14.23
C VAL C 103 12.50 -15.03 -13.04
N ASP C 104 11.61 -14.66 -12.11
CA ASP C 104 11.34 -15.54 -10.97
C ASP C 104 10.45 -16.69 -11.36
N GLY C 105 9.54 -16.45 -12.31
CA GLY C 105 8.74 -17.55 -12.85
C GLY C 105 9.58 -18.52 -13.64
N ALA C 106 10.62 -18.01 -14.32
CA ALA C 106 11.64 -18.89 -14.90
C ALA C 106 12.28 -19.75 -13.83
N HIS C 107 12.57 -19.18 -12.66
CA HIS C 107 13.25 -19.93 -11.62
C HIS C 107 12.39 -21.07 -11.12
N ILE C 108 11.14 -20.78 -10.74
CA ILE C 108 10.21 -21.79 -10.24
C ILE C 108 10.11 -22.95 -11.23
N ARG C 109 10.06 -22.62 -12.51
CA ARG C 109 10.01 -23.62 -13.56
C ARG C 109 11.23 -24.54 -13.52
N THR C 110 12.43 -23.98 -13.40
CA THR C 110 13.62 -24.83 -13.34
C THR C 110 13.55 -25.79 -12.16
N LEU C 111 13.05 -25.31 -11.04
CA LEU C 111 12.91 -26.16 -9.86
C LEU C 111 11.90 -27.28 -10.10
N LEU C 112 10.76 -26.96 -10.71
CA LEU C 112 9.78 -28.00 -10.95
C LEU C 112 10.30 -29.05 -11.92
N LEU C 113 10.92 -28.60 -13.01
CA LEU C 113 11.57 -29.52 -13.94
C LEU C 113 12.61 -30.39 -13.23
N THR C 114 13.35 -29.82 -12.27
CA THR C 114 14.33 -30.62 -11.55
C THR C 114 13.65 -31.72 -10.75
N PHE C 115 12.51 -31.41 -10.13
CA PHE C 115 11.81 -32.44 -9.36
C PHE C 115 11.33 -33.57 -10.27
N PHE C 116 10.72 -33.22 -11.41
CA PHE C 116 10.26 -34.25 -12.33
C PHE C 116 11.43 -35.09 -12.87
N TYR C 117 12.54 -34.46 -13.23
CA TYR C 117 13.66 -35.19 -13.81
C TYR C 117 14.36 -36.11 -12.80
N ARG C 118 14.14 -35.94 -11.51
CA ARG C 118 14.80 -36.82 -10.56
C ARG C 118 13.87 -37.80 -9.88
N PHE C 119 12.57 -37.55 -9.86
CA PHE C 119 11.68 -38.43 -9.14
C PHE C 119 10.52 -38.93 -9.97
N MET C 120 10.34 -38.42 -11.18
CA MET C 120 9.22 -38.78 -12.05
C MET C 120 9.71 -38.63 -13.50
N ARG C 121 10.95 -39.09 -13.73
CA ARG C 121 11.55 -39.12 -15.06
C ARG C 121 10.67 -39.83 -16.09
N PRO C 122 9.97 -40.91 -15.73
CA PRO C 122 9.13 -41.62 -16.69
C PRO C 122 8.05 -40.80 -17.37
N LEU C 123 7.62 -39.70 -16.74
CA LEU C 123 6.59 -38.80 -17.29
C LEU C 123 7.16 -37.89 -18.36
N ILE C 124 8.43 -37.56 -18.27
CA ILE C 124 9.00 -36.68 -19.30
C ILE C 124 9.18 -37.43 -20.59
N GLU C 125 9.58 -38.70 -20.48
CA GLU C 125 9.65 -39.56 -21.66
C GLU C 125 8.27 -39.78 -22.26
N ALA C 126 7.26 -39.92 -21.40
CA ALA C 126 5.89 -40.14 -21.84
C ALA C 126 5.40 -38.99 -22.72
N GLY C 127 5.68 -37.76 -22.32
CA GLY C 127 5.31 -36.60 -23.09
C GLY C 127 4.14 -35.81 -22.58
N TYR C 128 3.73 -35.99 -21.33
CA TYR C 128 2.62 -35.24 -20.75
C TYR C 128 3.04 -33.95 -20.06
N VAL C 129 4.31 -33.60 -20.08
CA VAL C 129 4.77 -32.41 -19.38
C VAL C 129 4.79 -31.25 -20.37
N TYR C 130 4.06 -30.19 -20.05
CA TYR C 130 4.00 -29.03 -20.92
C TYR C 130 4.24 -27.75 -20.14
N ILE C 131 4.76 -26.77 -20.87
CA ILE C 131 5.03 -25.44 -20.36
C ILE C 131 4.07 -24.47 -21.03
N ALA C 132 3.22 -23.83 -20.24
CA ALA C 132 2.26 -22.90 -20.82
C ALA C 132 2.95 -21.66 -21.35
N GLN C 133 2.31 -20.96 -22.30
CA GLN C 133 2.86 -19.72 -22.83
C GLN C 133 1.87 -18.58 -22.65
N PRO C 134 1.97 -17.88 -21.52
CA PRO C 134 1.13 -16.68 -21.25
C PRO C 134 1.58 -15.51 -22.11
N PRO C 135 0.79 -14.44 -22.26
CA PRO C 135 1.31 -13.27 -22.97
C PRO C 135 2.60 -12.79 -22.31
N THR C 136 3.64 -12.53 -23.11
CA THR C 136 4.79 -11.86 -22.50
C THR C 136 4.45 -10.41 -22.22
N GLY C 137 5.20 -9.81 -21.30
CA GLY C 137 4.92 -8.45 -20.87
C GLY C 137 5.37 -8.22 -19.43
N TYR C 138 5.11 -6.99 -18.96
CA TYR C 138 5.29 -6.66 -17.55
C TYR C 138 4.27 -7.33 -16.66
N LYS C 139 3.04 -7.48 -17.16
CA LYS C 139 1.97 -8.04 -16.35
C LYS C 139 2.24 -9.50 -16.03
N GLY C 140 2.01 -9.87 -14.76
CA GLY C 140 2.12 -11.25 -14.34
C GLY C 140 0.80 -11.98 -14.50
N LEU C 141 0.78 -13.23 -14.03
CA LEU C 141 -0.43 -14.03 -14.09
C LEU C 141 -1.49 -13.57 -13.09
N GLY C 142 -1.06 -13.12 -11.91
CA GLY C 142 -2.01 -12.69 -10.89
C GLY C 142 -2.81 -11.45 -11.25
N GLU C 143 -2.24 -10.57 -12.07
CA GLU C 143 -2.84 -9.28 -12.41
C GLU C 143 -3.85 -9.35 -13.56
N MET C 144 -4.07 -10.52 -14.16
CA MET C 144 -4.99 -10.65 -15.29
C MET C 144 -6.34 -11.24 -14.87
N ASN C 145 -7.41 -10.78 -15.54
CA ASN C 145 -8.76 -11.27 -15.31
C ASN C 145 -8.88 -12.75 -15.70
N ALA C 146 -9.86 -13.42 -15.08
CA ALA C 146 -10.06 -14.86 -15.32
C ALA C 146 -10.30 -15.18 -16.79
N ASP C 147 -11.12 -14.40 -17.48
CA ASP C 147 -11.43 -14.75 -18.87
C ASP C 147 -10.32 -14.41 -19.86
N GLN C 148 -9.35 -13.58 -19.47
CA GLN C 148 -8.21 -13.36 -20.35
C GLN C 148 -7.12 -14.40 -20.11
N LEU C 149 -6.99 -14.95 -18.89
CA LEU C 149 -6.20 -16.17 -18.72
C LEU C 149 -6.69 -17.29 -19.64
N TRP C 150 -8.02 -17.36 -19.83
CA TRP C 150 -8.63 -18.40 -20.67
C TRP C 150 -8.35 -18.19 -22.15
N GLU C 151 -8.64 -17.00 -22.67
CA GLU C 151 -8.56 -16.77 -24.11
C GLU C 151 -7.13 -16.92 -24.64
N THR C 152 -6.14 -16.54 -23.83
CA THR C 152 -4.72 -16.52 -24.23
C THR C 152 -3.91 -17.75 -23.85
N THR C 153 -4.28 -18.48 -22.79
CA THR C 153 -3.38 -19.46 -22.21
C THR C 153 -4.02 -20.83 -21.92
N MET C 154 -5.32 -20.91 -21.63
CA MET C 154 -5.91 -22.19 -21.25
C MET C 154 -6.84 -22.80 -22.30
N ASN C 155 -7.35 -22.01 -23.24
CA ASN C 155 -8.31 -22.46 -24.25
C ASN C 155 -7.65 -23.37 -25.29
N PRO C 156 -8.06 -24.63 -25.44
CA PRO C 156 -7.48 -25.48 -26.50
C PRO C 156 -7.45 -24.85 -27.89
N GLU C 157 -8.39 -23.95 -28.23
CA GLU C 157 -8.48 -23.41 -29.59
C GLU C 157 -7.45 -22.33 -29.89
N HIS C 158 -6.95 -21.60 -28.91
CA HIS C 158 -6.04 -20.49 -29.16
C HIS C 158 -4.72 -20.57 -28.40
N ARG C 159 -4.60 -21.42 -27.38
CA ARG C 159 -3.39 -21.54 -26.58
C ARG C 159 -2.26 -22.18 -27.38
N ALA C 160 -1.02 -21.94 -26.92
CA ALA C 160 0.17 -22.58 -27.47
C ALA C 160 1.00 -23.19 -26.35
N LEU C 161 0.85 -24.50 -26.14
CA LEU C 161 1.63 -25.20 -25.14
C LEU C 161 2.86 -25.81 -25.78
N LEU C 162 3.94 -25.92 -25.01
CA LEU C 162 5.17 -26.54 -25.49
C LEU C 162 5.37 -27.87 -24.77
N GLN C 163 5.53 -28.93 -25.55
CA GLN C 163 5.76 -30.23 -24.94
C GLN C 163 7.22 -30.33 -24.51
N VAL C 164 7.41 -30.70 -23.25
CA VAL C 164 8.75 -30.94 -22.74
C VAL C 164 9.21 -32.30 -23.23
N LYS C 165 10.44 -32.38 -23.73
CA LYS C 165 10.94 -33.65 -24.21
C LYS C 165 12.37 -33.84 -23.75
N LEU C 166 12.77 -35.11 -23.65
CA LEU C 166 14.14 -35.47 -23.26
C LEU C 166 14.85 -36.02 -24.49
N GLU C 167 15.82 -35.29 -25.01
CA GLU C 167 16.47 -35.68 -26.25
C GLU C 167 17.87 -36.26 -26.07
N ASP C 168 18.38 -36.32 -24.83
CA ASP C 168 19.70 -36.89 -24.53
C ASP C 168 19.92 -37.07 -23.03
N ALA C 169 19.85 -38.31 -22.55
CA ALA C 169 19.77 -38.56 -21.11
C ALA C 169 21.10 -38.30 -20.40
N ILE C 170 22.24 -38.53 -21.04
CA ILE C 170 23.48 -38.22 -20.31
C ILE C 170 23.73 -36.71 -20.29
N GLU C 171 23.42 -36.02 -21.41
CA GLU C 171 23.55 -34.55 -21.44
C GLU C 171 22.69 -33.92 -20.34
N ALA C 172 21.42 -34.31 -20.26
CA ALA C 172 20.52 -33.74 -19.27
C ALA C 172 21.00 -34.03 -17.85
N ASP C 173 21.47 -35.26 -17.60
CA ASP C 173 22.12 -35.58 -16.33
C ASP C 173 23.19 -34.56 -15.98
N GLN C 174 24.12 -34.33 -16.91
CA GLN C 174 25.21 -33.38 -16.70
C GLN C 174 24.67 -31.96 -16.53
N THR C 175 23.65 -31.58 -17.28
CA THR C 175 23.13 -30.23 -17.14
C THR C 175 22.45 -30.05 -15.78
N PHE C 176 21.53 -30.94 -15.41
CA PHE C 176 20.86 -30.81 -14.10
C PHE C 176 21.85 -30.76 -12.96
N GLU C 177 22.92 -31.56 -13.02
CA GLU C 177 23.92 -31.49 -11.97
C GLU C 177 24.64 -30.15 -11.98
N MET C 178 24.99 -29.65 -13.16
N MET C 178 24.99 -29.66 -13.17
CA MET C 178 25.76 -28.41 -13.26
CA MET C 178 25.74 -28.42 -13.31
C MET C 178 24.96 -27.18 -12.84
C MET C 178 24.95 -27.21 -12.82
N LEU C 179 23.69 -27.10 -13.24
CA LEU C 179 22.89 -25.91 -12.97
C LEU C 179 22.29 -25.89 -11.56
N MET C 180 21.78 -27.03 -11.10
CA MET C 180 21.18 -27.14 -9.78
C MET C 180 22.08 -27.87 -8.80
N GLY C 181 23.33 -28.12 -9.19
CA GLY C 181 24.21 -28.91 -8.35
C GLY C 181 24.77 -28.15 -7.18
N ASP C 182 25.32 -28.94 -6.26
CA ASP C 182 25.90 -28.41 -5.03
C ASP C 182 27.04 -27.46 -5.31
N VAL C 183 27.89 -27.80 -6.28
CA VAL C 183 29.04 -26.96 -6.61
C VAL C 183 28.57 -25.65 -7.21
N VAL C 184 29.10 -24.54 -6.69
CA VAL C 184 28.77 -23.21 -7.22
C VAL C 184 29.65 -22.84 -8.41
N GLU C 185 30.93 -23.19 -8.38
CA GLU C 185 31.87 -22.81 -9.44
C GLU C 185 31.44 -23.25 -10.83
N ASN C 186 30.90 -24.46 -10.96
CA ASN C 186 30.39 -24.91 -12.27
C ASN C 186 29.28 -23.99 -12.74
N ARG C 187 28.42 -23.59 -11.83
CA ARG C 187 27.33 -22.68 -12.13
C ARG C 187 27.84 -21.30 -12.49
N ARG C 188 28.86 -20.81 -11.75
CA ARG C 188 29.47 -19.52 -12.09
C ARG C 188 30.08 -19.53 -13.48
N GLN C 189 30.72 -20.63 -13.85
CA GLN C 189 31.40 -20.71 -15.15
C GLN C 189 30.39 -20.72 -16.28
N PHE C 190 29.31 -21.47 -16.11
CA PHE C 190 28.26 -21.47 -17.11
C PHE C 190 27.75 -20.05 -17.34
N ILE C 191 27.52 -19.31 -16.26
CA ILE C 191 27.07 -17.92 -16.35
C ILE C 191 28.09 -17.05 -17.08
N GLU C 192 29.36 -17.16 -16.70
CA GLU C 192 30.40 -16.36 -17.34
C GLU C 192 30.49 -16.66 -18.83
N ASP C 193 30.35 -17.94 -19.20
CA ASP C 193 30.45 -18.36 -20.59
C ASP C 193 29.28 -17.87 -21.42
N ASN C 194 28.07 -17.88 -20.85
CA ASN C 194 26.86 -17.70 -21.64
C ASN C 194 26.14 -16.39 -21.40
N ALA C 195 26.52 -15.60 -20.41
CA ALA C 195 25.73 -14.41 -20.09
C ALA C 195 25.93 -13.33 -21.14
N VAL C 196 24.82 -12.74 -21.57
CA VAL C 196 24.80 -11.66 -22.54
C VAL C 196 24.33 -10.42 -21.78
N TYR C 197 25.24 -9.45 -21.59
CA TYR C 197 24.99 -8.27 -20.76
C TYR C 197 24.56 -7.05 -21.59
N ASN D 9 5.23 -26.50 -31.42
CA ASN D 9 6.31 -27.49 -31.45
C ASN D 9 6.53 -28.06 -30.05
N GLU D 10 7.76 -28.48 -29.76
CA GLU D 10 8.11 -29.01 -28.44
C GLU D 10 9.38 -28.34 -27.97
N ARG D 11 9.77 -28.64 -26.74
CA ARG D 11 10.95 -28.00 -26.16
C ARG D 11 11.91 -29.05 -25.60
N ASN D 12 13.15 -28.97 -26.03
CA ASN D 12 14.23 -29.80 -25.48
C ASN D 12 14.44 -29.42 -24.02
N ILE D 13 14.39 -30.40 -23.11
CA ILE D 13 14.48 -30.06 -21.69
C ILE D 13 15.82 -29.41 -21.39
N THR D 14 16.90 -29.91 -21.98
CA THR D 14 18.20 -29.31 -21.72
C THR D 14 18.22 -27.84 -22.15
N SER D 15 17.65 -27.55 -23.32
CA SER D 15 17.61 -26.16 -23.77
C SER D 15 16.81 -25.31 -22.81
N GLU D 16 15.68 -25.86 -22.32
CA GLU D 16 14.84 -25.10 -21.41
C GLU D 16 15.59 -24.74 -20.14
N MET D 17 16.26 -25.73 -19.55
CA MET D 17 16.96 -25.49 -18.29
C MET D 17 18.03 -24.42 -18.47
N ARG D 18 18.80 -24.48 -19.55
CA ARG D 18 19.86 -23.50 -19.75
C ARG D 18 19.29 -22.09 -19.90
N GLU D 19 18.30 -21.94 -20.77
CA GLU D 19 17.76 -20.60 -21.01
C GLU D 19 17.05 -20.07 -19.77
N SER D 20 16.22 -20.90 -19.16
CA SER D 20 15.45 -20.41 -18.01
C SER D 20 16.37 -20.09 -16.84
N PHE D 21 17.33 -20.96 -16.57
CA PHE D 21 18.23 -20.72 -15.45
C PHE D 21 19.07 -19.46 -15.69
N LEU D 22 19.62 -19.31 -16.89
CA LEU D 22 20.44 -18.15 -17.21
C LEU D 22 19.64 -16.87 -17.07
N ASP D 23 18.35 -16.94 -17.40
N ASP D 23 18.36 -16.93 -17.40
CA ASP D 23 17.45 -15.81 -17.30
CA ASP D 23 17.51 -15.76 -17.30
C ASP D 23 17.33 -15.33 -15.87
C ASP D 23 17.36 -15.31 -15.84
N TYR D 24 17.17 -16.27 -14.94
CA TYR D 24 17.03 -15.94 -13.52
C TYR D 24 18.35 -15.42 -12.96
N ALA D 25 19.43 -16.18 -13.14
CA ALA D 25 20.72 -15.86 -12.55
C ALA D 25 21.15 -14.44 -12.93
N MET D 26 21.02 -14.12 -14.21
N MET D 26 21.05 -14.13 -14.23
CA MET D 26 21.43 -12.84 -14.73
CA MET D 26 21.43 -12.83 -14.78
C MET D 26 20.66 -11.70 -14.12
C MET D 26 20.66 -11.69 -14.13
N SER D 27 19.36 -11.90 -13.93
CA SER D 27 18.54 -10.89 -13.31
C SER D 27 18.88 -10.73 -11.84
N VAL D 28 19.06 -11.85 -11.15
CA VAL D 28 19.48 -11.81 -9.75
C VAL D 28 20.84 -11.13 -9.63
N ILE D 29 21.76 -11.46 -10.56
CA ILE D 29 23.10 -10.85 -10.56
C ILE D 29 23.03 -9.37 -10.91
N VAL D 30 22.33 -9.01 -11.99
CA VAL D 30 22.38 -7.62 -12.43
C VAL D 30 21.25 -6.73 -11.91
N ALA D 31 20.19 -7.29 -11.35
CA ALA D 31 19.09 -6.41 -10.96
C ALA D 31 18.43 -6.82 -9.67
N ARG D 32 19.19 -7.29 -8.69
CA ARG D 32 18.59 -7.67 -7.42
C ARG D 32 19.58 -7.72 -6.26
N ALA D 33 20.58 -8.58 -6.36
CA ALA D 33 21.42 -8.92 -5.22
C ALA D 33 22.73 -8.14 -5.16
N LEU D 34 23.17 -7.55 -6.26
CA LEU D 34 24.51 -6.93 -6.22
C LEU D 34 24.44 -5.41 -6.32
N PRO D 35 25.28 -4.68 -5.58
CA PRO D 35 25.29 -3.21 -5.68
C PRO D 35 26.05 -2.76 -6.92
N ASP D 36 25.69 -1.56 -7.38
CA ASP D 36 26.46 -0.90 -8.42
C ASP D 36 27.66 -0.22 -7.75
N VAL D 37 28.81 -0.27 -8.41
CA VAL D 37 30.02 0.26 -7.79
C VAL D 37 29.96 1.77 -7.60
N ARG D 38 29.09 2.45 -8.37
CA ARG D 38 29.08 3.90 -8.41
C ARG D 38 28.30 4.52 -7.25
N ASP D 39 27.13 3.99 -6.92
CA ASP D 39 26.34 4.52 -5.82
C ASP D 39 26.16 3.55 -4.66
N GLY D 40 26.73 2.35 -4.73
CA GLY D 40 26.61 1.38 -3.68
C GLY D 40 25.26 0.75 -3.51
N LEU D 41 24.33 0.96 -4.44
CA LEU D 41 22.95 0.58 -4.24
C LEU D 41 22.59 -0.64 -5.09
N LYS D 42 21.73 -1.45 -4.52
CA LYS D 42 20.96 -2.44 -5.23
C LYS D 42 19.66 -1.82 -5.69
N PRO D 43 19.05 -2.36 -6.75
CA PRO D 43 17.78 -1.81 -7.24
C PRO D 43 16.73 -1.45 -6.22
N VAL D 44 16.43 -2.33 -5.27
CA VAL D 44 15.35 -2.01 -4.35
C VAL D 44 15.69 -0.77 -3.52
N HIS D 45 16.97 -0.62 -3.13
CA HIS D 45 17.37 0.54 -2.34
C HIS D 45 17.29 1.82 -3.15
N ARG D 46 17.81 1.78 -4.37
CA ARG D 46 17.77 2.93 -5.26
C ARG D 46 16.35 3.39 -5.48
N ARG D 47 15.44 2.44 -5.73
CA ARG D 47 14.04 2.79 -5.95
C ARG D 47 13.42 3.37 -4.70
N ILE D 48 13.78 2.86 -3.53
CA ILE D 48 13.24 3.42 -2.30
C ILE D 48 13.69 4.87 -2.12
N LEU D 49 14.98 5.13 -2.31
CA LEU D 49 15.51 6.48 -2.15
C LEU D 49 14.97 7.42 -3.20
N TYR D 50 15.03 7.02 -4.48
CA TYR D 50 14.40 7.83 -5.52
C TYR D 50 12.95 8.10 -5.18
N GLY D 51 12.24 7.08 -4.71
CA GLY D 51 10.83 7.24 -4.39
C GLY D 51 10.61 8.25 -3.28
N LEU D 52 11.50 8.26 -2.29
CA LEU D 52 11.40 9.26 -1.22
C LEU D 52 11.58 10.66 -1.78
N ASN D 53 12.52 10.82 -2.70
CA ASN D 53 12.74 12.10 -3.36
C ASN D 53 11.49 12.57 -4.07
N GLU D 54 10.98 11.75 -4.98
CA GLU D 54 9.84 12.15 -5.80
C GLU D 54 8.66 12.52 -4.95
N GLN D 55 8.40 11.74 -3.91
CA GLN D 55 7.31 12.05 -2.98
C GLN D 55 7.57 13.33 -2.22
N GLY D 56 8.79 13.85 -2.23
CA GLY D 56 9.10 15.06 -1.52
C GLY D 56 9.32 14.88 -0.05
N MET D 57 9.71 13.68 0.38
CA MET D 57 9.94 13.39 1.80
C MET D 57 11.36 13.78 2.21
N THR D 58 11.65 15.08 2.16
CA THR D 58 12.97 15.59 2.54
C THR D 58 13.07 15.68 4.07
N PRO D 59 14.27 15.86 4.64
CA PRO D 59 14.35 15.91 6.11
C PRO D 59 13.64 17.11 6.71
N ASP D 60 13.44 18.21 5.96
CA ASP D 60 12.72 19.40 6.42
C ASP D 60 11.22 19.19 6.52
N LYS D 61 10.71 18.16 5.86
CA LYS D 61 9.29 17.79 5.84
C LYS D 61 9.01 16.71 6.88
N SER D 62 7.72 16.52 7.15
CA SER D 62 7.26 15.58 8.16
C SER D 62 7.37 14.14 7.68
N TYR D 63 7.39 13.24 8.67
CA TYR D 63 7.43 11.80 8.42
C TYR D 63 6.18 11.33 7.70
N LYS D 64 6.33 10.32 6.83
CA LYS D 64 5.20 9.75 6.10
C LYS D 64 4.96 8.32 6.52
N LYS D 65 3.69 7.93 6.43
CA LYS D 65 3.31 6.56 6.74
C LYS D 65 4.02 5.58 5.83
N SER D 66 4.69 4.60 6.42
CA SER D 66 5.54 3.68 5.66
C SER D 66 4.76 2.97 4.57
N ALA D 67 3.50 2.64 4.85
CA ALA D 67 2.70 1.91 3.87
C ALA D 67 2.54 2.70 2.58
N ARG D 68 2.29 4.00 2.69
CA ARG D 68 2.15 4.81 1.50
C ARG D 68 3.45 4.86 0.73
N ILE D 69 4.57 5.01 1.45
CA ILE D 69 5.88 5.02 0.80
C ILE D 69 6.07 3.77 -0.03
N VAL D 70 5.79 2.63 0.59
CA VAL D 70 6.02 1.35 -0.05
C VAL D 70 5.08 1.14 -1.22
N GLY D 71 3.79 1.44 -1.02
CA GLY D 71 2.83 1.30 -2.10
C GLY D 71 3.23 2.07 -3.35
N ASP D 72 3.86 3.23 -3.17
CA ASP D 72 4.29 4.03 -4.30
C ASP D 72 5.50 3.42 -4.99
N VAL D 73 6.50 3.04 -4.21
CA VAL D 73 7.68 2.40 -4.78
C VAL D 73 7.29 1.14 -5.52
N MET D 74 6.41 0.35 -4.90
CA MET D 74 6.04 -0.93 -5.48
C MET D 74 5.32 -0.73 -6.82
N GLY D 75 4.37 0.19 -6.85
CA GLY D 75 3.63 0.38 -8.09
C GLY D 75 4.45 1.04 -9.17
N LYS D 76 5.31 1.99 -8.78
CA LYS D 76 6.01 2.85 -9.75
C LYS D 76 7.29 2.22 -10.28
N TYR D 77 8.06 1.51 -9.45
CA TYR D 77 9.40 1.10 -9.87
C TYR D 77 9.74 -0.37 -9.62
N HIS D 78 9.13 -0.94 -8.58
CA HIS D 78 9.47 -2.26 -8.05
C HIS D 78 8.25 -3.18 -8.08
N PRO D 79 8.07 -3.98 -9.08
CA PRO D 79 6.89 -4.87 -9.06
C PRO D 79 7.12 -6.12 -8.22
N HIS D 80 7.31 -5.94 -6.91
CA HIS D 80 7.61 -7.06 -6.02
C HIS D 80 6.81 -6.90 -4.74
N GLY D 81 6.86 -7.94 -3.92
CA GLY D 81 6.08 -7.95 -2.70
C GLY D 81 6.52 -6.88 -1.72
N ASP D 82 5.56 -6.42 -0.92
CA ASP D 82 5.81 -5.31 -0.01
C ASP D 82 6.89 -5.62 1.02
N SER D 83 6.94 -6.88 1.48
CA SER D 83 7.91 -7.21 2.53
C SER D 83 9.32 -6.95 2.05
N SER D 84 9.65 -7.32 0.82
CA SER D 84 10.99 -7.04 0.34
C SER D 84 11.31 -5.56 0.45
N ILE D 85 10.36 -4.72 0.03
CA ILE D 85 10.56 -3.28 0.02
C ILE D 85 10.59 -2.73 1.43
N TYR D 86 9.60 -3.08 2.24
CA TYR D 86 9.54 -2.50 3.57
C TYR D 86 10.76 -2.88 4.38
N GLU D 87 11.16 -4.15 4.29
CA GLU D 87 12.29 -4.63 5.07
C GLU D 87 13.59 -3.99 4.62
N ALA D 88 13.73 -3.77 3.31
CA ALA D 88 14.91 -3.05 2.83
C ALA D 88 14.96 -1.64 3.39
N MET D 89 13.82 -0.95 3.40
CA MET D 89 13.75 0.39 3.93
C MET D 89 14.09 0.41 5.42
N VAL D 90 13.60 -0.57 6.17
CA VAL D 90 13.87 -0.64 7.61
C VAL D 90 15.37 -0.72 7.89
N ARG D 91 16.06 -1.65 7.20
N ARG D 91 16.07 -1.61 7.18
CA ARG D 91 17.51 -1.82 7.32
CA ARG D 91 17.51 -1.82 7.35
C ARG D 91 18.24 -0.50 7.19
C ARG D 91 18.34 -0.59 7.04
N MET D 92 17.85 0.32 6.21
CA MET D 92 18.52 1.58 5.93
C MET D 92 18.25 2.59 7.04
N ALA D 93 17.31 2.32 7.94
CA ALA D 93 16.97 3.22 9.02
C ALA D 93 17.55 2.81 10.35
N GLN D 94 18.36 1.76 10.41
CA GLN D 94 18.89 1.22 11.66
C GLN D 94 20.33 1.63 11.84
N ASP D 95 20.63 2.29 12.97
CA ASP D 95 22.00 2.75 13.21
C ASP D 95 22.97 1.58 13.34
N PHE D 96 22.51 0.43 13.83
CA PHE D 96 23.41 -0.71 13.95
C PHE D 96 23.65 -1.42 12.63
N SER D 97 22.82 -1.20 11.63
CA SER D 97 23.05 -1.80 10.32
C SER D 97 23.77 -0.87 9.36
N TYR D 98 23.40 0.40 9.30
CA TYR D 98 24.02 1.34 8.37
C TYR D 98 24.95 2.28 9.11
N ARG D 99 26.22 2.27 8.70
CA ARG D 99 27.20 3.19 9.25
C ARG D 99 26.79 4.63 9.04
N TYR D 100 26.12 4.90 7.92
CA TYR D 100 25.61 6.23 7.59
C TYR D 100 24.20 6.01 7.09
N PRO D 101 23.21 6.10 7.98
CA PRO D 101 21.83 5.75 7.63
C PRO D 101 21.26 6.61 6.52
N LEU D 102 20.63 5.95 5.57
CA LEU D 102 19.99 6.61 4.45
C LEU D 102 18.51 6.88 4.69
N VAL D 103 17.94 6.40 5.77
CA VAL D 103 16.51 6.54 6.01
C VAL D 103 16.29 6.93 7.46
N ASP D 104 15.46 7.94 7.65
CA ASP D 104 15.05 8.38 8.98
C ASP D 104 13.68 7.80 9.24
N GLY D 105 13.53 7.07 10.34
CA GLY D 105 12.30 6.38 10.62
C GLY D 105 11.74 6.71 11.99
N GLN D 106 10.42 6.79 12.05
CA GLN D 106 9.73 7.08 13.29
C GLN D 106 8.90 5.87 13.68
N GLY D 107 9.10 5.40 14.90
CA GLY D 107 8.38 4.24 15.36
C GLY D 107 9.37 3.20 15.78
N ASN D 108 8.93 1.96 15.86
CA ASN D 108 9.83 0.87 16.19
C ASN D 108 10.43 0.32 14.90
N PHE D 109 11.72 0.56 14.70
CA PHE D 109 12.38 0.05 13.51
C PHE D 109 13.34 -1.09 13.79
N GLY D 110 13.33 -1.63 15.00
CA GLY D 110 14.11 -2.82 15.32
C GLY D 110 15.14 -2.56 16.39
N SER D 111 15.86 -3.63 16.72
CA SER D 111 16.92 -3.59 17.72
C SER D 111 17.93 -4.68 17.39
N MET D 112 19.00 -4.74 18.17
CA MET D 112 20.08 -5.68 17.86
C MET D 112 19.84 -7.08 18.39
N ASP D 113 18.66 -7.32 18.99
CA ASP D 113 18.22 -8.65 19.42
C ASP D 113 17.58 -9.45 18.31
N GLY D 114 17.46 -8.86 17.13
CA GLY D 114 16.83 -9.51 16.02
C GLY D 114 15.32 -9.40 16.06
N ASP D 115 14.76 -8.78 17.07
CA ASP D 115 13.35 -8.50 17.02
C ASP D 115 13.09 -7.55 15.87
N GLY D 116 12.17 -7.91 15.01
CA GLY D 116 11.90 -7.10 13.85
C GLY D 116 11.24 -5.79 14.22
N ALA D 117 11.09 -4.98 13.20
CA ALA D 117 10.42 -3.70 13.31
C ALA D 117 8.91 -3.90 13.30
N ALA D 118 8.19 -2.82 13.58
CA ALA D 118 6.73 -2.86 13.56
C ALA D 118 6.20 -2.98 12.13
N ALA D 119 4.93 -3.36 12.02
CA ALA D 119 4.30 -3.43 10.70
C ALA D 119 4.21 -2.05 10.04
N MET D 120 4.07 -2.03 8.70
CA MET D 120 4.06 -0.79 7.94
C MET D 120 3.09 0.24 8.51
N ARG D 121 1.96 -0.21 9.04
CA ARG D 121 0.95 0.68 9.56
C ARG D 121 1.48 1.53 10.72
N PTR D 122 2.36 0.96 11.53
CA PTR D 122 2.83 1.65 12.72
C PTR D 122 4.13 2.47 12.62
O PTR D 122 4.58 2.94 13.67
CB PTR D 122 3.07 0.67 13.87
CG PTR D 122 2.02 -0.41 14.04
CD1 PTR D 122 0.83 -0.17 14.72
CD2 PTR D 122 2.25 -1.70 13.55
CE1 PTR D 122 -0.11 -1.18 14.89
CE2 PTR D 122 1.31 -2.71 13.72
CZ PTR D 122 0.13 -2.43 14.37
OH PTR D 122 -0.69 -3.44 14.51
P PTR D 122 -2.29 -3.31 14.51
O1P PTR D 122 -2.70 -2.99 13.04
O2P PTR D 122 -2.68 -2.20 15.47
O3P PTR D 122 -2.91 -4.66 14.97
N THR D 123 4.74 2.65 11.46
CA THR D 123 6.02 3.39 11.38
C THR D 123 5.98 4.55 10.38
N GLU D 124 6.84 5.55 10.55
CA GLU D 124 6.92 6.70 9.65
C GLU D 124 8.33 6.82 9.11
N ALA D 125 8.50 7.42 7.92
CA ALA D 125 9.87 7.48 7.38
C ALA D 125 10.09 8.68 6.47
N ARG D 126 11.35 9.10 6.35
CA ARG D 126 11.79 10.10 5.39
C ARG D 126 13.28 9.91 5.11
N MET D 127 13.83 10.72 4.19
CA MET D 127 15.27 10.77 3.98
C MET D 127 15.98 11.24 5.24
N THR D 128 17.22 10.76 5.40
CA THR D 128 18.18 11.44 6.25
C THR D 128 18.87 12.55 5.44
N LYS D 129 19.50 13.47 6.17
CA LYS D 129 20.26 14.55 5.55
C LYS D 129 21.34 14.04 4.62
N ILE D 130 22.05 12.96 5.01
CA ILE D 130 23.13 12.47 4.17
C ILE D 130 22.57 11.94 2.84
N THR D 131 21.35 11.40 2.85
CA THR D 131 20.77 10.88 1.62
C THR D 131 20.58 11.98 0.59
N LEU D 132 20.29 13.21 1.04
CA LEU D 132 20.21 14.32 0.09
C LEU D 132 21.47 14.40 -0.76
N GLU D 133 22.62 14.01 -0.22
CA GLU D 133 23.84 14.01 -1.00
C GLU D 133 23.93 12.85 -1.96
N LEU D 134 23.20 11.76 -1.73
CA LEU D 134 23.13 10.74 -2.78
C LEU D 134 22.28 11.19 -3.93
N LEU D 135 21.27 12.01 -3.65
CA LEU D 135 20.29 12.44 -4.62
C LEU D 135 20.61 13.80 -5.20
N ARG D 136 21.66 14.44 -4.71
CA ARG D 136 22.01 15.79 -5.10
C ARG D 136 22.27 15.85 -6.59
N ASP D 137 21.79 16.94 -7.21
CA ASP D 137 21.93 17.21 -8.64
C ASP D 137 21.35 16.11 -9.52
N ILE D 138 20.37 15.33 -9.03
CA ILE D 138 19.86 14.25 -9.87
C ILE D 138 19.08 14.81 -11.04
N ASN D 139 18.38 15.91 -10.81
CA ASN D 139 17.56 16.53 -11.85
C ASN D 139 18.41 17.24 -12.89
N LYS D 140 19.52 17.81 -12.48
CA LYS D 140 20.38 18.56 -13.38
C LYS D 140 21.10 17.68 -14.40
N ASP D 141 20.44 16.62 -14.87
CA ASP D 141 20.95 15.76 -15.94
C ASP D 141 22.39 15.31 -15.68
N THR D 142 22.54 14.52 -14.62
CA THR D 142 23.84 14.03 -14.24
C THR D 142 23.98 12.53 -14.39
N ILE D 143 22.87 11.82 -14.56
CA ILE D 143 22.83 10.37 -14.66
C ILE D 143 21.72 10.02 -15.64
N ASP D 144 21.83 8.83 -16.21
CA ASP D 144 20.90 8.40 -17.26
C ASP D 144 19.64 7.78 -16.67
N PHE D 145 18.48 8.24 -17.13
CA PHE D 145 17.24 7.62 -16.74
C PHE D 145 16.90 6.49 -17.70
N ILE D 146 16.04 5.57 -17.25
CA ILE D 146 15.59 4.45 -18.06
C ILE D 146 14.09 4.29 -17.83
N ASP D 147 13.44 3.66 -18.80
CA ASP D 147 12.03 3.29 -18.60
C ASP D 147 11.88 2.34 -17.43
N ASN D 148 10.79 2.50 -16.69
CA ASN D 148 10.44 1.54 -15.64
C ASN D 148 9.72 0.32 -16.25
N TYR D 149 9.35 -0.62 -15.37
CA TYR D 149 8.91 -1.95 -15.80
C TYR D 149 7.66 -1.95 -16.70
N ASP D 150 6.72 -1.05 -16.47
CA ASP D 150 5.51 -1.08 -17.31
C ASP D 150 5.48 -0.01 -18.39
N GLY D 151 6.56 0.74 -18.53
CA GLY D 151 6.65 1.79 -19.52
C GLY D 151 6.10 3.10 -19.04
N ASN D 152 5.57 3.15 -17.82
CA ASN D 152 4.72 4.25 -17.39
C ASN D 152 5.45 5.28 -16.56
N GLU D 153 6.67 5.00 -16.12
CA GLU D 153 7.48 6.00 -15.44
C GLU D 153 8.91 5.92 -15.93
N ARG D 154 9.71 6.85 -15.40
CA ARG D 154 11.14 6.88 -15.58
C ARG D 154 11.80 6.74 -14.22
N GLU D 155 12.91 6.01 -14.18
CA GLU D 155 13.67 5.83 -12.96
C GLU D 155 15.15 6.01 -13.24
N PRO D 156 15.94 6.36 -12.23
CA PRO D 156 17.39 6.53 -12.42
C PRO D 156 18.09 5.19 -12.60
N SER D 157 19.09 5.16 -13.47
CA SER D 157 19.90 3.95 -13.58
C SER D 157 20.90 3.81 -12.45
N VAL D 158 21.23 4.92 -11.79
CA VAL D 158 22.29 5.05 -10.80
C VAL D 158 22.08 6.41 -10.15
N LEU D 159 22.45 6.56 -8.88
CA LEU D 159 22.30 7.88 -8.30
C LEU D 159 23.60 8.64 -8.33
N PRO D 160 23.54 9.97 -8.26
CA PRO D 160 24.75 10.80 -8.35
C PRO D 160 25.79 10.49 -7.29
N ALA D 161 25.35 10.18 -6.07
CA ALA D 161 26.20 9.62 -5.04
C ALA D 161 27.39 10.53 -4.74
N ARG D 162 27.09 11.70 -4.18
CA ARG D 162 28.15 12.67 -3.96
C ARG D 162 29.07 12.30 -2.80
N PHE D 163 28.92 11.11 -2.23
CA PHE D 163 29.80 10.57 -1.21
C PHE D 163 29.94 9.06 -1.37
N PRO D 164 31.15 8.52 -1.20
CA PRO D 164 31.47 7.17 -1.68
C PRO D 164 30.73 6.08 -0.95
N ASN D 165 29.56 5.70 -1.45
CA ASN D 165 28.56 5.05 -0.63
C ASN D 165 28.61 3.53 -0.67
N LEU D 166 29.29 2.96 -1.66
CA LEU D 166 29.45 1.51 -1.66
C LEU D 166 30.37 1.09 -0.54
N LEU D 167 31.44 1.83 -0.36
CA LEU D 167 32.47 1.47 0.59
C LEU D 167 32.09 1.88 1.98
N ALA D 168 31.19 2.84 2.11
CA ALA D 168 30.94 3.51 3.37
C ALA D 168 29.86 2.82 4.16
N ASN D 169 28.83 2.37 3.48
CA ASN D 169 27.79 1.59 4.08
C ASN D 169 27.96 0.11 3.81
N GLY D 170 28.88 -0.28 2.92
CA GLY D 170 29.11 -1.67 2.60
C GLY D 170 27.94 -2.29 1.88
N ALA D 171 28.01 -3.59 1.63
CA ALA D 171 26.89 -4.31 1.03
C ALA D 171 27.00 -5.79 1.39
N SER D 172 25.86 -6.47 1.38
CA SER D 172 25.87 -7.93 1.48
C SER D 172 24.73 -8.47 0.64
N GLY D 173 25.04 -9.42 -0.24
CA GLY D 173 24.05 -9.88 -1.20
C GLY D 173 24.35 -11.26 -1.76
N ILE D 174 23.40 -12.17 -1.65
CA ILE D 174 23.55 -13.53 -2.17
C ILE D 174 22.94 -13.56 -3.56
N ALA D 175 23.73 -13.89 -4.58
CA ALA D 175 23.23 -13.85 -5.95
C ALA D 175 23.02 -15.28 -6.46
N VAL D 176 23.39 -15.54 -7.72
CA VAL D 176 23.43 -16.91 -8.21
C VAL D 176 24.82 -17.11 -8.84
N GLY D 177 25.51 -18.16 -8.43
CA GLY D 177 26.87 -18.42 -8.86
C GLY D 177 27.91 -17.48 -8.27
N MET D 178 27.49 -16.45 -7.52
CA MET D 178 28.39 -15.59 -6.76
C MET D 178 27.59 -14.91 -5.66
N ALA D 179 28.33 -14.23 -4.77
CA ALA D 179 27.71 -13.39 -3.74
C ALA D 179 28.66 -12.21 -3.44
N THR D 180 28.20 -11.29 -2.58
CA THR D 180 29.02 -10.14 -2.19
C THR D 180 28.95 -9.88 -0.70
N ASN D 181 30.09 -9.47 -0.12
CA ASN D 181 30.15 -9.05 1.29
C ASN D 181 31.22 -7.96 1.39
N ILE D 182 30.79 -6.71 1.45
CA ILE D 182 31.67 -5.56 1.66
C ILE D 182 31.37 -4.94 3.00
N PRO D 183 32.35 -4.74 3.87
CA PRO D 183 32.11 -4.15 5.16
C PRO D 183 31.94 -2.56 5.02
N PRO D 184 31.28 -1.97 6.00
CA PRO D 184 31.25 -0.49 6.02
C PRO D 184 32.60 0.12 6.39
N HIS D 185 32.74 1.44 6.16
CA HIS D 185 33.99 2.16 6.38
C HIS D 185 33.72 3.55 6.98
N ASN D 186 34.77 4.19 7.50
CA ASN D 186 34.62 5.54 8.03
C ASN D 186 34.66 6.55 6.89
N LEU D 187 33.69 7.48 6.89
CA LEU D 187 33.55 8.42 5.78
C LEU D 187 34.74 9.35 5.66
N THR D 188 35.22 9.87 6.79
CA THR D 188 36.35 10.78 6.74
C THR D 188 37.54 10.12 6.05
N GLU D 189 37.86 8.90 6.44
CA GLU D 189 38.99 8.21 5.83
C GLU D 189 38.72 7.87 4.38
N LEU D 190 37.48 7.48 4.07
CA LEU D 190 37.14 7.15 2.70
C LEU D 190 37.41 8.31 1.78
N ILE D 191 36.97 9.50 2.18
CA ILE D 191 37.10 10.65 1.30
C ILE D 191 38.54 11.12 1.25
N ASN D 192 39.23 11.12 2.39
CA ASN D 192 40.65 11.43 2.35
C ASN D 192 41.37 10.51 1.39
N GLY D 193 40.96 9.24 1.33
CA GLY D 193 41.57 8.33 0.37
C GLY D 193 41.24 8.71 -1.07
N VAL D 194 39.99 9.09 -1.33
CA VAL D 194 39.64 9.57 -2.66
C VAL D 194 40.47 10.80 -3.02
N LEU D 195 40.64 11.71 -2.06
CA LEU D 195 41.43 12.92 -2.32
C LEU D 195 42.88 12.56 -2.66
N SER D 196 43.51 11.71 -1.86
CA SER D 196 44.87 11.27 -2.18
C SER D 196 44.92 10.59 -3.54
N LEU D 197 43.91 9.82 -3.88
CA LEU D 197 43.93 9.11 -5.16
C LEU D 197 43.81 10.08 -6.31
N SER D 198 43.14 11.20 -6.10
CA SER D 198 42.94 12.17 -7.17
C SER D 198 44.23 12.92 -7.47
N LYS D 199 45.10 13.05 -6.49
CA LYS D 199 46.35 13.77 -6.67
C LYS D 199 47.45 12.85 -7.16
N ASN D 200 47.17 11.57 -7.33
CA ASN D 200 48.20 10.58 -7.56
C ASN D 200 47.57 9.28 -8.04
N PRO D 201 47.36 9.14 -9.35
CA PRO D 201 46.62 7.98 -9.86
C PRO D 201 47.38 6.67 -9.84
N ASP D 202 48.71 6.71 -9.63
CA ASP D 202 49.51 5.51 -9.49
C ASP D 202 49.75 5.15 -8.03
N ILE D 203 48.81 5.50 -7.17
CA ILE D 203 48.94 5.29 -5.75
C ILE D 203 48.65 3.82 -5.45
N SER D 204 49.23 3.34 -4.37
CA SER D 204 49.27 1.91 -4.08
C SER D 204 48.35 1.59 -2.91
N ILE D 205 47.88 0.36 -2.87
CA ILE D 205 46.84 0.00 -1.90
C ILE D 205 47.35 0.24 -0.48
N ALA D 206 48.60 -0.13 -0.22
CA ALA D 206 49.32 0.28 0.98
C ALA D 206 49.17 1.75 1.28
N GLU D 207 49.44 2.58 0.27
N GLU D 207 49.44 2.57 0.28
CA GLU D 207 49.41 4.02 0.48
CA GLU D 207 49.41 4.01 0.48
C GLU D 207 47.99 4.47 0.80
C GLU D 207 48.00 4.47 0.81
N LEU D 208 47.02 4.03 0.02
CA LEU D 208 45.62 4.26 0.33
C LEU D 208 45.31 3.90 1.77
N MET D 209 45.92 2.83 2.30
CA MET D 209 45.68 2.35 3.66
C MET D 209 46.26 3.24 4.74
N GLU D 210 47.02 4.28 4.38
CA GLU D 210 47.38 5.31 5.35
C GLU D 210 46.20 6.20 5.66
N ASP D 211 45.23 6.27 4.75
CA ASP D 211 43.96 6.95 5.01
C ASP D 211 42.90 5.96 5.47
N ILE D 212 42.62 4.95 4.65
CA ILE D 212 41.63 3.92 4.97
C ILE D 212 42.31 2.86 5.82
N GLU D 213 42.05 2.88 7.11
CA GLU D 213 42.78 2.01 8.04
C GLU D 213 42.31 0.57 8.03
N GLY D 214 41.12 0.30 7.49
CA GLY D 214 40.33 -0.84 7.84
C GLY D 214 38.86 -0.45 7.85
N PRO D 215 38.01 -1.45 8.02
CA PRO D 215 36.57 -1.19 8.14
C PRO D 215 36.23 -0.36 9.37
N ASP D 216 35.02 0.19 9.39
CA ASP D 216 34.54 0.92 10.57
C ASP D 216 33.06 0.54 10.75
N PHE D 217 32.79 -0.39 11.64
CA PHE D 217 31.44 -0.90 11.79
C PHE D 217 30.57 0.03 12.64
N PRO D 218 29.28 0.17 12.31
CA PRO D 218 28.39 0.99 13.13
C PRO D 218 28.40 0.61 14.59
N THR D 219 28.61 -0.65 14.89
CA THR D 219 28.55 -1.24 16.21
C THR D 219 29.85 -1.17 17.00
N ALA D 220 30.90 -0.53 16.45
CA ALA D 220 32.21 -0.41 17.08
C ALA D 220 32.89 -1.78 17.23
N GLY D 221 33.35 -2.16 18.41
CA GLY D 221 34.08 -3.39 18.52
C GLY D 221 35.54 -3.25 18.19
N LEU D 222 36.20 -4.40 18.12
CA LEU D 222 37.62 -4.48 17.83
C LEU D 222 37.79 -5.30 16.55
N ILE D 223 38.79 -4.93 15.76
CA ILE D 223 39.35 -5.81 14.75
C ILE D 223 40.72 -6.26 15.24
N LEU D 224 40.95 -7.57 15.21
CA LEU D 224 42.22 -8.17 15.66
C LEU D 224 43.17 -8.25 14.47
N GLY D 225 44.15 -7.35 14.45
CA GLY D 225 45.28 -7.48 13.54
C GLY D 225 45.03 -6.87 12.18
N LYS D 226 46.12 -6.43 11.55
CA LYS D 226 46.05 -5.69 10.30
C LYS D 226 46.20 -6.60 9.09
N SER D 227 46.23 -7.90 9.31
CA SER D 227 46.77 -8.82 8.34
C SER D 227 45.73 -9.31 7.35
N GLY D 228 44.46 -9.19 7.70
CA GLY D 228 43.39 -9.73 6.90
C GLY D 228 42.64 -8.60 6.25
N ILE D 229 42.74 -7.41 6.85
CA ILE D 229 42.36 -6.19 6.14
C ILE D 229 43.18 -6.07 4.86
N ARG D 230 44.50 -6.14 5.01
CA ARG D 230 45.39 -5.92 3.88
C ARG D 230 45.09 -6.91 2.76
N ARG D 231 44.88 -8.17 3.12
CA ARG D 231 44.56 -9.17 2.11
C ARG D 231 43.27 -8.81 1.38
N ALA D 232 42.26 -8.33 2.12
CA ALA D 232 40.99 -7.96 1.49
C ALA D 232 41.14 -6.74 0.59
N TYR D 233 41.83 -5.69 1.06
CA TYR D 233 42.03 -4.49 0.24
C TYR D 233 42.95 -4.74 -0.95
N GLU D 234 43.70 -5.82 -0.97
CA GLU D 234 44.61 -6.02 -2.09
C GLU D 234 44.06 -6.97 -3.13
N THR D 235 43.27 -7.94 -2.68
CA THR D 235 42.74 -9.00 -3.51
C THR D 235 41.24 -9.03 -3.57
N GLY D 236 40.56 -8.34 -2.67
CA GLY D 236 39.13 -8.27 -2.64
C GLY D 236 38.48 -9.28 -1.72
N ARG D 237 39.26 -10.25 -1.21
CA ARG D 237 38.72 -11.32 -0.37
C ARG D 237 39.62 -11.48 0.83
N GLY D 238 39.04 -11.43 2.02
CA GLY D 238 39.86 -11.69 3.20
C GLY D 238 38.98 -11.94 4.40
N SER D 239 39.59 -12.46 5.46
CA SER D 239 38.89 -12.66 6.72
C SER D 239 39.35 -11.66 7.75
N ILE D 240 38.39 -11.06 8.43
CA ILE D 240 38.62 -10.05 9.46
C ILE D 240 38.02 -10.53 10.76
N GLN D 241 38.85 -10.62 11.81
CA GLN D 241 38.39 -11.09 13.11
C GLN D 241 37.82 -9.94 13.94
N MET D 242 36.59 -10.11 14.42
CA MET D 242 35.93 -9.08 15.20
C MET D 242 35.82 -9.54 16.65
N ARG D 243 36.00 -8.61 17.58
CA ARG D 243 35.75 -8.91 18.98
C ARG D 243 34.84 -7.88 19.59
N SER D 244 33.92 -8.38 20.39
CA SER D 244 33.24 -7.55 21.38
C SER D 244 34.24 -6.72 22.17
N ARG D 245 33.80 -5.54 22.63
CA ARG D 245 34.54 -4.80 23.63
C ARG D 245 34.10 -5.27 25.01
N ALA D 246 35.02 -5.88 25.76
CA ALA D 246 34.69 -6.44 27.06
C ALA D 246 35.78 -6.07 28.07
N VAL D 247 35.37 -5.73 29.30
CA VAL D 247 36.29 -5.53 30.40
C VAL D 247 35.96 -6.45 31.56
N ILE D 248 36.93 -6.60 32.45
CA ILE D 248 36.81 -7.33 33.70
C ILE D 248 36.84 -6.32 34.84
N GLU D 249 35.90 -6.45 35.78
CA GLU D 249 35.75 -5.40 36.79
C GLU D 249 35.16 -5.97 38.09
N GLU D 250 35.49 -5.31 39.20
CA GLU D 250 35.02 -5.73 40.52
C GLU D 250 33.55 -5.41 40.71
N ARG D 251 32.84 -6.27 41.46
CA ARG D 251 31.44 -6.02 41.77
C ARG D 251 31.13 -6.10 43.26
N GLY D 252 32.15 -6.17 44.11
CA GLY D 252 31.96 -6.19 45.55
C GLY D 252 32.04 -7.57 46.17
N GLY D 253 32.69 -7.67 47.34
CA GLY D 253 32.88 -8.94 47.97
C GLY D 253 34.05 -9.72 47.45
N GLY D 254 34.98 -9.07 46.75
CA GLY D 254 36.08 -9.79 46.17
C GLY D 254 35.65 -10.63 45.00
N ARG D 255 34.65 -10.16 44.26
CA ARG D 255 34.04 -10.87 43.15
C ARG D 255 34.12 -9.99 41.91
N GLN D 256 34.00 -10.63 40.73
CA GLN D 256 34.17 -9.92 39.47
C GLN D 256 33.04 -10.22 38.50
N ARG D 257 33.05 -9.46 37.41
CA ARG D 257 32.14 -9.66 36.30
C ARG D 257 32.84 -9.25 35.01
N ILE D 258 32.39 -9.83 33.89
CA ILE D 258 32.80 -9.44 32.53
C ILE D 258 31.71 -8.52 31.99
N VAL D 259 32.08 -7.36 31.47
CA VAL D 259 31.08 -6.41 30.99
C VAL D 259 31.35 -6.12 29.51
N VAL D 260 30.37 -6.42 28.66
CA VAL D 260 30.48 -6.27 27.22
C VAL D 260 29.68 -5.03 26.82
N THR D 261 30.34 -4.08 26.16
CA THR D 261 29.66 -2.85 25.77
C THR D 261 29.56 -2.66 24.26
N GLU D 262 30.26 -3.46 23.47
CA GLU D 262 30.15 -3.46 22.02
C GLU D 262 30.18 -4.89 21.53
N ILE D 263 29.33 -5.24 20.56
CA ILE D 263 29.34 -6.59 19.97
C ILE D 263 29.70 -6.53 18.49
N PRO D 264 30.07 -7.65 17.86
CA PRO D 264 30.51 -7.60 16.47
C PRO D 264 29.36 -7.27 15.52
N PHE D 265 29.75 -6.72 14.38
CA PHE D 265 28.81 -6.34 13.35
C PHE D 265 27.96 -7.52 12.92
N GLN D 266 26.64 -7.29 12.84
CA GLN D 266 25.67 -8.27 12.34
C GLN D 266 25.39 -9.41 13.29
N VAL D 267 26.00 -9.42 14.47
CA VAL D 267 25.68 -10.39 15.50
C VAL D 267 24.41 -9.98 16.20
N ASN D 268 23.49 -10.90 16.31
CA ASN D 268 22.26 -10.68 17.02
C ASN D 268 22.55 -10.82 18.51
N LYS D 269 22.14 -9.83 19.30
CA LYS D 269 22.51 -9.84 20.72
C LYS D 269 21.74 -10.89 21.49
N ALA D 270 20.41 -10.81 21.40
CA ALA D 270 19.55 -11.75 22.10
C ALA D 270 19.98 -13.17 21.84
N ARG D 271 20.25 -13.49 20.58
CA ARG D 271 20.78 -14.81 20.28
C ARG D 271 22.08 -15.04 21.05
N MET D 272 23.05 -14.15 20.87
CA MET D 272 24.32 -14.29 21.54
C MET D 272 24.14 -14.58 23.03
N ILE D 273 23.23 -13.88 23.70
CA ILE D 273 23.01 -14.10 25.13
C ILE D 273 22.41 -15.48 25.38
N GLU D 274 21.57 -15.94 24.48
N GLU D 274 21.53 -15.91 24.48
CA GLU D 274 20.95 -17.26 24.65
CA GLU D 274 20.93 -17.24 24.55
C GLU D 274 21.98 -18.37 24.45
C GLU D 274 22.00 -18.32 24.47
N LYS D 275 22.90 -18.18 23.49
CA LYS D 275 24.00 -19.13 23.35
C LYS D 275 24.82 -19.22 24.62
N ILE D 276 25.07 -18.09 25.28
CA ILE D 276 25.81 -18.13 26.57
C ILE D 276 25.02 -18.88 27.63
N ALA D 277 23.73 -18.54 27.78
CA ALA D 277 22.87 -19.19 28.77
C ALA D 277 22.83 -20.69 28.54
N GLU D 278 22.67 -21.09 27.27
CA GLU D 278 22.65 -22.50 26.92
C GLU D 278 23.97 -23.19 27.26
N LEU D 279 25.11 -22.57 26.95
CA LEU D 279 26.39 -23.15 27.35
C LEU D 279 26.45 -23.36 28.85
N VAL D 280 25.99 -22.38 29.63
CA VAL D 280 25.97 -22.50 31.08
C VAL D 280 25.11 -23.67 31.49
N ARG D 281 23.88 -23.69 30.98
CA ARG D 281 22.91 -24.74 31.26
C ARG D 281 23.46 -26.14 30.98
N ASP D 282 24.08 -26.33 29.81
CA ASP D 282 24.62 -27.64 29.43
C ASP D 282 26.00 -27.93 30.02
N LYS D 283 26.46 -27.13 30.99
CA LYS D 283 27.79 -27.29 31.62
C LYS D 283 28.92 -27.40 30.61
N LYS D 284 28.82 -26.71 29.47
CA LYS D 284 29.94 -26.63 28.52
C LYS D 284 30.89 -25.46 28.79
N ILE D 285 30.64 -24.64 29.81
CA ILE D 285 31.57 -23.59 30.23
C ILE D 285 31.47 -23.39 31.74
N ASP D 286 32.61 -23.41 32.41
N ASP D 286 32.60 -23.42 32.43
CA ASP D 286 32.62 -23.29 33.85
CA ASP D 286 32.61 -23.31 33.87
C ASP D 286 32.80 -21.86 34.30
C ASP D 286 32.82 -21.88 34.33
N GLY D 287 31.92 -21.42 35.19
CA GLY D 287 32.28 -20.35 36.09
C GLY D 287 31.37 -19.16 36.09
N ILE D 288 30.26 -19.26 35.38
CA ILE D 288 29.33 -18.16 35.22
C ILE D 288 28.18 -18.34 36.17
N THR D 289 27.92 -17.31 36.99
CA THR D 289 26.89 -17.36 38.01
C THR D 289 25.65 -16.54 37.67
N ASP D 290 25.77 -15.55 36.80
CA ASP D 290 24.62 -14.77 36.36
C ASP D 290 24.92 -14.14 35.00
N LEU D 291 23.83 -13.75 34.34
CA LEU D 291 23.86 -13.29 32.96
C LEU D 291 22.73 -12.29 32.79
N ARG D 292 23.04 -11.03 32.55
CA ARG D 292 22.02 -10.00 32.48
C ARG D 292 22.24 -9.08 31.31
N ASP D 293 21.16 -8.76 30.66
CA ASP D 293 21.15 -7.75 29.63
C ASP D 293 20.74 -6.45 30.30
N GLU D 294 21.69 -5.55 30.47
CA GLU D 294 21.40 -4.30 31.18
C GLU D 294 21.32 -3.12 30.23
N THR D 295 21.07 -3.38 28.95
CA THR D 295 21.15 -2.36 27.93
C THR D 295 19.95 -1.43 28.00
N SER D 296 20.23 -0.13 28.00
CA SER D 296 19.20 0.88 27.85
C SER D 296 19.48 1.68 26.59
N LEU D 297 18.51 2.53 26.26
CA LEU D 297 18.81 3.70 25.43
C LEU D 297 19.95 4.51 26.03
N ARG D 298 19.84 4.81 27.33
CA ARG D 298 20.77 5.74 27.95
C ARG D 298 22.20 5.22 27.88
N THR D 299 22.42 4.07 28.49
CA THR D 299 23.75 3.62 28.89
C THR D 299 24.42 2.75 27.85
N GLY D 300 23.82 2.62 26.68
CA GLY D 300 24.41 1.88 25.59
C GLY D 300 24.14 0.41 25.75
N VAL D 301 24.87 -0.38 24.97
CA VAL D 301 24.84 -1.82 25.16
C VAL D 301 25.59 -2.17 26.42
N ARG D 302 25.00 -3.02 27.27
CA ARG D 302 25.67 -3.47 28.51
C ARG D 302 25.21 -4.89 28.83
N VAL D 303 26.06 -5.88 28.53
CA VAL D 303 25.82 -7.28 28.86
C VAL D 303 26.79 -7.67 29.96
N VAL D 304 26.26 -8.15 31.09
CA VAL D 304 27.02 -8.44 32.28
C VAL D 304 27.02 -9.94 32.55
N ILE D 305 28.20 -10.52 32.72
CA ILE D 305 28.40 -11.94 33.00
C ILE D 305 29.11 -12.03 34.34
N ASP D 306 28.38 -12.39 35.40
CA ASP D 306 28.93 -12.49 36.75
C ASP D 306 29.71 -13.78 36.95
N VAL D 307 30.84 -13.70 37.66
CA VAL D 307 31.88 -14.72 37.61
C VAL D 307 32.14 -15.29 38.99
N ARG D 308 32.10 -16.62 39.08
CA ARG D 308 32.15 -17.32 40.36
C ARG D 308 33.37 -16.94 41.17
N LYS D 309 33.15 -16.75 42.48
CA LYS D 309 34.20 -16.17 43.31
C LYS D 309 35.45 -17.03 43.28
N ASP D 310 36.59 -16.36 43.09
CA ASP D 310 37.94 -16.90 42.97
C ASP D 310 38.17 -17.74 41.71
N ALA D 311 37.20 -17.80 40.80
CA ALA D 311 37.48 -18.32 39.48
C ALA D 311 38.19 -17.26 38.64
N ASN D 312 38.84 -17.69 37.57
CA ASN D 312 39.61 -16.75 36.76
C ASN D 312 38.72 -16.26 35.61
N ALA D 313 38.71 -14.96 35.44
CA ALA D 313 37.70 -14.33 34.61
C ALA D 313 38.19 -14.00 33.22
N SER D 314 39.46 -13.66 33.10
CA SER D 314 40.10 -13.63 31.79
C SER D 314 39.90 -14.95 31.08
N VAL D 315 40.21 -16.04 31.78
CA VAL D 315 40.05 -17.38 31.22
C VAL D 315 38.61 -17.60 30.79
N ILE D 316 37.65 -17.20 31.61
CA ILE D 316 36.25 -17.35 31.17
C ILE D 316 36.02 -16.54 29.91
N LEU D 317 36.50 -15.29 29.91
CA LEU D 317 36.31 -14.43 28.76
C LEU D 317 36.84 -15.09 27.51
N ASN D 318 38.10 -15.55 27.57
CA ASN D 318 38.74 -16.20 26.44
C ASN D 318 37.89 -17.33 25.89
N ASN D 319 37.33 -18.14 26.76
CA ASN D 319 36.45 -19.22 26.32
C ASN D 319 35.22 -18.68 25.61
N LEU D 320 34.60 -17.64 26.16
CA LEU D 320 33.43 -17.06 25.51
C LEU D 320 33.74 -16.62 24.09
N TYR D 321 34.96 -16.14 23.84
CA TYR D 321 35.38 -15.80 22.49
C TYR D 321 35.45 -17.02 21.59
N LYS D 322 35.76 -18.18 22.15
CA LYS D 322 35.88 -19.42 21.36
C LYS D 322 34.54 -20.04 21.06
N GLN D 323 33.58 -19.88 21.96
CA GLN D 323 32.37 -20.68 21.94
C GLN D 323 31.10 -19.90 21.62
N THR D 324 31.17 -18.60 21.43
CA THR D 324 29.99 -17.76 21.25
C THR D 324 30.26 -16.71 20.21
N PRO D 325 29.24 -16.06 19.63
CA PRO D 325 29.48 -15.03 18.61
C PRO D 325 30.15 -13.77 19.15
N LEU D 326 30.46 -13.72 20.45
CA LEU D 326 31.21 -12.64 21.08
C LEU D 326 32.53 -12.31 20.35
N GLN D 327 33.27 -13.30 19.84
CA GLN D 327 34.25 -13.08 18.76
C GLN D 327 33.68 -13.71 17.51
N THR D 328 33.77 -13.02 16.35
CA THR D 328 33.11 -13.41 15.09
C THR D 328 33.97 -12.94 13.92
N SER D 329 34.01 -13.67 12.82
CA SER D 329 34.75 -13.11 11.68
C SER D 329 33.81 -12.56 10.62
N PHE D 330 34.36 -11.66 9.81
CA PHE D 330 33.65 -11.05 8.68
C PHE D 330 34.39 -11.46 7.41
N GLY D 331 33.72 -12.21 6.53
CA GLY D 331 34.37 -12.66 5.32
C GLY D 331 34.27 -11.70 4.15
N VAL D 332 35.32 -10.93 3.87
CA VAL D 332 35.26 -9.96 2.79
C VAL D 332 35.31 -10.68 1.45
N ASN D 333 34.38 -10.30 0.57
CA ASN D 333 34.28 -10.75 -0.82
C ASN D 333 33.70 -9.54 -1.56
N MET D 334 34.52 -8.73 -2.23
CA MET D 334 34.04 -7.43 -2.72
C MET D 334 33.63 -7.51 -4.19
N ILE D 335 32.43 -8.02 -4.46
CA ILE D 335 31.91 -8.11 -5.81
C ILE D 335 30.82 -7.06 -6.00
N ALA D 336 30.91 -6.29 -7.10
CA ALA D 336 29.98 -5.22 -7.40
C ALA D 336 29.79 -5.14 -8.93
N LEU D 337 28.74 -4.43 -9.36
CA LEU D 337 28.52 -4.29 -10.80
C LEU D 337 29.42 -3.18 -11.33
N VAL D 338 30.30 -3.54 -12.24
CA VAL D 338 31.22 -2.60 -12.86
C VAL D 338 30.91 -2.62 -14.35
N ASN D 339 30.40 -1.51 -14.86
CA ASN D 339 29.90 -1.41 -16.21
C ASN D 339 28.83 -2.48 -16.48
N GLY D 340 27.91 -2.61 -15.51
CA GLY D 340 26.76 -3.48 -15.62
C GLY D 340 27.01 -4.96 -15.45
N ARG D 341 28.24 -5.38 -15.15
CA ARG D 341 28.49 -6.80 -14.94
C ARG D 341 29.32 -7.04 -13.68
N PRO D 342 29.14 -8.22 -13.06
CA PRO D 342 29.73 -8.47 -11.75
C PRO D 342 31.25 -8.55 -11.84
N LYS D 343 31.93 -7.99 -10.83
CA LYS D 343 33.38 -8.02 -10.83
C LYS D 343 33.94 -8.01 -9.40
N LEU D 344 34.91 -8.88 -9.13
CA LEU D 344 35.66 -8.83 -7.88
C LEU D 344 36.64 -7.66 -7.94
N ILE D 345 36.57 -6.72 -6.98
CA ILE D 345 37.37 -5.50 -7.05
C ILE D 345 38.11 -5.28 -5.73
N ASN D 346 39.35 -4.77 -5.83
CA ASN D 346 40.09 -4.42 -4.64
C ASN D 346 39.78 -2.99 -4.24
N LEU D 347 40.43 -2.51 -3.17
CA LEU D 347 40.10 -1.20 -2.63
C LEU D 347 40.36 -0.08 -3.63
N LYS D 348 41.23 -0.31 -4.58
CA LYS D 348 41.57 0.78 -5.47
C LYS D 348 40.59 0.88 -6.62
N GLU D 349 40.15 -0.26 -7.13
CA GLU D 349 39.17 -0.23 -8.19
C GLU D 349 37.86 0.37 -7.70
N ALA D 350 37.48 0.04 -6.47
CA ALA D 350 36.33 0.65 -5.83
C ALA D 350 36.43 2.17 -5.87
N LEU D 351 37.57 2.70 -5.47
CA LEU D 351 37.73 4.16 -5.39
C LEU D 351 37.94 4.78 -6.76
N VAL D 352 38.67 4.09 -7.63
CA VAL D 352 38.85 4.57 -8.99
C VAL D 352 37.49 4.74 -9.65
N HIS D 353 36.67 3.69 -9.57
CA HIS D 353 35.39 3.68 -10.29
C HIS D 353 34.43 4.68 -9.71
N TYR D 354 34.52 4.93 -8.41
CA TYR D 354 33.78 6.01 -7.79
C TYR D 354 34.27 7.37 -8.28
N LEU D 355 35.57 7.61 -8.19
CA LEU D 355 36.07 8.93 -8.53
C LEU D 355 35.78 9.29 -9.99
N GLU D 356 35.80 8.29 -10.88
N GLU D 356 35.79 8.29 -10.87
CA GLU D 356 35.44 8.54 -12.28
CA GLU D 356 35.44 8.53 -12.26
C GLU D 356 33.95 8.86 -12.40
C GLU D 356 33.96 8.85 -12.41
N HIS D 357 33.11 8.20 -11.59
CA HIS D 357 31.69 8.56 -11.52
C HIS D 357 31.50 10.02 -11.09
N GLN D 358 32.27 10.48 -10.12
CA GLN D 358 32.08 11.85 -9.66
C GLN D 358 32.51 12.85 -10.73
N LYS D 359 33.55 12.54 -11.50
CA LYS D 359 33.95 13.44 -12.57
C LYS D 359 32.87 13.56 -13.63
N THR D 360 32.28 12.42 -14.04
CA THR D 360 31.15 12.42 -14.96
C THR D 360 29.98 13.23 -14.41
N VAL D 361 29.60 12.99 -13.15
CA VAL D 361 28.43 13.68 -12.58
C VAL D 361 28.62 15.19 -12.64
N VAL D 362 29.82 15.64 -12.28
CA VAL D 362 30.05 17.07 -12.13
C VAL D 362 30.17 17.74 -13.49
N ARG D 363 30.83 17.08 -14.44
CA ARG D 363 30.90 17.61 -15.79
C ARG D 363 29.52 17.73 -16.40
N ARG D 364 28.75 16.64 -16.34
CA ARG D 364 27.43 16.62 -16.96
C ARG D 364 26.52 17.67 -16.36
N ARG D 365 26.76 18.03 -15.12
CA ARG D 365 25.91 19.00 -14.45
C ARG D 365 26.28 20.40 -14.89
N THR D 366 27.58 20.66 -14.99
CA THR D 366 28.03 21.96 -15.47
C THR D 366 27.53 22.19 -16.88
N GLN D 367 27.67 21.18 -17.74
CA GLN D 367 27.18 21.30 -19.11
C GLN D 367 25.70 21.63 -19.15
N TYR D 368 24.92 21.05 -18.25
CA TYR D 368 23.48 21.29 -18.25
C TYR D 368 23.15 22.64 -17.66
N ASN D 369 23.95 23.07 -16.69
CA ASN D 369 23.82 24.44 -16.22
C ASN D 369 24.09 25.41 -17.35
N LEU D 370 25.14 25.15 -18.13
CA LEU D 370 25.45 25.97 -19.29
C LEU D 370 24.25 26.05 -20.22
N ARG D 371 23.79 24.89 -20.69
CA ARG D 371 22.78 24.85 -21.74
C ARG D 371 21.53 25.62 -21.37
N LYS D 372 21.08 25.48 -20.13
CA LYS D 372 19.87 26.19 -19.72
C LYS D 372 20.15 27.64 -19.35
N ALA D 373 21.42 27.97 -19.11
CA ALA D 373 21.79 29.37 -18.94
C ALA D 373 21.77 30.07 -20.28
N LYS D 374 22.60 29.58 -21.20
CA LYS D 374 22.63 30.06 -22.57
C LYS D 374 21.23 30.18 -23.16
N ASP D 375 20.43 29.12 -23.01
CA ASP D 375 19.02 29.19 -23.37
C ASP D 375 18.34 30.41 -22.79
N ARG D 376 18.51 30.64 -21.50
CA ARG D 376 17.82 31.75 -20.86
C ARG D 376 18.42 33.11 -21.20
N ALA D 377 19.74 33.17 -21.36
CA ALA D 377 20.36 34.38 -21.90
C ALA D 377 19.69 34.77 -23.20
N HIS D 378 19.49 33.80 -24.09
CA HIS D 378 18.83 34.04 -25.37
C HIS D 378 17.46 34.67 -25.17
N ILE D 379 16.66 34.13 -24.25
CA ILE D 379 15.32 34.67 -24.03
C ILE D 379 15.39 36.09 -23.46
N LEU D 380 16.35 36.34 -22.56
CA LEU D 380 16.47 37.68 -21.99
C LEU D 380 16.97 38.69 -23.02
N GLU D 381 17.80 38.25 -23.96
CA GLU D 381 18.18 39.14 -25.06
C GLU D 381 16.95 39.58 -25.86
N GLY D 382 16.03 38.67 -26.12
CA GLY D 382 14.79 39.05 -26.78
C GLY D 382 14.01 40.08 -25.99
N LEU D 383 13.81 39.81 -24.70
CA LEU D 383 13.00 40.73 -23.87
C LEU D 383 13.64 42.10 -23.76
N ARG D 384 14.98 42.15 -23.74
CA ARG D 384 15.68 43.42 -23.74
C ARG D 384 15.51 44.18 -25.05
N ILE D 385 15.56 43.49 -26.18
CA ILE D 385 15.24 44.15 -27.46
C ILE D 385 13.83 44.72 -27.40
N ALA D 386 12.88 43.89 -26.96
CA ALA D 386 11.50 44.39 -26.84
C ALA D 386 11.44 45.63 -25.95
N LEU D 387 12.07 45.57 -24.78
CA LEU D 387 11.97 46.68 -23.83
C LEU D 387 12.65 47.95 -24.37
N ASP D 388 13.72 47.79 -25.13
CA ASP D 388 14.43 48.90 -25.75
C ASP D 388 13.59 49.61 -26.80
N HIS D 389 12.66 48.91 -27.45
CA HIS D 389 11.83 49.48 -28.50
C HIS D 389 10.37 49.10 -28.30
N ILE D 390 9.86 49.33 -27.10
CA ILE D 390 8.57 48.74 -26.72
C ILE D 390 7.45 49.31 -27.56
N ASP D 391 7.54 50.58 -27.97
CA ASP D 391 6.40 51.17 -28.68
C ASP D 391 6.19 50.53 -30.05
N GLU D 392 7.27 50.27 -30.77
CA GLU D 392 7.19 49.58 -32.06
C GLU D 392 6.70 48.15 -31.91
N ILE D 393 7.18 47.46 -30.86
CA ILE D 393 6.79 46.08 -30.61
C ILE D 393 5.29 46.00 -30.44
N ILE D 394 4.73 46.90 -29.61
CA ILE D 394 3.27 46.90 -29.39
C ILE D 394 2.55 47.13 -30.70
N SER D 395 3.01 48.11 -31.49
CA SER D 395 2.38 48.42 -32.77
C SER D 395 2.39 47.22 -33.70
N THR D 396 3.55 46.57 -33.81
CA THR D 396 3.66 45.37 -34.63
C THR D 396 2.64 44.31 -34.22
N ILE D 397 2.45 44.11 -32.93
CA ILE D 397 1.48 43.12 -32.44
C ILE D 397 0.06 43.56 -32.76
N ARG D 398 -0.28 44.82 -32.47
CA ARG D 398 -1.66 45.26 -32.67
C ARG D 398 -2.07 45.26 -34.13
N GLU D 399 -1.10 45.42 -35.05
N GLU D 399 -1.11 45.39 -35.03
CA GLU D 399 -1.40 45.44 -36.48
CA GLU D 399 -1.37 45.43 -36.47
C GLU D 399 -1.68 44.05 -37.02
C GLU D 399 -1.28 44.06 -37.11
N SER D 400 -1.27 43.00 -36.32
CA SER D 400 -1.41 41.63 -36.79
C SER D 400 -2.76 41.07 -36.36
N ASP D 401 -3.37 40.30 -37.26
CA ASP D 401 -4.69 39.75 -36.97
C ASP D 401 -4.62 38.43 -36.22
N THR D 402 -3.51 37.71 -36.29
CA THR D 402 -3.38 36.44 -35.59
C THR D 402 -2.00 36.32 -34.96
N ASP D 403 -1.93 35.56 -33.87
CA ASP D 403 -0.67 35.31 -33.19
C ASP D 403 0.43 34.84 -34.13
N LYS D 404 0.10 33.98 -35.10
CA LYS D 404 1.11 33.50 -36.05
C LYS D 404 1.68 34.66 -36.86
N VAL D 405 0.82 35.56 -37.34
CA VAL D 405 1.29 36.73 -38.06
C VAL D 405 2.16 37.60 -37.16
N ALA D 406 1.71 37.84 -35.93
CA ALA D 406 2.47 38.67 -35.00
C ALA D 406 3.86 38.09 -34.73
N MET D 407 3.91 36.77 -34.58
N MET D 407 3.93 36.77 -34.62
CA MET D 407 5.18 36.04 -34.45
CA MET D 407 5.20 36.08 -34.43
C MET D 407 6.10 36.34 -35.63
C MET D 407 6.13 36.30 -35.63
N GLU D 408 5.58 36.14 -36.84
CA GLU D 408 6.40 36.28 -38.03
C GLU D 408 6.81 37.74 -38.24
N SER D 409 5.92 38.69 -37.90
CA SER D 409 6.28 40.10 -38.01
C SER D 409 7.38 40.48 -37.02
N LEU D 410 7.24 40.03 -35.78
CA LEU D 410 8.24 40.31 -34.75
C LEU D 410 9.61 39.78 -35.16
N GLN D 411 9.64 38.55 -35.69
CA GLN D 411 10.90 37.95 -36.10
C GLN D 411 11.53 38.73 -37.24
N GLN D 412 10.69 39.17 -38.16
CA GLN D 412 11.13 39.87 -39.36
C GLN D 412 11.65 41.26 -39.02
N ARG D 413 10.83 42.05 -38.34
CA ARG D 413 11.17 43.45 -38.11
C ARG D 413 12.38 43.58 -37.19
N PHE D 414 12.49 42.76 -36.15
CA PHE D 414 13.55 42.98 -35.16
C PHE D 414 14.59 41.86 -35.09
N LYS D 415 14.60 40.95 -36.05
CA LYS D 415 15.62 39.91 -36.12
C LYS D 415 15.59 39.00 -34.90
N LEU D 416 14.39 38.66 -34.43
CA LEU D 416 14.25 37.78 -33.28
C LEU D 416 14.10 36.34 -33.76
N SER D 417 14.63 35.41 -32.96
CA SER D 417 14.38 33.99 -33.16
C SER D 417 12.94 33.67 -32.83
N GLU D 418 12.50 32.48 -33.25
CA GLU D 418 11.13 32.09 -32.95
C GLU D 418 10.89 32.06 -31.45
N LYS D 419 11.83 31.47 -30.71
CA LYS D 419 11.78 31.45 -29.25
C LYS D 419 11.65 32.86 -28.65
N GLN D 420 12.48 33.79 -29.11
CA GLN D 420 12.42 35.16 -28.59
C GLN D 420 11.06 35.80 -28.88
N ALA D 421 10.54 35.62 -30.09
CA ALA D 421 9.25 36.23 -30.42
C ALA D 421 8.13 35.64 -29.56
N GLN D 422 8.12 34.31 -29.40
CA GLN D 422 7.14 33.64 -28.55
C GLN D 422 7.22 34.17 -27.12
N ALA D 423 8.43 34.33 -26.60
CA ALA D 423 8.62 34.87 -25.25
C ALA D 423 8.02 36.26 -25.13
N ILE D 424 8.24 37.09 -26.15
CA ILE D 424 7.75 38.45 -26.10
C ILE D 424 6.23 38.46 -26.11
N LEU D 425 5.61 37.67 -26.99
CA LEU D 425 4.15 37.61 -27.01
C LEU D 425 3.57 37.10 -25.71
N ASP D 426 4.32 36.30 -24.94
CA ASP D 426 3.85 35.76 -23.67
C ASP D 426 4.07 36.70 -22.51
N MET D 427 4.92 37.70 -22.70
CA MET D 427 5.23 38.65 -21.64
C MET D 427 3.99 39.38 -21.18
N ARG D 428 3.80 39.46 -19.87
CA ARG D 428 2.66 40.15 -19.31
C ARG D 428 2.85 41.65 -19.35
N LEU D 429 1.74 42.37 -19.21
CA LEU D 429 1.79 43.83 -19.20
C LEU D 429 2.49 44.38 -17.97
N ARG D 430 2.52 43.64 -16.87
CA ARG D 430 3.13 44.18 -15.65
C ARG D 430 4.65 44.22 -15.73
N ARG D 431 5.27 43.53 -16.68
CA ARG D 431 6.72 43.52 -16.77
C ARG D 431 7.28 44.79 -17.37
N LEU D 432 6.42 45.74 -17.71
CA LEU D 432 6.86 47.01 -18.29
C LEU D 432 7.16 48.05 -17.24
N THR D 433 6.75 47.81 -16.00
CA THR D 433 7.01 48.70 -14.87
C THR D 433 8.50 48.77 -14.57
N GLY D 434 8.92 49.90 -14.00
CA GLY D 434 10.32 50.15 -13.75
C GLY D 434 11.04 49.01 -13.05
N LEU D 435 10.47 48.53 -11.93
CA LEU D 435 11.16 47.47 -11.19
C LEU D 435 11.24 46.19 -12.02
N GLU D 436 10.18 45.87 -12.75
CA GLU D 436 10.16 44.63 -13.53
C GLU D 436 11.10 44.70 -14.71
N ARG D 437 11.27 45.89 -15.27
CA ARG D 437 12.26 46.11 -16.32
C ARG D 437 13.66 45.92 -15.80
N ASP D 438 13.93 46.47 -14.61
CA ASP D 438 15.24 46.38 -14.00
C ASP D 438 15.60 44.93 -13.69
N LYS D 439 14.60 44.12 -13.35
CA LYS D 439 14.82 42.69 -13.06
C LYS D 439 15.33 41.94 -14.29
N ILE D 440 14.73 42.19 -15.45
CA ILE D 440 15.18 41.51 -16.67
C ILE D 440 16.64 41.85 -16.95
N GLU D 441 16.99 43.14 -16.84
CA GLU D 441 18.38 43.54 -17.04
C GLU D 441 19.30 42.90 -16.00
N ALA D 442 18.86 42.85 -14.74
CA ALA D 442 19.73 42.34 -13.68
C ALA D 442 19.98 40.85 -13.83
N GLU D 443 18.93 40.07 -14.16
CA GLU D 443 19.10 38.63 -14.38
C GLU D 443 20.12 38.37 -15.48
N TYR D 444 20.10 39.20 -16.52
CA TYR D 444 20.96 39.02 -17.69
C TYR D 444 22.42 39.21 -17.30
N ASN D 445 22.72 40.25 -16.54
CA ASN D 445 24.10 40.53 -16.18
C ASN D 445 24.69 39.46 -15.28
N GLU D 446 23.91 38.98 -14.31
CA GLU D 446 24.36 37.87 -13.47
C GLU D 446 24.58 36.61 -14.29
N LEU D 447 23.67 36.37 -15.24
CA LEU D 447 23.76 35.18 -16.09
C LEU D 447 24.98 35.20 -17.00
N LEU D 448 25.43 36.36 -17.48
CA LEU D 448 26.67 36.37 -18.27
C LEU D 448 27.87 35.97 -17.41
N ASN D 449 27.88 36.37 -16.14
N ASN D 449 27.89 36.39 -16.14
CA ASN D 449 28.98 36.01 -15.28
CA ASN D 449 28.95 36.01 -15.23
C ASN D 449 28.96 34.52 -14.96
C ASN D 449 28.95 34.52 -14.98
N TYR D 450 27.77 33.97 -14.68
CA TYR D 450 27.63 32.54 -14.45
C TYR D 450 28.11 31.75 -15.65
N ILE D 451 27.67 32.15 -16.86
CA ILE D 451 28.08 31.42 -18.06
C ILE D 451 29.59 31.42 -18.18
N SER D 452 30.20 32.56 -17.92
CA SER D 452 31.65 32.68 -17.90
C SER D 452 32.30 31.74 -16.87
N GLU D 453 31.70 31.64 -15.67
CA GLU D 453 32.22 30.76 -14.62
C GLU D 453 32.16 29.29 -15.05
N LEU D 454 31.08 28.91 -15.73
CA LEU D 454 30.91 27.51 -16.15
C LEU D 454 31.88 27.15 -17.26
N GLU D 455 32.17 28.07 -18.17
CA GLU D 455 33.04 27.75 -19.28
C GLU D 455 34.48 27.58 -18.83
N THR D 456 34.87 28.35 -17.81
CA THR D 456 36.14 28.15 -17.15
C THR D 456 36.30 26.71 -16.69
N ILE D 457 35.24 26.15 -16.09
CA ILE D 457 35.34 24.79 -15.58
C ILE D 457 35.50 23.79 -16.71
N LEU D 458 34.73 23.95 -17.79
CA LEU D 458 34.76 22.95 -18.84
C LEU D 458 35.96 23.09 -19.79
N ALA D 459 36.62 24.25 -19.80
CA ALA D 459 37.88 24.39 -20.53
C ALA D 459 39.00 23.74 -19.79
N ASP D 460 38.77 23.38 -18.56
CA ASP D 460 39.96 22.98 -17.89
C ASP D 460 39.67 21.83 -16.98
N GLU D 461 40.13 20.66 -17.40
N GLU D 461 40.13 20.68 -17.44
CA GLU D 461 39.90 19.45 -16.65
CA GLU D 461 40.01 19.42 -16.71
C GLU D 461 40.47 19.53 -15.24
C GLU D 461 40.48 19.54 -15.27
N GLU D 462 41.57 20.26 -15.01
CA GLU D 462 42.09 20.34 -13.63
C GLU D 462 41.19 21.20 -12.75
N VAL D 463 40.65 22.29 -13.29
CA VAL D 463 39.62 23.03 -12.55
C VAL D 463 38.46 22.13 -12.22
N LEU D 464 38.05 21.33 -13.21
CA LEU D 464 36.86 20.52 -13.05
C LEU D 464 37.06 19.51 -11.94
N LEU D 465 38.22 18.89 -11.93
CA LEU D 465 38.61 18.05 -10.83
C LEU D 465 38.56 18.88 -9.57
N GLN D 466 39.43 19.88 -9.43
CA GLN D 466 39.55 20.60 -8.17
C GLN D 466 38.17 20.85 -7.58
N LEU D 467 37.17 21.08 -8.44
CA LEU D 467 35.80 21.28 -7.98
C LEU D 467 35.24 20.01 -7.34
N VAL D 468 35.53 18.84 -7.92
CA VAL D 468 35.17 17.57 -7.28
C VAL D 468 35.81 17.47 -5.90
N ARG D 469 37.10 17.79 -5.80
CA ARG D 469 37.80 17.71 -4.52
C ARG D 469 37.14 18.61 -3.47
N ASP D 470 36.90 19.87 -3.85
CA ASP D 470 36.28 20.84 -2.94
C ASP D 470 34.92 20.36 -2.45
N GLU D 471 34.06 19.92 -3.38
CA GLU D 471 32.73 19.48 -3.00
C GLU D 471 32.79 18.24 -2.12
N LEU D 472 33.70 17.32 -2.41
CA LEU D 472 33.88 16.16 -1.54
C LEU D 472 34.33 16.57 -0.15
N THR D 473 35.27 17.51 -0.08
CA THR D 473 35.78 17.97 1.21
C THR D 473 34.67 18.64 2.00
N GLU D 474 33.83 19.42 1.34
CA GLU D 474 32.73 20.05 2.04
C GLU D 474 31.82 18.99 2.66
N ILE D 475 31.52 17.94 1.89
CA ILE D 475 30.70 16.84 2.38
C ILE D 475 31.38 16.17 3.55
N ARG D 476 32.69 15.95 3.42
CA ARG D 476 33.44 15.27 4.47
C ARG D 476 33.41 16.04 5.76
N ASP D 477 33.59 17.37 5.69
CA ASP D 477 33.58 18.18 6.90
C ASP D 477 32.23 18.13 7.58
N ARG D 478 31.16 18.20 6.80
CA ARG D 478 29.81 18.23 7.37
C ARG D 478 29.37 16.87 7.90
N PHE D 479 29.70 15.78 7.21
CA PHE D 479 29.19 14.46 7.61
C PHE D 479 30.24 13.50 8.17
N GLY D 480 31.53 13.69 7.89
CA GLY D 480 32.53 12.76 8.40
C GLY D 480 32.55 12.74 9.91
N ASP D 481 32.81 11.57 10.50
CA ASP D 481 32.71 11.41 11.94
C ASP D 481 33.87 10.57 12.47
N ASP D 482 33.89 10.39 13.80
CA ASP D 482 34.97 9.64 14.42
C ASP D 482 34.88 8.17 14.08
N ARG D 483 36.06 7.53 14.03
CA ARG D 483 36.10 6.08 13.85
C ARG D 483 35.61 5.39 15.11
N ARG D 484 34.78 4.37 14.94
CA ARG D 484 34.21 3.64 16.07
C ARG D 484 34.97 2.35 16.36
N THR D 485 35.28 1.56 15.36
CA THR D 485 35.94 0.27 15.56
C THR D 485 37.44 0.45 15.80
N GLU D 486 37.96 -0.22 16.83
CA GLU D 486 39.40 -0.18 17.11
C GLU D 486 40.11 -1.32 16.39
N ILE D 487 41.18 -0.98 15.67
CA ILE D 487 42.04 -1.97 15.04
C ILE D 487 43.23 -2.22 15.96
N GLN D 488 43.25 -3.41 16.57
CA GLN D 488 44.31 -3.77 17.51
C GLN D 488 45.43 -4.54 16.83
N LEU D 489 46.61 -4.46 17.44
CA LEU D 489 47.74 -5.24 16.99
C LEU D 489 48.32 -6.06 18.12
MN MN G . -6.80 3.19 16.16
NA NA H . -34.80 -21.90 1.82
C1 GOL I . -20.26 -12.45 -1.72
O1 GOL I . -19.63 -12.30 -0.47
C2 GOL I . -21.20 -13.65 -1.71
O2 GOL I . -22.34 -13.34 -0.93
C3 GOL I . -21.63 -13.99 -3.13
O3 GOL I . -20.55 -14.59 -3.82
C1 GOL J . -17.74 19.57 -12.24
O1 GOL J . -16.86 20.02 -11.23
C2 GOL J . -17.89 18.05 -12.12
O2 GOL J . -16.60 17.47 -11.89
C3 GOL J . -18.49 17.50 -13.42
O3 GOL J . -19.69 18.20 -13.71
C1 GOL K . -40.91 -36.10 -18.86
O1 GOL K . -40.10 -35.10 -19.46
C2 GOL K . -40.36 -37.51 -19.12
O2 GOL K . -39.14 -37.52 -19.86
C3 GOL K . -40.21 -38.28 -17.81
O3 GOL K . -41.48 -38.69 -17.34
C1 GOL L . -33.58 4.69 15.77
O1 GOL L . -33.18 4.63 17.13
C2 GOL L . -34.61 3.61 15.47
O2 GOL L . -35.60 4.09 14.56
C3 GOL L . -33.91 2.41 14.86
O3 GOL L . -34.76 1.28 14.95
MN MN M . 5.78 -12.66 -10.71
S SO4 N . 4.73 34.32 -16.69
O1 SO4 N . 5.76 33.53 -16.04
O2 SO4 N . 4.34 33.68 -17.94
O3 SO4 N . 5.24 35.66 -16.96
O4 SO4 N . 3.56 34.42 -15.81
C1 GOL O . 16.72 -0.75 -11.72
O1 GOL O . 17.34 -1.52 -12.71
C2 GOL O . 17.69 0.33 -11.29
O2 GOL O . 18.88 -0.34 -10.93
C3 GOL O . 17.21 1.03 -10.03
O3 GOL O . 16.74 2.32 -10.37
C1 GOL P . 38.27 -9.31 42.51
O1 GOL P . 39.22 -10.21 43.05
C2 GOL P . 38.65 -7.87 42.80
O2 GOL P . 37.54 -7.17 43.32
C3 GOL P . 39.13 -7.18 41.53
O3 GOL P . 40.52 -7.37 41.37
C1 GOL Q . 29.83 -17.43 44.24
O1 GOL Q . 30.96 -16.79 43.69
C2 GOL Q . 28.57 -17.01 43.47
O2 GOL Q . 27.47 -17.82 43.85
C3 GOL Q . 28.26 -15.52 43.75
O3 GOL Q . 27.10 -15.12 43.05
C1 GOL R . -17.93 -13.22 7.43
O1 GOL R . -17.12 -12.55 6.47
C2 GOL R . -19.19 -12.40 7.66
O2 GOL R . -18.85 -11.03 7.65
C3 GOL R . -19.77 -12.79 9.02
O3 GOL R . -20.71 -11.82 9.43
O E3E S . -5.81 -5.77 10.66
C14 E3E S . -6.14 -6.96 10.64
C15 E3E S . -6.59 -7.63 9.43
N3 E3E S . -6.95 -8.95 9.48
C17 E3E S . -7.33 -9.34 8.21
C16 E3E S . -7.19 -8.22 7.46
N2 E3E S . -6.74 -7.17 8.20
C2 E3E S . -6.88 -9.68 10.70
C1 E3E S . -7.22 -11.02 10.75
N1 E3E S . -6.07 -7.67 11.84
C11 E3E S . -5.64 -6.98 13.06
C13 E3E S . -6.33 -5.72 13.43
C12 E3E S . -6.56 -6.95 14.23
C3 E3E S . -6.43 -9.03 11.87
C4 E3E S . -6.36 -9.76 13.06
C5 E3E S . -6.68 -11.09 13.09
C E3E S . -7.10 -11.72 11.92
F E3E S . -7.45 -13.01 11.95
C6 E3E S . -6.55 -11.85 14.37
C10 E3E S . -5.97 -13.12 14.40
C9 E3E S . -5.83 -13.77 15.60
N E3E S . -6.26 -13.29 16.77
C8 E3E S . -6.81 -12.09 16.74
C7 E3E S . -6.95 -11.34 15.59
O E3E T . 5.72 -13.25 -0.16
O E3E T . 5.68 -13.20 0.37
C14 E3E T . 5.87 -13.95 0.83
C14 E3E T . 5.63 -14.36 0.81
C15 E3E T . 6.35 -13.45 2.10
C15 E3E T . 5.03 -15.45 0.08
N3 E3E T . 6.48 -14.33 3.16
N3 E3E T . 5.02 -16.71 0.64
C17 E3E T . 6.97 -13.59 4.24
C17 E3E T . 4.40 -17.57 -0.25
C16 E3E T . 7.10 -12.33 3.78
C16 E3E T . 4.06 -16.78 -1.30
N2 E3E T . 6.72 -12.23 2.47
N2 E3E T . 4.44 -15.50 -1.10
C2 E3E T . 6.17 -15.67 3.04
C2 E3E T . 5.58 -16.95 1.90
C1 E3E T . 6.32 -16.53 4.13
C1 E3E T . 5.55 -18.22 2.45
N1 E3E T . 5.55 -15.30 0.69
N1 E3E T . 6.19 -14.57 2.05
C11 E3E T . 5.06 -15.75 -0.62
C11 E3E T . 6.79 -13.41 2.75
C13 E3E T . 5.42 -17.08 -1.17
C13 E3E T . 6.67 -13.24 4.23
C12 E3E T . 4.01 -16.80 -0.75
C12 E3E T . 8.00 -13.55 3.60
C3 E3E T . 5.70 -16.17 1.81
C3 E3E T . 6.16 -15.88 2.62
C4 E3E T . 5.39 -17.54 1.71
C4 E3E T . 6.71 -16.15 3.88
C5 E3E T . 5.52 -18.37 2.79
C5 E3E T . 6.67 -17.41 4.42
C E3E T . 5.98 -17.85 4.00
C E3E T . 6.10 -18.45 3.67
F E3E T . 6.14 -18.66 5.05
F E3E T . 6.06 -19.68 4.19
C6 E3E T . 5.18 -19.81 2.63
C6 E3E T . 7.30 -17.62 5.75
C10 E3E T . 4.81 -20.59 3.72
C10 E3E T . 7.55 -18.87 6.25
C9 E3E T . 4.50 -21.92 3.53
C9 E3E T . 8.25 -19.02 7.42
N E3E T . 4.54 -22.53 2.36
N E3E T . 8.56 -18.04 8.23
C8 E3E T . 4.89 -21.78 1.30
C8 E3E T . 8.33 -16.82 7.76
C7 E3E T . 5.21 -20.44 1.40
C7 E3E T . 7.73 -16.56 6.55
#